data_3I2U
# 
_entry.id   3I2U 
# 
_audit_conform.dict_name       mmcif_pdbx.dic 
_audit_conform.dict_version    5.378 
_audit_conform.dict_location   http://mmcif.pdb.org/dictionaries/ascii/mmcif_pdbx.dic 
# 
loop_
_database_2.database_id 
_database_2.database_code 
_database_2.pdbx_database_accession 
_database_2.pdbx_DOI 
PDB   3I2U         pdb_00003i2u 10.2210/pdb3i2u/pdb 
NDB   NA0054       ?            ?                   
RCSB  RCSB053893   ?            ?                   
WWPDB D_1000053893 ?            ?                   
# 
loop_
_pdbx_database_related.db_name 
_pdbx_database_related.db_id 
_pdbx_database_related.details 
_pdbx_database_related.content_type 
PDB 3I2P 
;Crystal structure of the hairpin ribozyme product-mimic with 5'-deoxy-5'-fluoroguanosine
;
unspecified 
PDB 3I2Q 
;Crystal structure of the hairpin ribozyme with 2'OMe substrate strand and N1-deazaadenosine at position A9
;
unspecified 
PDB 3I2R 
;Crystal structure of the hairpin ribozyme with a 2',5'-linked substrate with N1-deazaadenosine at position A9
;
unspecified 
PDB 3I2S 
;Crystal structure of the hairpin ribozyme with a 2'OMe substrate and N1-deazaadenosine at position A10
;
unspecified 
# 
_pdbx_database_status.status_code                     REL 
_pdbx_database_status.entry_id                        3I2U 
_pdbx_database_status.recvd_initial_deposition_date   2009-06-29 
_pdbx_database_status.deposit_site                    RCSB 
_pdbx_database_status.process_site                    RCSB 
_pdbx_database_status.status_code_sf                  REL 
_pdbx_database_status.status_code_mr                  ? 
_pdbx_database_status.SG_entry                        ? 
_pdbx_database_status.pdb_format_compatible           Y 
_pdbx_database_status.status_code_cs                  ? 
_pdbx_database_status.status_code_nmr_data            ? 
_pdbx_database_status.methods_development_category    ? 
# 
loop_
_audit_author.name 
_audit_author.pdbx_ordinal 
'Wedekind, J.E.' 1 
'Spitale, R.C.'  2 
'Krucinska, J.'  3 
# 
_citation.id                        primary 
_citation.title                     
;Single-atom imino substitutions at A9 and A10 reveal distinct effects on the fold and function of the hairpin ribozyme catalytic core.
;
_citation.journal_abbrev            Biochemistry 
_citation.journal_volume            48 
_citation.page_first                7777 
_citation.page_last                 7779 
_citation.year                      2009 
_citation.journal_id_ASTM           BICHAW 
_citation.country                   US 
_citation.journal_id_ISSN           0006-2960 
_citation.journal_id_CSD            0033 
_citation.book_publisher            ? 
_citation.pdbx_database_id_PubMed   19634899 
_citation.pdbx_database_id_DOI      10.1021/bi9011622 
# 
loop_
_citation_author.citation_id 
_citation_author.name 
_citation_author.ordinal 
_citation_author.identifier_ORCID 
primary 'Spitale, R.C.'  1 ? 
primary 'Volpini, R.'    2 ? 
primary 'Mungillo, M.V.' 3 ? 
primary 'Krucinska, J.'  4 ? 
primary 'Cristalli, G.'  5 ? 
primary 'Wedekind, J.E.' 6 ? 
# 
_cell.entry_id           3I2U 
_cell.length_a           94.120 
_cell.length_b           94.120 
_cell.length_c           134.500 
_cell.angle_alpha        90.00 
_cell.angle_beta         90.00 
_cell.angle_gamma        120.00 
_cell.Z_PDB              12 
_cell.pdbx_unique_axis   ? 
_cell.length_a_esd       ? 
_cell.length_b_esd       ? 
_cell.length_c_esd       ? 
_cell.angle_alpha_esd    ? 
_cell.angle_beta_esd     ? 
_cell.angle_gamma_esd    ? 
# 
_symmetry.entry_id                         3I2U 
_symmetry.space_group_name_H-M             'P 61 2 2' 
_symmetry.pdbx_full_space_group_name_H-M   ? 
_symmetry.cell_setting                     ? 
_symmetry.Int_Tables_number                178 
_symmetry.space_group_name_Hall            ? 
# 
loop_
_entity.id 
_entity.type 
_entity.src_method 
_entity.pdbx_description 
_entity.formula_weight 
_entity.pdbx_number_of_molecules 
_entity.pdbx_ec 
_entity.pdbx_mutation 
_entity.pdbx_fragment 
_entity.details 
1 polymer     syn "5'-R(*UP*CP*CP*CP*AP*GP*UP*CP*CP*AP*CP*CP*GP*U)-3'"                4358.636 1 ? ? ? 'Hairpin ribozyme' 
2 polymer     syn 'DNA/RNA (30-MER)'                                                  9762.001 1 ? ? ? 'Hairpin ribozyme' 
3 polymer     syn "5'-R(*UP*CP*GP*UP*GP*GP*UP*AP*CP*AP*UP*UP*AP*CP*CP*UP*GP*CP*C)-3'" 5991.568 1 ? ? ? 'Hairpin ribozyme' 
4 non-polymer syn 'SULFATE ION'                                                       96.063   1 ? ? ? ?                  
5 non-polymer syn 'COBALT HEXAMMINE(III)'                                             161.116  2 ? ? ? ?                  
# 
loop_
_entity_poly.entity_id 
_entity_poly.type 
_entity_poly.nstd_linkage 
_entity_poly.nstd_monomer 
_entity_poly.pdbx_seq_one_letter_code 
_entity_poly.pdbx_seq_one_letter_code_can 
_entity_poly.pdbx_strand_id 
_entity_poly.pdbx_target_identifier 
1 polyribonucleotide                                  no no  UCCCAGUCCACCGU                           UCCCAGUCCACCGU A ? 
2 'polydeoxyribonucleotide/polyribonucleotide hybrid' no yes 'CGGUGAGA(1DP)GGG(S9L)GGCAGAGAAACACACGA' 
CGGUGAGAXGGGXGGCAGAGAAACACACGA B ? 
3 polyribonucleotide                                  no no  UCGUGGUACAUUACCUGCC                      UCGUGGUACAUUACCUGCC C ? 
# 
loop_
_entity_poly_seq.entity_id 
_entity_poly_seq.num 
_entity_poly_seq.mon_id 
_entity_poly_seq.hetero 
1 1  U   n 
1 2  C   n 
1 3  C   n 
1 4  C   n 
1 5  A   n 
1 6  G   n 
1 7  U   n 
1 8  C   n 
1 9  C   n 
1 10 A   n 
1 11 C   n 
1 12 C   n 
1 13 G   n 
1 14 U   n 
2 1  C   n 
2 2  G   n 
2 3  G   n 
2 4  U   n 
2 5  G   n 
2 6  A   n 
2 7  G   n 
2 8  A   n 
2 9  1DP n 
2 10 G   n 
2 11 G   n 
2 12 G   n 
2 13 S9L n 
2 14 G   n 
2 15 G   n 
2 16 C   n 
2 17 A   n 
2 18 G   n 
2 19 A   n 
2 20 G   n 
2 21 A   n 
2 22 A   n 
2 23 A   n 
2 24 C   n 
2 25 A   n 
2 26 C   n 
2 27 A   n 
2 28 C   n 
2 29 G   n 
2 30 A   n 
3 1  U   n 
3 2  C   n 
3 3  G   n 
3 4  U   n 
3 5  G   n 
3 6  G   n 
3 7  U   n 
3 8  A   n 
3 9  C   n 
3 10 A   n 
3 11 U   n 
3 12 U   n 
3 13 A   n 
3 14 C   n 
3 15 C   n 
3 16 U   n 
3 17 G   n 
3 18 C   n 
3 19 C   n 
# 
loop_
_pdbx_entity_src_syn.entity_id 
_pdbx_entity_src_syn.pdbx_src_id 
_pdbx_entity_src_syn.pdbx_alt_source_flag 
_pdbx_entity_src_syn.pdbx_beg_seq_num 
_pdbx_entity_src_syn.pdbx_end_seq_num 
_pdbx_entity_src_syn.organism_scientific 
_pdbx_entity_src_syn.organism_common_name 
_pdbx_entity_src_syn.ncbi_taxonomy_id 
_pdbx_entity_src_syn.details 
1 1 sample ? ? ? ? ? 'The RNA was synthesized by Dharmacon Inc., following the tobacco ringspot virus sequence' 
2 1 sample ? ? ? ? ? 'The RNA was synthesized by Dharmacon Inc., following the tobacco ringspot virus sequence' 
3 1 sample ? ? ? ? ? 'The RNA was synthesized by Dharmacon Inc., following the tobacco ringspot virus sequence' 
# 
loop_
_struct_ref.id 
_struct_ref.db_name 
_struct_ref.db_code 
_struct_ref.pdbx_db_accession 
_struct_ref.entity_id 
_struct_ref.pdbx_align_begin 
_struct_ref.pdbx_seq_one_letter_code 
_struct_ref.pdbx_db_isoform 
1 PDB 3I2Q 3I2Q 1 1  UCCCAGUCCACCGU                 ? 
2 PDB 3I2Q 3I2Q 2 2  CGGUGAGAAGGGXGGCAGAGAAACACACGA ? 
3 PDB 3I2Q 3I2Q 3 31 UCGUGGUACAUUACCUGCC            ? 
# 
loop_
_struct_ref_seq.align_id 
_struct_ref_seq.ref_id 
_struct_ref_seq.pdbx_PDB_id_code 
_struct_ref_seq.pdbx_strand_id 
_struct_ref_seq.seq_align_beg 
_struct_ref_seq.pdbx_seq_align_beg_ins_code 
_struct_ref_seq.seq_align_end 
_struct_ref_seq.pdbx_seq_align_end_ins_code 
_struct_ref_seq.pdbx_db_accession 
_struct_ref_seq.db_align_beg 
_struct_ref_seq.pdbx_db_align_beg_ins_code 
_struct_ref_seq.db_align_end 
_struct_ref_seq.pdbx_db_align_end_ins_code 
_struct_ref_seq.pdbx_auth_seq_align_beg 
_struct_ref_seq.pdbx_auth_seq_align_end 
1 1 3I2U A 1 ? 14 ? 3I2Q 1  ? 14 ? 1  14 
2 2 3I2U B 1 ? 30 ? 3I2Q 2  ? 31 ? 2  31 
3 3 3I2U C 1 ? 19 ? 3I2Q 31 ? 49 ? 31 49 
# 
loop_
_chem_comp.id 
_chem_comp.type 
_chem_comp.mon_nstd_flag 
_chem_comp.name 
_chem_comp.pdbx_synonyms 
_chem_comp.formula 
_chem_comp.formula_weight 
1DP 'RNA linking' . "N1-deaza-adenosine-5'-monophosphate"                     
'3-(5-O-phosphono-beta-D-ribofuranosyl)-3H-imidazo[4,5-b]pyridin-7-amine' 'C11 H15 N4 O7 P' 346.233 
A   'RNA linking' y "ADENOSINE-5'-MONOPHOSPHATE"                              ? 'C10 H14 N5 O7 P' 347.221 
C   'RNA linking' y "CYTIDINE-5'-MONOPHOSPHATE"                               ? 'C9 H14 N3 O8 P'  323.197 
G   'RNA linking' y "GUANOSINE-5'-MONOPHOSPHATE"                              ? 'C10 H14 N5 O8 P' 363.221 
NCO non-polymer   . 'COBALT HEXAMMINE(III)'                                   ? 'Co H18 N6 3'     161.116 
S9L non-polymer   . '2-[2-(2-HYDROXYETHOXY)ETHOXY]ETHYL DIHYDROGEN PHOSPHATE' ? 'C6 H15 O7 P'     230.153 
SO4 non-polymer   . 'SULFATE ION'                                             ? 'O4 S -2'         96.063  
U   'RNA linking' y "URIDINE-5'-MONOPHOSPHATE"                                ? 'C9 H13 N2 O9 P'  324.181 
# 
_exptl.entry_id          3I2U 
_exptl.method            'X-RAY DIFFRACTION' 
_exptl.crystals_number   1 
# 
_exptl_crystal.id                    1 
_exptl_crystal.density_meas          ? 
_exptl_crystal.density_Matthews      4.28 
_exptl_crystal.density_percent_sol   71.23 
_exptl_crystal.description           ? 
_exptl_crystal.F_000                 ? 
_exptl_crystal.preparation           ? 
# 
_exptl_crystal_grow.crystal_id      1 
_exptl_crystal_grow.method          'VAPOR DIFFUSION, HANGING DROP' 
_exptl_crystal_grow.temp            293.15 
_exptl_crystal_grow.temp_details    ? 
_exptl_crystal_grow.pH              7.0 
_exptl_crystal_grow.pdbx_details    
;Well solutions contained 20.5% w/v PEG 2000 MME, 0.10 M Na cacodylate pH 6.5 or 7.0, 0.25 M Li2SO4, 2.5 mM Co(NH3)6Cl3 and 2 mM Spermidine-HCl. Crystals grew as hexagonal rods or plates and reached a size of 0.3 mm x 0.2 mm x 0.2 mm in approximately 3 weeks, VAPOR DIFFUSION, HANGING DROP, temperature 293.15K
;
_exptl_crystal_grow.pdbx_pH_range   ? 
# 
loop_
_exptl_crystal_grow_comp.crystal_id 
_exptl_crystal_grow_comp.id 
_exptl_crystal_grow_comp.sol_id 
_exptl_crystal_grow_comp.name 
_exptl_crystal_grow_comp.volume 
_exptl_crystal_grow_comp.conc 
_exptl_crystal_grow_comp.details 
1 1  1 'PEG 2000 MME'  ? ? ? 
1 2  1 'Na cacodylate' ? ? ? 
1 3  1 Li2SO4          ? ? ? 
1 4  1 'Co(NH3)6Cl3'   ? ? ? 
1 5  1 Spermidine-HCl  ? ? ? 
1 6  2 'PEG 2000 MME'  ? ? ? 
1 7  2 'Na cacodylate' ? ? ? 
1 8  2 Li2SO4          ? ? ? 
1 9  2 'Co(NH3)6Cl3'   ? ? ? 
1 10 2 Spermidine-HCl  ? ? ? 
# 
_diffrn.id                     1 
_diffrn.ambient_temp           100 
_diffrn.ambient_temp_details   ? 
_diffrn.crystal_id             1 
# 
_diffrn_detector.diffrn_id              1 
_diffrn_detector.detector               CCD 
_diffrn_detector.type                   'ADSC QUANTUM 315r' 
_diffrn_detector.pdbx_collection_date   2009-01-29 
_diffrn_detector.details                'Vertical focusing mirror, single crystal Si(111) bent monochromator (horizontal focusing)' 
# 
_diffrn_radiation.diffrn_id                        1 
_diffrn_radiation.wavelength_id                    1 
_diffrn_radiation.pdbx_monochromatic_or_laue_m_l   M 
_diffrn_radiation.monochromator                    'Si(111) single crystal' 
_diffrn_radiation.pdbx_diffrn_protocol             'SINGLE WAVELENGTH' 
_diffrn_radiation.pdbx_scattering_type             x-ray 
# 
_diffrn_radiation_wavelength.id           1 
_diffrn_radiation_wavelength.wavelength   0.9700 
_diffrn_radiation_wavelength.wt           1.0 
# 
_diffrn_source.diffrn_id                   1 
_diffrn_source.source                      SYNCHROTRON 
_diffrn_source.type                        'SSRL BEAMLINE BL7-1' 
_diffrn_source.pdbx_synchrotron_site       SSRL 
_diffrn_source.pdbx_synchrotron_beamline   BL7-1 
_diffrn_source.pdbx_wavelength             ? 
_diffrn_source.pdbx_wavelength_list        0.9700 
# 
_reflns.entry_id                     3I2U 
_reflns.observed_criterion_sigma_I   ? 
_reflns.observed_criterion_sigma_F   ? 
_reflns.d_resolution_low             50.00 
_reflns.d_resolution_high            2.80 
_reflns.number_obs                   11339 
_reflns.number_all                   ? 
_reflns.percent_possible_obs         99.6 
_reflns.pdbx_Rmerge_I_obs            0.068 
_reflns.pdbx_Rsym_value              ? 
_reflns.pdbx_netI_over_sigmaI        16.9 
_reflns.B_iso_Wilson_estimate        62.7 
_reflns.pdbx_redundancy              13.01 
_reflns.R_free_details               ? 
_reflns.limit_h_max                  ? 
_reflns.limit_h_min                  ? 
_reflns.limit_k_max                  ? 
_reflns.limit_k_min                  ? 
_reflns.limit_l_max                  ? 
_reflns.limit_l_min                  ? 
_reflns.observed_criterion_F_max     ? 
_reflns.observed_criterion_F_min     ? 
_reflns.pdbx_chi_squared             ? 
_reflns.pdbx_scaling_rejects         ? 
_reflns.pdbx_diffrn_id               1 
_reflns.pdbx_ordinal                 1 
# 
_reflns_shell.d_res_high             2.80 
_reflns_shell.d_res_low              2.90 
_reflns_shell.percent_possible_all   100.00 
_reflns_shell.Rmerge_I_obs           0.427 
_reflns_shell.pdbx_Rsym_value        ? 
_reflns_shell.meanI_over_sigI_obs    3.1 
_reflns_shell.pdbx_redundancy        13.49 
_reflns_shell.percent_possible_obs   ? 
_reflns_shell.number_unique_all      1119 
_reflns_shell.number_measured_all    ? 
_reflns_shell.number_measured_obs    ? 
_reflns_shell.number_unique_obs      ? 
_reflns_shell.pdbx_chi_squared       ? 
_reflns_shell.pdbx_diffrn_id         ? 
_reflns_shell.pdbx_ordinal           1 
# 
_refine.entry_id                                 3I2U 
_refine.ls_number_reflns_obs                     9114 
_refine.ls_number_reflns_all                     ? 
_refine.pdbx_ls_sigma_I                          ? 
_refine.pdbx_ls_sigma_F                          ? 
_refine.pdbx_data_cutoff_high_absF               50352.34 
_refine.pdbx_data_cutoff_low_absF                0.000000 
_refine.pdbx_data_cutoff_high_rms_absF           ? 
_refine.ls_d_res_low                             39.00 
_refine.ls_d_res_high                            2.80 
_refine.ls_percent_reflns_obs                    99.2 
_refine.ls_R_factor_obs                          0.244 
_refine.ls_R_factor_all                          ? 
_refine.ls_R_factor_R_work                       0.244 
_refine.ls_R_factor_R_free                       0.266 
_refine.ls_R_factor_R_free_error                 0.010 
_refine.ls_R_factor_R_free_error_details         ? 
_refine.ls_percent_reflns_R_free                 7.4 
_refine.ls_number_reflns_R_free                  674 
_refine.ls_number_parameters                     ? 
_refine.ls_number_restraints                     ? 
_refine.occupancy_min                            ? 
_refine.occupancy_max                            ? 
_refine.correlation_coeff_Fo_to_Fc               ? 
_refine.correlation_coeff_Fo_to_Fc_free          ? 
_refine.B_iso_mean                               70.8 
_refine.aniso_B[1][1]                            -10.11 
_refine.aniso_B[2][2]                            -10.11 
_refine.aniso_B[3][3]                            20.21 
_refine.aniso_B[1][2]                            0.00 
_refine.aniso_B[1][3]                            0.00 
_refine.aniso_B[2][3]                            0.00 
_refine.solvent_model_details                    'FLAT MODEL' 
_refine.solvent_model_param_ksol                 0.35 
_refine.solvent_model_param_bsol                 58.0957 
_refine.pdbx_solvent_vdw_probe_radii             ? 
_refine.pdbx_solvent_ion_probe_radii             ? 
_refine.pdbx_solvent_shrinkage_radii             ? 
_refine.pdbx_ls_cross_valid_method               THROUGHOUT 
_refine.details                                  'BULK SOLVENT MODEL USED' 
_refine.pdbx_starting_model                      'PDB entry 2OUE' 
_refine.pdbx_method_to_determine_struct          'FOURIER SYNTHESIS' 
_refine.pdbx_isotropic_thermal_model             RESTRAINED 
_refine.pdbx_stereochemistry_target_values       ? 
_refine.pdbx_stereochem_target_val_spec_case     ? 
_refine.pdbx_R_Free_selection_details            RANDOM 
_refine.pdbx_overall_ESU_R                       ? 
_refine.pdbx_overall_ESU_R_Free                  ? 
_refine.overall_SU_ML                            ? 
_refine.overall_SU_B                             ? 
_refine.ls_redundancy_reflns_obs                 ? 
_refine.B_iso_min                                ? 
_refine.B_iso_max                                ? 
_refine.overall_SU_R_Cruickshank_DPI             ? 
_refine.overall_SU_R_free                        ? 
_refine.ls_wR_factor_R_free                      ? 
_refine.ls_wR_factor_R_work                      ? 
_refine.overall_FOM_free_R_set                   ? 
_refine.overall_FOM_work_R_set                   ? 
_refine.pdbx_overall_phase_error                 ? 
_refine.pdbx_refine_id                           'X-RAY DIFFRACTION' 
_refine.pdbx_diffrn_id                           1 
_refine.pdbx_TLS_residual_ADP_flag               ? 
_refine.pdbx_overall_SU_R_free_Cruickshank_DPI   ? 
_refine.pdbx_overall_SU_R_Blow_DPI               ? 
_refine.pdbx_overall_SU_R_free_Blow_DPI          ? 
# 
_refine_analyze.entry_id                        3I2U 
_refine_analyze.Luzzati_coordinate_error_obs    0.33 
_refine_analyze.Luzzati_sigma_a_obs             0.56 
_refine_analyze.Luzzati_d_res_low_obs           5.00 
_refine_analyze.Luzzati_coordinate_error_free   0.51 
_refine_analyze.Luzzati_sigma_a_free            0.62 
_refine_analyze.Luzzati_d_res_low_free          ? 
_refine_analyze.number_disordered_residues      ? 
_refine_analyze.occupancy_sum_hydrogen          ? 
_refine_analyze.occupancy_sum_non_hydrogen      ? 
_refine_analyze.pdbx_Luzzati_d_res_high_obs     ? 
_refine_analyze.pdbx_refine_id                  'X-RAY DIFFRACTION' 
# 
_refine_hist.pdbx_refine_id                   'X-RAY DIFFRACTION' 
_refine_hist.cycle_id                         LAST 
_refine_hist.pdbx_number_atoms_protein        0 
_refine_hist.pdbx_number_atoms_nucleic_acid   1326 
_refine_hist.pdbx_number_atoms_ligand         19 
_refine_hist.number_atoms_solvent             0 
_refine_hist.number_atoms_total               1345 
_refine_hist.d_res_high                       2.80 
_refine_hist.d_res_low                        39.00 
# 
loop_
_refine_ls_restr.type 
_refine_ls_restr.dev_ideal 
_refine_ls_restr.dev_ideal_target 
_refine_ls_restr.weight 
_refine_ls_restr.number 
_refine_ls_restr.pdbx_refine_id 
_refine_ls_restr.pdbx_restraint_function 
c_bond_d           0.009 ? ? ? 'X-RAY DIFFRACTION' ? 
c_angle_deg        1.7   ? ? ? 'X-RAY DIFFRACTION' ? 
c_dihedral_angle_d 15.2  ? ? ? 'X-RAY DIFFRACTION' ? 
c_improper_angle_d 2.31  ? ? ? 'X-RAY DIFFRACTION' ? 
# 
_refine_ls_shell.pdbx_total_number_of_bins_used   6 
_refine_ls_shell.d_res_high                       2.80 
_refine_ls_shell.d_res_low                        2.98 
_refine_ls_shell.number_reflns_R_work             1375 
_refine_ls_shell.R_factor_R_work                  0.599 
_refine_ls_shell.percent_reflns_obs               99.7 
_refine_ls_shell.R_factor_R_free                  0.676 
_refine_ls_shell.R_factor_R_free_error            0.064 
_refine_ls_shell.percent_reflns_R_free            7.5 
_refine_ls_shell.number_reflns_R_free             111 
_refine_ls_shell.number_reflns_all                ? 
_refine_ls_shell.R_factor_all                     ? 
_refine_ls_shell.number_reflns_obs                ? 
_refine_ls_shell.redundancy_reflns_obs            ? 
_refine_ls_shell.pdbx_refine_id                   'X-RAY DIFFRACTION' 
# 
loop_
_pdbx_xplor_file.serial_no 
_pdbx_xplor_file.param_file 
_pdbx_xplor_file.topol_file 
_pdbx_xplor_file.pdbx_refine_id 
1 dna-rnaATT protein.top 'X-RAY DIFFRACTION' 
2 cobalt.par ?           'X-RAY DIFFRACTION' 
3 to         ?           'X-RAY DIFFRACTION' 
4 to         ?           'X-RAY DIFFRACTION' 
5 to         ?           'X-RAY DIFFRACTION' 
# 
_struct.entry_id                  3I2U 
_struct.title                     
;Crystal structure of the haiprin ribozyme with a 2',5'-linked substrate and N1-deazaadenosine at position A10
;
_struct.pdbx_model_details        ? 
_struct.pdbx_CASP_flag            ? 
_struct.pdbx_model_type_details   ? 
# 
_struct_keywords.entry_id        3I2U 
_struct_keywords.pdbx_keywords   RNA 
_struct_keywords.text            'hairpin ribozyme, N1-deazaadenosine, RNA' 
# 
loop_
_struct_asym.id 
_struct_asym.pdbx_blank_PDB_chainid_flag 
_struct_asym.pdbx_modified 
_struct_asym.entity_id 
_struct_asym.details 
A N N 1 ? 
B N N 2 ? 
C N N 3 ? 
D N N 4 ? 
E N N 5 ? 
F N N 5 ? 
# 
_struct_biol.id        1 
_struct_biol.details   'THE BIOLOGICAL UNIT IS THE SAME AS AN ASYMMETRIC UNIT' 
# 
loop_
_struct_conn.id 
_struct_conn.conn_type_id 
_struct_conn.pdbx_leaving_atom_flag 
_struct_conn.pdbx_PDB_id 
_struct_conn.ptnr1_label_asym_id 
_struct_conn.ptnr1_label_comp_id 
_struct_conn.ptnr1_label_seq_id 
_struct_conn.ptnr1_label_atom_id 
_struct_conn.pdbx_ptnr1_label_alt_id 
_struct_conn.pdbx_ptnr1_PDB_ins_code 
_struct_conn.pdbx_ptnr1_standard_comp_id 
_struct_conn.ptnr1_symmetry 
_struct_conn.ptnr2_label_asym_id 
_struct_conn.ptnr2_label_comp_id 
_struct_conn.ptnr2_label_seq_id 
_struct_conn.ptnr2_label_atom_id 
_struct_conn.pdbx_ptnr2_label_alt_id 
_struct_conn.pdbx_ptnr2_PDB_ins_code 
_struct_conn.ptnr1_auth_asym_id 
_struct_conn.ptnr1_auth_comp_id 
_struct_conn.ptnr1_auth_seq_id 
_struct_conn.ptnr2_auth_asym_id 
_struct_conn.ptnr2_auth_comp_id 
_struct_conn.ptnr2_auth_seq_id 
_struct_conn.ptnr2_symmetry 
_struct_conn.pdbx_ptnr3_label_atom_id 
_struct_conn.pdbx_ptnr3_label_seq_id 
_struct_conn.pdbx_ptnr3_label_comp_id 
_struct_conn.pdbx_ptnr3_label_asym_id 
_struct_conn.pdbx_ptnr3_label_alt_id 
_struct_conn.pdbx_ptnr3_PDB_ins_code 
_struct_conn.details 
_struct_conn.pdbx_dist_value 
_struct_conn.pdbx_value_order 
_struct_conn.pdbx_role 
covale1  covale one  ? A A   5  "O2'" ? ? ? 1_555 A G   6  P  ? ? A A   5  A G   6  1_555 ? ? ? ? ? ? ?                    1.589 ? 
? 
covale2  covale both ? B A   8  "O3'" ? ? ? 1_555 B 1DP 9  P  ? ? B A   9  B 1DP 10 1_555 ? ? ? ? ? ? ?                    1.600 ? 
? 
covale3  covale both ? B 1DP 9  "O3'" ? ? ? 1_555 B G   10 P  ? ? B 1DP 10 B G   11 1_555 ? ? ? ? ? ? ?                    1.599 ? 
? 
covale4  covale both ? B G   12 "O3'" ? ? ? 1_555 B S9L 13 P  ? ? B G   13 B S9L 14 1_555 ? ? ? ? ? ? ?                    1.618 ? 
? 
covale5  covale both ? B S9L 13 "O3'" ? ? ? 1_555 B G   14 P  ? ? B S9L 14 B G   15 1_555 ? ? ? ? ? ? ?                    1.608 ? 
? 
hydrog1  hydrog ?    ? A C   2  N3    ? ? ? 1_555 B G   12 N1 ? ? A C   2  B G   13 1_555 ? ? ? ? ? ? WATSON-CRICK         ?     ? 
? 
hydrog2  hydrog ?    ? A C   2  N4    ? ? ? 1_555 B G   12 O6 ? ? A C   2  B G   13 1_555 ? ? ? ? ? ? WATSON-CRICK         ?     ? 
? 
hydrog3  hydrog ?    ? A C   2  O2    ? ? ? 1_555 B G   12 N2 ? ? A C   2  B G   13 1_555 ? ? ? ? ? ? WATSON-CRICK         ?     ? 
? 
hydrog4  hydrog ?    ? A C   3  N3    ? ? ? 1_555 B G   11 N1 ? ? A C   3  B G   12 1_555 ? ? ? ? ? ? WATSON-CRICK         ?     ? 
? 
hydrog5  hydrog ?    ? A C   3  N4    ? ? ? 1_555 B G   11 O6 ? ? A C   3  B G   12 1_555 ? ? ? ? ? ? WATSON-CRICK         ?     ? 
? 
hydrog6  hydrog ?    ? A C   3  O2    ? ? ? 1_555 B G   11 N2 ? ? A C   3  B G   12 1_555 ? ? ? ? ? ? WATSON-CRICK         ?     ? 
? 
hydrog7  hydrog ?    ? A C   4  N3    ? ? ? 1_555 B G   10 N1 ? ? A C   4  B G   11 1_555 ? ? ? ? ? ? WATSON-CRICK         ?     ? 
? 
hydrog8  hydrog ?    ? A C   4  N4    ? ? ? 1_555 B G   10 O6 ? ? A C   4  B G   11 1_555 ? ? ? ? ? ? WATSON-CRICK         ?     ? 
? 
hydrog9  hydrog ?    ? A C   4  O2    ? ? ? 1_555 B G   10 N2 ? ? A C   4  B G   11 1_555 ? ? ? ? ? ? WATSON-CRICK         ?     ? 
? 
hydrog10 hydrog ?    ? A A   5  N3    ? ? ? 1_555 B A   8  N6 ? ? A A   5  B A   9  1_555 ? ? ? ? ? ? 'A-A MISPAIR'        ?     ? 
? 
hydrog11 hydrog ?    ? A G   6  N1    ? ? ? 1_555 B C   24 N3 ? ? A G   6  B C   25 1_555 ? ? ? ? ? ? WATSON-CRICK         ?     ? 
? 
hydrog12 hydrog ?    ? A G   6  N2    ? ? ? 1_555 B C   24 O2 ? ? A G   6  B C   25 1_555 ? ? ? ? ? ? WATSON-CRICK         ?     ? 
? 
hydrog13 hydrog ?    ? A G   6  O6    ? ? ? 1_555 B C   24 N4 ? ? A G   6  B C   25 1_555 ? ? ? ? ? ? WATSON-CRICK         ?     ? 
? 
hydrog14 hydrog ?    ? A U   7  O4    ? ? ? 1_555 B G   7  N2 ? ? A U   7  B G   8  1_555 ? ? ? ? ? ? 'U-G MISPAIR'        ?     ? 
? 
hydrog15 hydrog ?    ? A C   8  N4    ? ? ? 1_555 B A   6  N1 ? ? A C   8  B A   7  1_555 ? ? ? ? ? ? 'C-A MISPAIR'        ?     ? 
? 
hydrog16 hydrog ?    ? A C   9  O2    ? ? ? 1_555 B G   5  N2 ? ? A C   9  B G   6  1_555 ? ? ? ? ? ? 'C-G PAIR'           ?     ? 
? 
hydrog17 hydrog ?    ? A A   10 N1    ? ? ? 1_555 B U   4  N3 ? ? A A   10 B U   5  1_555 ? ? ? ? ? ? WATSON-CRICK         ?     ? 
? 
hydrog18 hydrog ?    ? A A   10 N6    ? ? ? 1_555 B U   4  O4 ? ? A A   10 B U   5  1_555 ? ? ? ? ? ? WATSON-CRICK         ?     ? 
? 
hydrog19 hydrog ?    ? A C   11 N3    ? ? ? 1_555 B G   3  N1 ? ? A C   11 B G   4  1_555 ? ? ? ? ? ? WATSON-CRICK         ?     ? 
? 
hydrog20 hydrog ?    ? A C   11 N4    ? ? ? 1_555 B G   3  O6 ? ? A C   11 B G   4  1_555 ? ? ? ? ? ? WATSON-CRICK         ?     ? 
? 
hydrog21 hydrog ?    ? A C   11 O2    ? ? ? 1_555 B G   3  N2 ? ? A C   11 B G   4  1_555 ? ? ? ? ? ? WATSON-CRICK         ?     ? 
? 
hydrog22 hydrog ?    ? A C   12 N3    ? ? ? 1_555 B G   2  N1 ? ? A C   12 B G   3  1_555 ? ? ? ? ? ? WATSON-CRICK         ?     ? 
? 
hydrog23 hydrog ?    ? A C   12 N4    ? ? ? 1_555 B G   2  O6 ? ? A C   12 B G   3  1_555 ? ? ? ? ? ? WATSON-CRICK         ?     ? 
? 
hydrog24 hydrog ?    ? A C   12 O2    ? ? ? 1_555 B G   2  N2 ? ? A C   12 B G   3  1_555 ? ? ? ? ? ? WATSON-CRICK         ?     ? 
? 
hydrog25 hydrog ?    ? A G   13 N1    ? ? ? 1_555 B C   1  N3 ? ? A G   13 B C   2  1_555 ? ? ? ? ? ? 'G-C PAIR'           ?     ? 
? 
hydrog26 hydrog ?    ? B G   14 N1    ? ? ? 1_555 C C   19 N3 ? ? B G   15 C C   49 1_555 ? ? ? ? ? ? WATSON-CRICK         ?     ? 
? 
hydrog27 hydrog ?    ? B G   14 N2    ? ? ? 1_555 C C   19 O2 ? ? B G   15 C C   49 1_555 ? ? ? ? ? ? WATSON-CRICK         ?     ? 
? 
hydrog28 hydrog ?    ? B G   14 O6    ? ? ? 1_555 C C   19 N4 ? ? B G   15 C C   49 1_555 ? ? ? ? ? ? WATSON-CRICK         ?     ? 
? 
hydrog29 hydrog ?    ? B G   15 N1    ? ? ? 1_555 C C   18 N3 ? ? B G   16 C C   48 1_555 ? ? ? ? ? ? WATSON-CRICK         ?     ? 
? 
hydrog30 hydrog ?    ? B G   15 N2    ? ? ? 1_555 C C   18 O2 ? ? B G   16 C C   48 1_555 ? ? ? ? ? ? WATSON-CRICK         ?     ? 
? 
hydrog31 hydrog ?    ? B G   15 O6    ? ? ? 1_555 C C   18 N4 ? ? B G   16 C C   48 1_555 ? ? ? ? ? ? WATSON-CRICK         ?     ? 
? 
hydrog32 hydrog ?    ? B C   16 N3    ? ? ? 1_555 C G   17 N1 ? ? B C   17 C G   47 1_555 ? ? ? ? ? ? WATSON-CRICK         ?     ? 
? 
hydrog33 hydrog ?    ? B C   16 N4    ? ? ? 1_555 C G   17 O6 ? ? B C   17 C G   47 1_555 ? ? ? ? ? ? WATSON-CRICK         ?     ? 
? 
hydrog34 hydrog ?    ? B C   16 O2    ? ? ? 1_555 C G   17 N2 ? ? B C   17 C G   47 1_555 ? ? ? ? ? ? WATSON-CRICK         ?     ? 
? 
hydrog35 hydrog ?    ? B A   17 N1    ? ? ? 1_555 C U   16 N3 ? ? B A   18 C U   46 1_555 ? ? ? ? ? ? WATSON-CRICK         ?     ? 
? 
hydrog36 hydrog ?    ? B A   17 N6    ? ? ? 1_555 C U   16 O4 ? ? B A   18 C U   46 1_555 ? ? ? ? ? ? WATSON-CRICK         ?     ? 
? 
hydrog37 hydrog ?    ? B G   18 N1    ? ? ? 1_555 C C   15 N3 ? ? B G   19 C C   45 1_555 ? ? ? ? ? ? WATSON-CRICK         ?     ? 
? 
hydrog38 hydrog ?    ? B G   18 N2    ? ? ? 1_555 C C   15 O2 ? ? B G   19 C C   45 1_555 ? ? ? ? ? ? WATSON-CRICK         ?     ? 
? 
hydrog39 hydrog ?    ? B G   18 O6    ? ? ? 1_555 C C   15 N4 ? ? B G   19 C C   45 1_555 ? ? ? ? ? ? WATSON-CRICK         ?     ? 
? 
hydrog40 hydrog ?    ? B A   19 N1    ? ? ? 1_555 C C   14 N4 ? ? B A   20 C C   44 1_555 ? ? ? ? ? ? 'A-C MISPAIR'        ?     ? 
? 
hydrog41 hydrog ?    ? B G   20 N2    ? ? ? 1_555 C A   13 N7 ? ? B G   21 C A   43 1_555 ? ? ? ? ? ? TYPE_11_PAIR         ?     ? 
? 
hydrog42 hydrog ?    ? B G   20 N3    ? ? ? 1_555 C A   13 N6 ? ? B G   21 C A   43 1_555 ? ? ? ? ? ? TYPE_11_PAIR         ?     ? 
? 
hydrog43 hydrog ?    ? B A   21 N6    ? ? ? 1_555 C U   11 O2 ? ? B A   22 C U   41 1_555 ? ? ? ? ? ? 'REVERSED HOOGSTEEN' ?     ? 
? 
hydrog44 hydrog ?    ? B A   21 N7    ? ? ? 1_555 C U   11 N3 ? ? B A   22 C U   41 1_555 ? ? ? ? ? ? 'REVERSED HOOGSTEEN' ?     ? 
? 
hydrog45 hydrog ?    ? B A   22 N6    ? ? ? 1_555 C A   10 N1 ? ? B A   23 C A   40 1_555 ? ? ? ? ? ? 'A-A MISPAIR'        ?     ? 
? 
hydrog46 hydrog ?    ? B A   23 N6    ? ? ? 1_555 C A   8  N7 ? ? B A   24 C A   38 1_555 ? ? ? ? ? ? 'A-A MISPAIR'        ?     ? 
? 
hydrog47 hydrog ?    ? B A   25 N1    ? ? ? 1_555 C G   6  N1 ? ? B A   26 C G   36 1_555 ? ? ? ? ? ? TYPE_8_PAIR          ?     ? 
? 
hydrog48 hydrog ?    ? B A   25 N6    ? ? ? 1_555 C G   6  O6 ? ? B A   26 C G   36 1_555 ? ? ? ? ? ? TYPE_8_PAIR          ?     ? 
? 
hydrog49 hydrog ?    ? B C   26 N3    ? ? ? 1_555 C G   5  N1 ? ? B C   27 C G   35 1_555 ? ? ? ? ? ? WATSON-CRICK         ?     ? 
? 
hydrog50 hydrog ?    ? B C   26 N4    ? ? ? 1_555 C G   5  O6 ? ? B C   27 C G   35 1_555 ? ? ? ? ? ? WATSON-CRICK         ?     ? 
? 
hydrog51 hydrog ?    ? B C   26 O2    ? ? ? 1_555 C G   5  N2 ? ? B C   27 C G   35 1_555 ? ? ? ? ? ? WATSON-CRICK         ?     ? 
? 
hydrog52 hydrog ?    ? B A   27 N1    ? ? ? 1_555 C U   4  N3 ? ? B A   28 C U   34 1_555 ? ? ? ? ? ? WATSON-CRICK         ?     ? 
? 
hydrog53 hydrog ?    ? B A   27 N6    ? ? ? 1_555 C U   4  O4 ? ? B A   28 C U   34 1_555 ? ? ? ? ? ? WATSON-CRICK         ?     ? 
? 
hydrog54 hydrog ?    ? B C   28 N3    ? ? ? 1_555 C G   3  N1 ? ? B C   29 C G   33 1_555 ? ? ? ? ? ? WATSON-CRICK         ?     ? 
? 
hydrog55 hydrog ?    ? B C   28 N4    ? ? ? 1_555 C G   3  O6 ? ? B C   29 C G   33 1_555 ? ? ? ? ? ? WATSON-CRICK         ?     ? 
? 
hydrog56 hydrog ?    ? B C   28 O2    ? ? ? 1_555 C G   3  N2 ? ? B C   29 C G   33 1_555 ? ? ? ? ? ? WATSON-CRICK         ?     ? 
? 
hydrog57 hydrog ?    ? B G   29 N1    ? ? ? 1_555 C C   2  N3 ? ? B G   30 C C   32 1_555 ? ? ? ? ? ? WATSON-CRICK         ?     ? 
? 
hydrog58 hydrog ?    ? B G   29 N2    ? ? ? 1_555 C C   2  O2 ? ? B G   30 C C   32 1_555 ? ? ? ? ? ? WATSON-CRICK         ?     ? 
? 
hydrog59 hydrog ?    ? B G   29 O6    ? ? ? 1_555 C C   2  N4 ? ? B G   30 C C   32 1_555 ? ? ? ? ? ? WATSON-CRICK         ?     ? 
? 
hydrog60 hydrog ?    ? B A   30 N1    ? ? ? 1_555 C U   1  N3 ? ? B A   31 C U   31 1_555 ? ? ? ? ? ? WATSON-CRICK         ?     ? 
? 
hydrog61 hydrog ?    ? B A   30 N6    ? ? ? 1_555 C U   1  O4 ? ? B A   31 C U   31 1_555 ? ? ? ? ? ? WATSON-CRICK         ?     ? 
? 
# 
loop_
_struct_conn_type.id 
_struct_conn_type.criteria 
_struct_conn_type.reference 
covale ? ? 
hydrog ? ? 
# 
loop_
_struct_site.id 
_struct_site.pdbx_evidence_code 
_struct_site.pdbx_auth_asym_id 
_struct_site.pdbx_auth_comp_id 
_struct_site.pdbx_auth_seq_id 
_struct_site.pdbx_auth_ins_code 
_struct_site.pdbx_num_residues 
_struct_site.details 
AC1 Software B NCO 101 ? 4 'BINDING SITE FOR RESIDUE NCO B 101' 
AC2 Software B NCO 102 ? 5 'BINDING SITE FOR RESIDUE NCO B 102' 
AC3 Software A SO4 103 ? 3 'BINDING SITE FOR RESIDUE SO4 A 103' 
# 
loop_
_struct_site_gen.id 
_struct_site_gen.site_id 
_struct_site_gen.pdbx_num_res 
_struct_site_gen.label_comp_id 
_struct_site_gen.label_asym_id 
_struct_site_gen.label_seq_id 
_struct_site_gen.pdbx_auth_ins_code 
_struct_site_gen.auth_comp_id 
_struct_site_gen.auth_asym_id 
_struct_site_gen.auth_seq_id 
_struct_site_gen.label_atom_id 
_struct_site_gen.label_alt_id 
_struct_site_gen.symmetry 
_struct_site_gen.details 
1  AC1 4 A   B 19 ? A   B 20  . ? 1_555 ? 
2  AC1 4 G   B 20 ? G   B 21  . ? 1_555 ? 
3  AC1 4 A   C 10 ? A   C 40  . ? 1_555 ? 
4  AC1 4 U   C 11 ? U   C 41  . ? 1_555 ? 
5  AC2 5 C   A 2  ? C   A 2   . ? 1_555 ? 
6  AC2 5 SO4 D .  ? SO4 A 103 . ? 1_555 ? 
7  AC2 5 G   B 10 ? G   B 11  . ? 1_555 ? 
8  AC2 5 G   B 11 ? G   B 12  . ? 1_555 ? 
9  AC2 5 G   B 12 ? G   B 13  . ? 1_555 ? 
10 AC3 3 U   A 1  ? U   A 1   . ? 1_555 ? 
11 AC3 3 C   A 2  ? C   A 2   . ? 1_555 ? 
12 AC3 3 NCO F .  ? NCO B 102 . ? 1_555 ? 
# 
_atom_sites.entry_id                    3I2U 
_atom_sites.fract_transf_matrix[1][1]   0.00332405 
_atom_sites.fract_transf_matrix[1][2]   -0.00700044 
_atom_sites.fract_transf_matrix[1][3]   -0.00951111 
_atom_sites.fract_transf_matrix[2][1]   0.01050312 
_atom_sites.fract_transf_matrix[2][2]   0.00227628 
_atom_sites.fract_transf_matrix[2][3]   -0.00591667 
_atom_sites.fract_transf_matrix[3][1]   0.00359746 
_atom_sites.fract_transf_matrix[3][2]   -0.00457625 
_atom_sites.fract_transf_matrix[3][3]   0.00462553 
_atom_sites.fract_transf_vector[1]      0.434565 
_atom_sites.fract_transf_vector[2]      0.211513 
_atom_sites.fract_transf_vector[3]      0.385185 
# 
loop_
_atom_type.symbol 
C  
CO 
N  
O  
P  
S  
# 
loop_
_atom_site.group_PDB 
_atom_site.id 
_atom_site.type_symbol 
_atom_site.label_atom_id 
_atom_site.label_alt_id 
_atom_site.label_comp_id 
_atom_site.label_asym_id 
_atom_site.label_entity_id 
_atom_site.label_seq_id 
_atom_site.pdbx_PDB_ins_code 
_atom_site.Cartn_x 
_atom_site.Cartn_y 
_atom_site.Cartn_z 
_atom_site.occupancy 
_atom_site.B_iso_or_equiv 
_atom_site.pdbx_formal_charge 
_atom_site.auth_seq_id 
_atom_site.auth_comp_id 
_atom_site.auth_asym_id 
_atom_site.auth_atom_id 
_atom_site.pdbx_PDB_model_num 
ATOM   1    O  "O5'" A U   A 1 1  ? 13.660  -10.651 -4.780  0.50 50.99  ? 1   U   A "O5'" 1 
ATOM   2    O  "O5'" B U   A 1 1  ? 14.695  -11.543 -6.096  0.50 62.36  ? 1   U   A "O5'" 1 
ATOM   3    C  "C5'" A U   A 1 1  ? 14.452  -10.260 -5.909  0.50 48.42  ? 1   U   A "C5'" 1 
ATOM   4    C  "C5'" B U   A 1 1  ? 15.848  -11.913 -5.327  0.50 64.42  ? 1   U   A "C5'" 1 
ATOM   5    C  "C4'" A U   A 1 1  ? 15.907  -10.081 -5.552  0.50 48.03  ? 1   U   A "C4'" 1 
ATOM   6    C  "C4'" B U   A 1 1  ? 16.786  -10.754 -5.089  0.50 64.83  ? 1   U   A "C4'" 1 
ATOM   7    O  "O4'" A U   A 1 1  ? 16.592  -9.504  -6.692  0.50 44.89  ? 1   U   A "O4'" 1 
ATOM   8    O  "O4'" B U   A 1 1  ? 17.223  -10.223 -6.364  0.50 66.35  ? 1   U   A "O4'" 1 
ATOM   9    C  "C3'" A U   A 1 1  ? 16.196  -9.107  -4.419  0.50 50.09  ? 1   U   A "C3'" 1 
ATOM   10   C  "C3'" B U   A 1 1  ? 16.201  -9.558  -4.363  0.50 65.56  ? 1   U   A "C3'" 1 
ATOM   11   O  "O3'" A U   A 1 1  ? 16.097  -9.715  -3.135  0.50 58.73  ? 1   U   A "O3'" 1 
ATOM   12   O  "O3'" B U   A 1 1  ? 16.237  -9.730  -2.966  0.50 66.88  ? 1   U   A "O3'" 1 
ATOM   13   C  "C2'" A U   A 1 1  ? 17.623  -8.681  -4.718  0.50 47.12  ? 1   U   A "C2'" 1 
ATOM   14   C  "C2'" B U   A 1 1  ? 17.109  -8.433  -4.827  0.50 66.43  ? 1   U   A "C2'" 1 
ATOM   15   O  "O2'" A U   A 1 1  ? 18.562  -9.650  -4.302  0.50 46.71  ? 1   U   A "O2'" 1 
ATOM   16   O  "O2'" B U   A 1 1  ? 18.362  -8.408  -4.179  0.50 68.47  ? 1   U   A "O2'" 1 
ATOM   17   C  "C1'" A U   A 1 1  ? 17.590  -8.602  -6.244  0.50 42.35  ? 1   U   A "C1'" 1 
ATOM   18   C  "C1'" B U   A 1 1  ? 17.294  -8.810  -6.292  0.50 66.04  ? 1   U   A "C1'" 1 
ATOM   19   N  N1    A U   A 1 1  ? 17.242  -7.259  -6.725  0.50 36.33  ? 1   U   A N1    1 
ATOM   20   N  N1    B U   A 1 1  ? 16.140  -8.302  -7.033  0.50 65.14  ? 1   U   A N1    1 
ATOM   21   C  C2    A U   A 1 1  ? 18.148  -6.246  -6.496  0.50 34.47  ? 1   U   A C2    1 
ATOM   22   C  C2    B U   A 1 1  ? 16.115  -6.970  -7.361  0.50 64.95  ? 1   U   A C2    1 
ATOM   23   O  O2    A U   A 1 1  ? 19.201  -6.432  -5.913  0.50 32.58  ? 1   U   A O2    1 
ATOM   24   O  O2    B U   A 1 1  ? 17.030  -6.200  -7.089  0.50 65.57  ? 1   U   A O2    1 
ATOM   25   N  N3    A U   A 1 1  ? 17.773  -5.009  -6.971  0.50 31.76  ? 1   U   A N3    1 
ATOM   26   N  N3    B U   A 1 1  ? 14.976  -6.571  -8.015  0.50 64.71  ? 1   U   A N3    1 
ATOM   27   C  C4    A U   A 1 1  ? 16.602  -4.697  -7.633  0.50 32.35  ? 1   U   A C4    1 
ATOM   28   C  C4    B U   A 1 1  ? 13.899  -7.362  -8.359  0.50 64.82  ? 1   U   A C4    1 
ATOM   29   O  O4    A U   A 1 1  ? 16.395  -3.537  -7.985  0.50 30.96  ? 1   U   A O4    1 
ATOM   30   O  O4    B U   A 1 1  ? 12.922  -6.846  -8.892  0.50 65.25  ? 1   U   A O4    1 
ATOM   31   C  C5    A U   A 1 1  ? 15.714  -5.801  -7.828  0.50 33.78  ? 1   U   A C5    1 
ATOM   32   C  C5    B U   A 1 1  ? 14.020  -8.733  -7.996  0.50 65.46  ? 1   U   A C5    1 
ATOM   33   C  C6    A U   A 1 1  ? 16.057  -7.015  -7.379  0.50 34.98  ? 1   U   A C6    1 
ATOM   34   C  C6    B U   A 1 1  ? 15.108  -9.144  -7.364  0.50 65.20  ? 1   U   A C6    1 
ATOM   35   P  P     . C   A 1 2  ? 15.061  -9.117  -2.062  1.00 69.71  ? 2   C   A P     1 
ATOM   36   O  OP1   . C   A 1 2  ? 15.540  -9.333  -0.664  1.00 65.13  ? 2   C   A OP1   1 
ATOM   37   O  OP2   . C   A 1 2  ? 13.741  -9.671  -2.482  1.00 61.61  ? 2   C   A OP2   1 
ATOM   38   O  "O5'" . C   A 1 2  ? 15.108  -7.550  -2.367  1.00 60.09  ? 2   C   A "O5'" 1 
ATOM   39   C  "C5'" . C   A 1 2  ? 16.243  -6.781  -1.994  1.00 53.97  ? 2   C   A "C5'" 1 
ATOM   40   C  "C4'" . C   A 1 2  ? 16.026  -5.317  -2.304  1.00 53.59  ? 2   C   A "C4'" 1 
ATOM   41   O  "O4'" . C   A 1 2  ? 15.943  -5.143  -3.746  1.00 55.02  ? 2   C   A "O4'" 1 
ATOM   42   C  "C3'" . C   A 1 2  ? 14.735  -4.699  -1.787  1.00 52.13  ? 2   C   A "C3'" 1 
ATOM   43   O  "O3'" . C   A 1 2  ? 14.839  -4.276  -0.432  1.00 52.78  ? 2   C   A "O3'" 1 
ATOM   44   C  "C2'" . C   A 1 2  ? 14.564  -3.508  -2.721  1.00 50.88  ? 2   C   A "C2'" 1 
ATOM   45   O  "O2'" . C   A 1 2  ? 15.406  -2.438  -2.366  1.00 51.93  ? 2   C   A "O2'" 1 
ATOM   46   C  "C1'" . C   A 1 2  ? 15.046  -4.088  -4.049  1.00 46.30  ? 2   C   A "C1'" 1 
ATOM   47   N  N1    . C   A 1 2  ? 13.945  -4.627  -4.848  1.00 45.29  ? 2   C   A N1    1 
ATOM   48   C  C2    . C   A 1 2  ? 13.156  -3.737  -5.587  1.00 46.02  ? 2   C   A C2    1 
ATOM   49   O  O2    . C   A 1 2  ? 13.430  -2.533  -5.559  1.00 48.00  ? 2   C   A O2    1 
ATOM   50   N  N3    . C   A 1 2  ? 12.117  -4.208  -6.303  1.00 44.07  ? 2   C   A N3    1 
ATOM   51   C  C4    . C   A 1 2  ? 11.851  -5.511  -6.302  1.00 44.78  ? 2   C   A C4    1 
ATOM   52   N  N4    . C   A 1 2  ? 10.810  -5.935  -7.012  1.00 44.64  ? 2   C   A N4    1 
ATOM   53   C  C5    . C   A 1 2  ? 12.644  -6.445  -5.566  1.00 46.58  ? 2   C   A C5    1 
ATOM   54   C  C6    . C   A 1 2  ? 13.675  -5.961  -4.862  1.00 43.92  ? 2   C   A C6    1 
ATOM   55   P  P     . C   A 1 3  ? 13.522  -4.240  0.495   1.00 51.28  ? 3   C   A P     1 
ATOM   56   O  OP1   . C   A 1 3  ? 13.925  -4.069  1.913   1.00 51.09  ? 3   C   A OP1   1 
ATOM   57   O  OP2   . C   A 1 3  ? 12.691  -5.404  0.102   1.00 50.56  ? 3   C   A OP2   1 
ATOM   58   O  "O5'" . C   A 1 3  ? 12.750  -2.928  0.022   1.00 48.71  ? 3   C   A "O5'" 1 
ATOM   59   C  "C5'" . C   A 1 3  ? 13.292  -1.641  0.245   1.00 40.68  ? 3   C   A "C5'" 1 
ATOM   60   C  "C4'" . C   A 1 3  ? 12.330  -0.584  -0.240  1.00 46.59  ? 3   C   A "C4'" 1 
ATOM   61   O  "O4'" . C   A 1 3  ? 12.197  -0.683  -1.680  1.00 44.45  ? 3   C   A "O4'" 1 
ATOM   62   C  "C3'" . C   A 1 3  ? 10.909  -0.743  0.264   1.00 47.00  ? 3   C   A "C3'" 1 
ATOM   63   O  "O3'" . C   A 1 3  ? 10.735  -0.144  1.527   1.00 47.99  ? 3   C   A "O3'" 1 
ATOM   64   C  "C2'" . C   A 1 3  ? 10.100  -0.009  -0.787  1.00 47.50  ? 3   C   A "C2'" 1 
ATOM   65   O  "O2'" . C   A 1 3  ? 10.097  1.390   -0.617  1.00 52.73  ? 3   C   A "O2'" 1 
ATOM   66   C  "C1'" . C   A 1 3  ? 10.865  -0.374  -2.053  1.00 47.73  ? 3   C   A "C1'" 1 
ATOM   67   N  N1    . C   A 1 3  ? 10.273  -1.539  -2.721  1.00 47.19  ? 3   C   A N1    1 
ATOM   68   C  C2    . C   A 1 3  ? 9.193   -1.323  -3.573  1.00 46.03  ? 3   C   A C2    1 
ATOM   69   O  O2    . C   A 1 3  ? 8.754   -0.171  -3.687  1.00 46.95  ? 3   C   A O2    1 
ATOM   70   N  N3    . C   A 1 3  ? 8.653   -2.361  -4.244  1.00 45.16  ? 3   C   A N3    1 
ATOM   71   C  C4    . C   A 1 3  ? 9.153   -3.587  -4.077  1.00 46.60  ? 3   C   A C4    1 
ATOM   72   N  N4    . C   A 1 3  ? 8.616   -4.583  -4.793  1.00 45.05  ? 3   C   A N4    1 
ATOM   73   C  C5    . C   A 1 3  ? 10.235  -3.846  -3.178  1.00 46.12  ? 3   C   A C5    1 
ATOM   74   C  C6    . C   A 1 3  ? 10.763  -2.800  -2.529  1.00 45.83  ? 3   C   A C6    1 
ATOM   75   P  P     . C   A 1 4  ? 9.651   -0.747  2.530   1.00 52.02  ? 4   C   A P     1 
ATOM   76   O  OP1   . C   A 1 4  ? 9.716   0.031   3.795   1.00 54.77  ? 4   C   A OP1   1 
ATOM   77   O  OP2   . C   A 1 4  ? 9.821   -2.225  2.557   1.00 51.87  ? 4   C   A OP2   1 
ATOM   78   O  "O5'" . C   A 1 4  ? 8.275   -0.426  1.803   1.00 53.65  ? 4   C   A "O5'" 1 
ATOM   79   C  "C5'" . C   A 1 4  ? 7.929   0.910   1.485   1.00 52.42  ? 4   C   A "C5'" 1 
ATOM   80   C  "C4'" . C   A 1 4  ? 6.584   0.944   0.821   1.00 56.01  ? 4   C   A "C4'" 1 
ATOM   81   O  "O4'" . C   A 1 4  ? 6.671   0.297   -0.473  1.00 52.42  ? 4   C   A "O4'" 1 
ATOM   82   C  "C3'" . C   A 1 4  ? 5.535   0.130   1.558   1.00 57.09  ? 4   C   A "C3'" 1 
ATOM   83   O  "O3'" . C   A 1 4  ? 4.985   0.922   2.618   1.00 60.67  ? 4   C   A "O3'" 1 
ATOM   84   C  "C2'" . C   A 1 4  ? 4.533   -0.184  0.451   1.00 54.68  ? 4   C   A "C2'" 1 
ATOM   85   O  "O2'" . C   A 1 4  ? 3.663   0.891   0.177   1.00 61.80  ? 4   C   A "O2'" 1 
ATOM   86   C  "C1'" . C   A 1 4  ? 5.451   -0.347  -0.760  1.00 52.50  ? 4   C   A "C1'" 1 
ATOM   87   N  N1    . C   A 1 4  ? 5.718   -1.711  -1.231  1.00 55.43  ? 4   C   A N1    1 
ATOM   88   C  C2    . C   A 1 4  ? 4.890   -2.228  -2.218  1.00 54.39  ? 4   C   A C2    1 
ATOM   89   O  O2    . C   A 1 4  ? 3.974   -1.520  -2.646  1.00 59.70  ? 4   C   A O2    1 
ATOM   90   N  N3    . C   A 1 4  ? 5.106   -3.478  -2.688  1.00 53.08  ? 4   C   A N3    1 
ATOM   91   C  C4    . C   A 1 4  ? 6.117   -4.203  -2.204  1.00 52.51  ? 4   C   A C4    1 
ATOM   92   N  N4    . C   A 1 4  ? 6.300   -5.431  -2.706  1.00 50.37  ? 4   C   A N4    1 
ATOM   93   C  C5    . C   A 1 4  ? 6.984   -3.702  -1.191  1.00 51.34  ? 4   C   A C5    1 
ATOM   94   C  C6    . C   A 1 4  ? 6.750   -2.459  -0.735  1.00 55.43  ? 4   C   A C6    1 
ATOM   95   P  P     . A   A 1 5  ? 4.365   0.198   3.916   1.00 57.68  ? 5   A   A P     1 
ATOM   96   O  OP1   . A   A 1 5  ? 3.670   1.223   4.729   1.00 61.51  ? 5   A   A OP1   1 
ATOM   97   O  OP2   . A   A 1 5  ? 5.413   -0.643  4.544   1.00 59.74  ? 5   A   A OP2   1 
ATOM   98   O  "O5'" . A   A 1 5  ? 3.294   -0.767  3.259   1.00 58.22  ? 5   A   A "O5'" 1 
ATOM   99   C  "C5'" . A   A 1 5  ? 2.165   -1.243  3.966   1.00 58.50  ? 5   A   A "C5'" 1 
ATOM   100  C  "C4'" . A   A 1 5  ? 1.051   -1.429  2.988   1.00 58.07  ? 5   A   A "C4'" 1 
ATOM   101  O  "O4'" . A   A 1 5  ? 1.638   -1.841  1.733   1.00 59.84  ? 5   A   A "O4'" 1 
ATOM   102  C  "C3'" . A   A 1 5  ? 0.947   -2.573  3.748   1.00 56.91  ? 5   A   A "C3'" 1 
ATOM   103  C  "C2'" . A   A 1 5  ? 0.401   -3.714  2.565   1.00 59.33  ? 5   A   A "C2'" 1 
ATOM   104  O  "O2'" . A   A 1 5  ? -0.701  -4.091  1.778   1.00 63.71  ? 5   A   A "O2'" 1 
ATOM   105  C  "C1'" . A   A 1 5  ? 1.389   -3.208  1.509   1.00 58.95  ? 5   A   A "C1'" 1 
ATOM   106  N  N9    . A   A 1 5  ? 2.676   -3.904  1.529   1.00 61.19  ? 5   A   A N9    1 
ATOM   107  C  C8    . A   A 1 5  ? 3.800   -3.491  2.201   1.00 63.31  ? 5   A   A C8    1 
ATOM   108  N  N7    . A   A 1 5  ? 4.827   -4.291  2.063   1.00 64.26  ? 5   A   A N7    1 
ATOM   109  C  C5    . A   A 1 5  ? 4.355   -5.301  1.244   1.00 62.39  ? 5   A   A C5    1 
ATOM   110  C  C6    . A   A 1 5  ? 4.975   -6.455  0.729   1.00 62.39  ? 5   A   A C6    1 
ATOM   111  N  N6    . A   A 1 5  ? 6.241   -6.779  0.984   1.00 61.36  ? 5   A   A N6    1 
ATOM   112  N  N1    . A   A 1 5  ? 4.241   -7.266  -0.063  1.00 61.69  ? 5   A   A N1    1 
ATOM   113  C  C2    . A   A 1 5  ? 2.971   -6.921  -0.314  1.00 62.38  ? 5   A   A C2    1 
ATOM   114  N  N3    . A   A 1 5  ? 2.274   -5.855  0.114   1.00 61.62  ? 5   A   A N3    1 
ATOM   115  C  C4    . A   A 1 5  ? 3.032   -5.077  0.901   1.00 61.40  ? 5   A   A C4    1 
ATOM   116  P  P     . G   A 1 6  ? -1.742  -5.159  2.325   1.00 62.13  ? 6   G   A P     1 
ATOM   117  O  OP1   . G   A 1 6  ? -2.145  -5.893  1.108   1.00 69.22  ? 6   G   A OP1   1 
ATOM   118  O  OP2   . G   A 1 6  ? -1.114  -5.897  3.447   1.00 61.96  ? 6   G   A OP2   1 
ATOM   119  O  "O5'" . G   A 1 6  ? -2.981  -4.281  2.831   1.00 62.60  ? 6   G   A "O5'" 1 
ATOM   120  C  "C5'" . G   A 1 6  ? -3.534  -4.426  4.156   1.00 63.04  ? 6   G   A "C5'" 1 
ATOM   121  C  "C4'" . G   A 1 6  ? -5.033  -4.164  4.134   1.00 60.84  ? 6   G   A "C4'" 1 
ATOM   122  O  "O4'" . G   A 1 6  ? -5.296  -2.923  3.455   1.00 62.09  ? 6   G   A "O4'" 1 
ATOM   123  C  "C3'" . G   A 1 6  ? -5.896  -5.238  3.464   1.00 62.83  ? 6   G   A "C3'" 1 
ATOM   124  O  "O3'" . G   A 1 6  ? -6.693  -5.803  4.516   1.00 68.94  ? 6   G   A "O3'" 1 
ATOM   125  C  "C2'" . G   A 1 6  ? -6.903  -4.468  2.584   1.00 62.43  ? 6   G   A "C2'" 1 
ATOM   126  O  "O2'" . G   A 1 6  ? -8.254  -4.688  2.932   1.00 76.53  ? 6   G   A "O2'" 1 
ATOM   127  C  "C1'" . G   A 1 6  ? -6.567  -3.005  2.877   1.00 59.44  ? 6   G   A "C1'" 1 
ATOM   128  N  N9    . G   A 1 6  ? -6.727  -2.012  1.821   1.00 57.50  ? 6   G   A N9    1 
ATOM   129  C  C8    . G   A 1 6  ? -7.364  -0.798  1.955   1.00 55.35  ? 6   G   A C8    1 
ATOM   130  N  N7    . G   A 1 6  ? -7.430  -0.129  0.839   1.00 53.99  ? 6   G   A N7    1 
ATOM   131  C  C5    . G   A 1 6  ? -6.797  -0.946  -0.087  1.00 53.49  ? 6   G   A C5    1 
ATOM   132  C  C6    . G   A 1 6  ? -6.593  -0.759  -1.468  1.00 53.13  ? 6   G   A C6    1 
ATOM   133  O  O6    . G   A 1 6  ? -6.982  0.180   -2.181  1.00 50.65  ? 6   G   A O6    1 
ATOM   134  N  N1    . G   A 1 6  ? -5.872  -1.814  -2.026  1.00 52.48  ? 6   G   A N1    1 
ATOM   135  C  C2    . G   A 1 6  ? -5.431  -2.921  -1.336  1.00 52.32  ? 6   G   A C2    1 
ATOM   136  N  N2    . G   A 1 6  ? -4.744  -3.834  -2.043  1.00 50.25  ? 6   G   A N2    1 
ATOM   137  N  N3    . G   A 1 6  ? -5.646  -3.118  -0.046  1.00 52.84  ? 6   G   A N3    1 
ATOM   138  C  C4    . G   A 1 6  ? -6.331  -2.099  0.511   1.00 54.57  ? 6   G   A C4    1 
ATOM   139  P  P     . U   A 1 7  ? -6.506  -7.325  4.999   1.00 71.77  ? 7   U   A P     1 
ATOM   140  O  OP1   . U   A 1 7  ? -7.584  -7.524  5.998   1.00 70.62  ? 7   U   A OP1   1 
ATOM   141  O  OP2   . U   A 1 7  ? -5.094  -7.570  5.390   1.00 73.90  ? 7   U   A OP2   1 
ATOM   142  O  "O5'" . U   A 1 7  ? -6.901  -8.216  3.745   1.00 69.36  ? 7   U   A "O5'" 1 
ATOM   143  C  "C5'" . U   A 1 7  ? -8.263  -8.381  3.399   1.00 73.19  ? 7   U   A "C5'" 1 
ATOM   144  C  "C4'" . U   A 1 7  ? -8.443  -9.629  2.585   1.00 76.52  ? 7   U   A "C4'" 1 
ATOM   145  O  "O4'" . U   A 1 7  ? -7.683  -9.496  1.358   1.00 78.29  ? 7   U   A "O4'" 1 
ATOM   146  C  "C3'" . U   A 1 7  ? -7.919  -10.911 3.211   1.00 76.51  ? 7   U   A "C3'" 1 
ATOM   147  O  "O3'" . U   A 1 7  ? -8.885  -11.484 4.082   1.00 76.51  ? 7   U   A "O3'" 1 
ATOM   148  C  "C2'" . U   A 1 7  ? -7.718  -11.788 1.983   1.00 80.95  ? 7   U   A "C2'" 1 
ATOM   149  O  "O2'" . U   A 1 7  ? -8.925  -12.367 1.526   1.00 82.03  ? 7   U   A "O2'" 1 
ATOM   150  C  "C1'" . U   A 1 7  ? -7.199  -10.766 0.966   1.00 80.97  ? 7   U   A "C1'" 1 
ATOM   151  N  N1    . U   A 1 7  ? -5.734  -10.705 0.930   1.00 80.82  ? 7   U   A N1    1 
ATOM   152  C  C2    . U   A 1 7  ? -5.072  -11.790 0.403   1.00 81.58  ? 7   U   A C2    1 
ATOM   153  O  O2    . U   A 1 7  ? -5.659  -12.773 -0.029  1.00 81.53  ? 7   U   A O2    1 
ATOM   154  N  N3    . U   A 1 7  ? -3.700  -11.686 0.403   1.00 81.73  ? 7   U   A N3    1 
ATOM   155  C  C4    . U   A 1 7  ? -2.947  -10.629 0.869   1.00 81.52  ? 7   U   A C4    1 
ATOM   156  O  O4    . U   A 1 7  ? -1.716  -10.675 0.780   1.00 83.53  ? 7   U   A O4    1 
ATOM   157  C  C5    . U   A 1 7  ? -3.711  -9.541  1.402   1.00 80.58  ? 7   U   A C5    1 
ATOM   158  C  C6    . U   A 1 7  ? -5.047  -9.615  1.411   1.00 80.36  ? 7   U   A C6    1 
ATOM   159  P  P     . C   A 1 8  ? -8.404  -12.375 5.328   1.00 76.80  ? 8   C   A P     1 
ATOM   160  O  OP1   . C   A 1 8  ? -9.583  -13.153 5.779   1.00 76.73  ? 8   C   A OP1   1 
ATOM   161  O  OP2   . C   A 1 8  ? -7.687  -11.505 6.291   1.00 74.86  ? 8   C   A OP2   1 
ATOM   162  O  "O5'" . C   A 1 8  ? -7.367  -13.396 4.683   1.00 77.19  ? 8   C   A "O5'" 1 
ATOM   163  C  "C5'" . C   A 1 8  ? -7.814  -14.443 3.829   1.00 81.88  ? 8   C   A "C5'" 1 
ATOM   164  C  "C4'" . C   A 1 8  ? -6.648  -15.306 3.412   1.00 87.83  ? 8   C   A "C4'" 1 
ATOM   165  O  "O4'" . C   A 1 8  ? -5.752  -14.548 2.553   1.00 89.19  ? 8   C   A "O4'" 1 
ATOM   166  C  "C3'" . C   A 1 8  ? -5.753  -15.770 4.548   1.00 90.79  ? 8   C   A "C3'" 1 
ATOM   167  O  "O3'" . C   A 1 8  ? -6.310  -16.901 5.207   1.00 94.94  ? 8   C   A "O3'" 1 
ATOM   168  C  "C2'" . C   A 1 8  ? -4.460  -16.092 3.810   1.00 89.04  ? 8   C   A "C2'" 1 
ATOM   169  O  "O2'" . C   A 1 8  ? -4.522  -17.326 3.131   1.00 88.86  ? 8   C   A "O2'" 1 
ATOM   170  C  "C1'" . C   A 1 8  ? -4.411  -14.955 2.786   1.00 87.94  ? 8   C   A "C1'" 1 
ATOM   171  N  N1    . C   A 1 8  ? -3.645  -13.787 3.259   1.00 86.87  ? 8   C   A N1    1 
ATOM   172  C  C2    . C   A 1 8  ? -2.280  -13.699 2.944   1.00 87.45  ? 8   C   A C2    1 
ATOM   173  O  O2    . C   A 1 8  ? -1.757  -14.601 2.267   1.00 89.09  ? 8   C   A O2    1 
ATOM   174  N  N3    . C   A 1 8  ? -1.567  -12.632 3.379   1.00 87.14  ? 8   C   A N3    1 
ATOM   175  C  C4    . C   A 1 8  ? -2.166  -11.677 4.095   1.00 86.81  ? 8   C   A C4    1 
ATOM   176  N  N4    . C   A 1 8  ? -1.424  -10.637 4.499   1.00 85.48  ? 8   C   A N4    1 
ATOM   177  C  C5    . C   A 1 8  ? -3.554  -11.743 4.428   1.00 85.81  ? 8   C   A C5    1 
ATOM   178  C  C6    . C   A 1 8  ? -4.248  -12.805 3.994   1.00 84.89  ? 8   C   A C6    1 
ATOM   179  P  P     . C   A 1 9  ? -6.020  -17.129 6.772   1.00 98.76  ? 9   C   A P     1 
ATOM   180  O  OP1   . C   A 1 9  ? -6.831  -18.305 7.177   1.00 99.91  ? 9   C   A OP1   1 
ATOM   181  O  OP2   . C   A 1 9  ? -6.175  -15.846 7.508   1.00 94.58  ? 9   C   A OP2   1 
ATOM   182  O  "O5'" . C   A 1 9  ? -4.482  -17.545 6.796   1.00 99.49  ? 9   C   A "O5'" 1 
ATOM   183  C  "C5'" . C   A 1 9  ? -4.023  -18.685 6.071   1.00 101.69 ? 9   C   A "C5'" 1 
ATOM   184  C  "C4'" . C   A 1 9  ? -2.526  -18.832 6.216   1.00 105.72 ? 9   C   A "C4'" 1 
ATOM   185  O  "O4'" . C   A 1 9  ? -1.863  -17.750 5.513   1.00 106.21 ? 9   C   A "O4'" 1 
ATOM   186  C  "C3'" . C   A 1 9  ? -1.990  -18.735 7.636   1.00 108.26 ? 9   C   A "C3'" 1 
ATOM   187  O  "O3'" . C   A 1 9  ? -2.077  -19.977 8.325   1.00 111.01 ? 9   C   A "O3'" 1 
ATOM   188  C  "C2'" . C   A 1 9  ? -0.543  -18.331 7.402   1.00 108.11 ? 9   C   A "C2'" 1 
ATOM   189  O  "O2'" . C   A 1 9  ? 0.274   -19.429 7.048   1.00 109.39 ? 9   C   A "O2'" 1 
ATOM   190  C  "C1'" . C   A 1 9  ? -0.690  -17.371 6.219   1.00 107.26 ? 9   C   A "C1'" 1 
ATOM   191  N  N1    . C   A 1 9  ? -0.840  -15.970 6.646   1.00 107.27 ? 9   C   A N1    1 
ATOM   192  C  C2    . C   A 1 9  ? 0.310   -15.221 6.907   1.00 107.36 ? 9   C   A C2    1 
ATOM   193  O  O2    . C   A 1 9  ? 1.418   -15.760 6.768   1.00 108.96 ? 9   C   A O2    1 
ATOM   194  N  N3    . C   A 1 9  ? 0.187   -13.931 7.301   1.00 106.27 ? 9   C   A N3    1 
ATOM   195  C  C4    . C   A 1 9  ? -1.026  -13.390 7.436   1.00 105.54 ? 9   C   A C4    1 
ATOM   196  N  N4    . C   A 1 9  ? -1.102  -12.116 7.822   1.00 104.10 ? 9   C   A N4    1 
ATOM   197  C  C5    . C   A 1 9  ? -2.216  -14.132 7.179   1.00 105.91 ? 9   C   A C5    1 
ATOM   198  C  C6    . C   A 1 9  ? -2.078  -15.407 6.790   1.00 106.71 ? 9   C   A C6    1 
ATOM   199  P  P     . A   A 1 10 ? -2.053  -19.997 9.932   1.00 112.20 ? 10  A   A P     1 
ATOM   200  O  OP1   . A   A 1 10 ? -2.311  -21.399 10.337  1.00 114.33 ? 10  A   A OP1   1 
ATOM   201  O  OP2   . A   A 1 10 ? -2.922  -18.912 10.453  1.00 110.30 ? 10  A   A OP2   1 
ATOM   202  O  "O5'" . A   A 1 10 ? -0.546  -19.639 10.299  1.00 112.69 ? 10  A   A "O5'" 1 
ATOM   203  C  "C5'" . A   A 1 10 ? 0.508   -20.557 10.029  1.00 115.11 ? 10  A   A "C5'" 1 
ATOM   204  C  "C4'" . A   A 1 10 ? 1.807   -20.046 10.606  1.00 116.99 ? 10  A   A "C4'" 1 
ATOM   205  O  "O4'" . A   A 1 10 ? 2.251   -18.872 9.868   1.00 116.36 ? 10  A   A "O4'" 1 
ATOM   206  C  "C3'" . A   A 1 10 ? 1.734   -19.562 12.043  1.00 117.97 ? 10  A   A "C3'" 1 
ATOM   207  O  "O3'" . A   A 1 10 ? 1.798   -20.633 12.973  1.00 119.22 ? 10  A   A "O3'" 1 
ATOM   208  C  "C2'" . A   A 1 10 ? 2.947   -18.644 12.124  1.00 117.34 ? 10  A   A "C2'" 1 
ATOM   209  O  "O2'" . A   A 1 10 ? 4.167   -19.352 12.247  1.00 118.39 ? 10  A   A "O2'" 1 
ATOM   210  C  "C1'" . A   A 1 10 ? 2.878   -17.956 10.759  1.00 115.15 ? 10  A   A "C1'" 1 
ATOM   211  N  N9    . A   A 1 10 ? 2.077   -16.732 10.791  1.00 112.17 ? 10  A   A N9    1 
ATOM   212  C  C8    . A   A 1 10 ? 0.784   -16.566 10.363  1.00 111.41 ? 10  A   A C8    1 
ATOM   213  N  N7    . A   A 1 10 ? 0.327   -15.348 10.514  1.00 110.40 ? 10  A   A N7    1 
ATOM   214  C  C5    . A   A 1 10 ? 1.392   -14.661 11.081  1.00 109.50 ? 10  A   A C5    1 
ATOM   215  C  C6    . A   A 1 10 ? 1.547   -13.321 11.480  1.00 108.41 ? 10  A   A C6    1 
ATOM   216  N  N6    . A   A 1 10 ? 0.591   -12.400 11.364  1.00 106.79 ? 10  A   A N6    1 
ATOM   217  N  N1    . A   A 1 10 ? 2.735   -12.956 12.009  1.00 108.59 ? 10  A   A N1    1 
ATOM   218  C  C2    . A   A 1 10 ? 3.694   -13.883 12.125  1.00 110.12 ? 10  A   A C2    1 
ATOM   219  N  N3    . A   A 1 10 ? 3.668   -15.174 11.786  1.00 111.00 ? 10  A   A N3    1 
ATOM   220  C  C4    . A   A 1 10 ? 2.475   -15.502 11.261  1.00 110.78 ? 10  A   A C4    1 
ATOM   221  P  P     . C   A 1 11 ? 1.148   -20.448 14.429  1.00 121.86 ? 11  C   A P     1 
ATOM   222  O  OP1   . C   A 1 11 ? 1.182   -21.765 15.114  1.00 122.76 ? 11  C   A OP1   1 
ATOM   223  O  OP2   . C   A 1 11 ? -0.147  -19.742 14.254  1.00 120.09 ? 11  C   A OP2   1 
ATOM   224  O  "O5'" . C   A 1 11 ? 2.159   -19.464 15.167  1.00 120.54 ? 11  C   A "O5'" 1 
ATOM   225  C  "C5'" . C   A 1 11 ? 3.541   -19.791 15.259  1.00 121.26 ? 11  C   A "C5'" 1 
ATOM   226  C  "C4'" . C   A 1 11 ? 4.309   -18.645 15.868  1.00 121.72 ? 11  C   A "C4'" 1 
ATOM   227  O  "O4'" . C   A 1 11 ? 4.362   -17.522 14.946  1.00 120.84 ? 11  C   A "O4'" 1 
ATOM   228  C  "C3'" . C   A 1 11 ? 3.680   -18.046 17.106  1.00 121.97 ? 11  C   A "C3'" 1 
ATOM   229  O  "O3'" . C   A 1 11 ? 3.936   -18.820 18.258  1.00 123.59 ? 11  C   A "O3'" 1 
ATOM   230  C  "C2'" . C   A 1 11 ? 4.344   -16.680 17.163  1.00 121.60 ? 11  C   A "C2'" 1 
ATOM   231  O  "O2'" . C   A 1 11 ? 5.666   -16.716 17.663  1.00 122.67 ? 11  C   A "O2'" 1 
ATOM   232  C  "C1'" . C   A 1 11 ? 4.346   -16.306 15.682  1.00 119.89 ? 11  C   A "C1'" 1 
ATOM   233  N  N1    . C   A 1 11 ? 3.115   -15.586 15.347  1.00 118.28 ? 11  C   A N1    1 
ATOM   234  C  C2    . C   A 1 11 ? 3.023   -14.229 15.674  1.00 117.14 ? 11  C   A C2    1 
ATOM   235  O  O2    . C   A 1 11 ? 3.995   -13.678 16.211  1.00 115.41 ? 11  C   A O2    1 
ATOM   236  N  N3    . C   A 1 11 ? 1.883   -13.559 15.398  1.00 116.57 ? 11  C   A N3    1 
ATOM   237  C  C4    . C   A 1 11 ? 0.860   -14.196 14.821  1.00 117.36 ? 11  C   A C4    1 
ATOM   238  N  N4    . C   A 1 11 ? -0.251  -13.500 14.579  1.00 117.15 ? 11  C   A N4    1 
ATOM   239  C  C5    . C   A 1 11 ? 0.931   -15.576 14.467  1.00 117.77 ? 11  C   A C5    1 
ATOM   240  C  C6    . C   A 1 11 ? 2.068   -16.225 14.743  1.00 118.22 ? 11  C   A C6    1 
ATOM   241  P  P     . C   A 1 12 ? 3.073   -18.555 19.579  1.00 124.40 ? 12  C   A P     1 
ATOM   242  O  OP1   . C   A 1 12 ? 3.093   -19.787 20.410  1.00 124.86 ? 12  C   A OP1   1 
ATOM   243  O  OP2   . C   A 1 12 ? 1.773   -17.980 19.148  1.00 124.06 ? 12  C   A OP2   1 
ATOM   244  O  "O5'" . C   A 1 12 ? 3.874   -17.399 20.321  1.00 119.49 ? 12  C   A "O5'" 1 
ATOM   245  C  "C5'" . C   A 1 12 ? 3.236   -16.604 21.301  1.00 115.44 ? 12  C   A "C5'" 1 
ATOM   246  C  "C4'" . C   A 1 12 ? 3.882   -15.249 21.367  1.00 114.50 ? 12  C   A "C4'" 1 
ATOM   247  O  "O4'" . C   A 1 12 ? 3.955   -14.681 20.033  1.00 113.41 ? 12  C   A "O4'" 1 
ATOM   248  C  "C3'" . C   A 1 12 ? 3.078   -14.246 22.171  1.00 116.15 ? 12  C   A "C3'" 1 
ATOM   249  O  "O3'" . C   A 1 12 ? 3.379   -14.350 23.551  1.00 119.47 ? 12  C   A "O3'" 1 
ATOM   250  C  "C2'" . C   A 1 12 ? 3.495   -12.924 21.551  1.00 114.04 ? 12  C   A "C2'" 1 
ATOM   251  O  "O2'" . C   A 1 12 ? 4.756   -12.461 21.994  1.00 114.16 ? 12  C   A "O2'" 1 
ATOM   252  C  "C1'" . C   A 1 12 ? 3.563   -13.317 20.075  1.00 112.03 ? 12  C   A "C1'" 1 
ATOM   253  N  N1    . C   A 1 12 ? 2.255   -13.218 19.411  1.00 109.02 ? 12  C   A N1    1 
ATOM   254  C  C2    . C   A 1 12 ? 1.601   -11.974 19.358  1.00 107.85 ? 12  C   A C2    1 
ATOM   255  O  O2    . C   A 1 12 ? 2.137   -10.983 19.887  1.00 105.94 ? 12  C   A O2    1 
ATOM   256  N  N3    . C   A 1 12 ? 0.402   -11.887 18.737  1.00 106.85 ? 12  C   A N3    1 
ATOM   257  C  C4    . C   A 1 12 ? -0.146  -12.975 18.188  1.00 107.19 ? 12  C   A C4    1 
ATOM   258  N  N4    . C   A 1 12 ? -1.325  -12.844 17.581  1.00 106.45 ? 12  C   A N4    1 
ATOM   259  C  C5    . C   A 1 12 ? 0.493   -14.250 18.236  1.00 107.90 ? 12  C   A C5    1 
ATOM   260  C  C6    . C   A 1 12 ? 1.681   -14.325 18.850  1.00 108.63 ? 12  C   A C6    1 
ATOM   261  P  P     . G   A 1 13 ? 2.200   -14.671 24.590  1.00 122.53 ? 13  G   A P     1 
ATOM   262  O  OP1   . G   A 1 13 ? 2.815   -15.219 25.829  1.00 123.91 ? 13  G   A OP1   1 
ATOM   263  O  OP2   . G   A 1 13 ? 1.168   -15.465 23.866  1.00 120.80 ? 13  G   A OP2   1 
ATOM   264  O  "O5'" . G   A 1 13 ? 1.587   -13.238 24.915  1.00 117.60 ? 13  G   A "O5'" 1 
ATOM   265  C  "C5'" . G   A 1 13 ? 2.403   -12.202 25.450  1.00 112.43 ? 13  G   A "C5'" 1 
ATOM   266  C  "C4'" . G   A 1 13 ? 1.694   -10.882 25.325  1.00 110.54 ? 13  G   A "C4'" 1 
ATOM   267  O  "O4'" . G   A 1 13 ? 1.527   -10.563 23.919  1.00 110.11 ? 13  G   A "O4'" 1 
ATOM   268  C  "C3'" . G   A 1 13 ? 0.276   -10.875 25.872  1.00 109.69 ? 13  G   A "C3'" 1 
ATOM   269  O  "O3'" . G   A 1 13 ? 0.217   -10.804 27.300  1.00 109.24 ? 13  G   A "O3'" 1 
ATOM   270  C  "C2'" . G   A 1 13 ? -0.356  -9.725  25.100  1.00 108.37 ? 13  G   A "C2'" 1 
ATOM   271  O  "O2'" . G   A 1 13 ? 0.007   -8.456  25.602  1.00 106.30 ? 13  G   A "O2'" 1 
ATOM   272  C  "C1'" . G   A 1 13 ? 0.276   -9.920  23.720  1.00 107.22 ? 13  G   A "C1'" 1 
ATOM   273  N  N9    . G   A 1 13 ? -0.524  -10.743 22.816  1.00 105.66 ? 13  G   A N9    1 
ATOM   274  C  C8    . G   A 1 13 ? -0.338  -12.075 22.520  1.00 105.25 ? 13  G   A C8    1 
ATOM   275  N  N7    . G   A 1 13 ? -1.201  -12.534 21.651  1.00 104.21 ? 13  G   A N7    1 
ATOM   276  C  C5    . G   A 1 13 ? -2.011  -11.442 21.356  1.00 103.29 ? 13  G   A C5    1 
ATOM   277  C  C6    . G   A 1 13 ? -3.126  -11.325 20.468  1.00 102.58 ? 13  G   A C6    1 
ATOM   278  O  O6    . G   A 1 13 ? -3.629  -12.190 19.735  1.00 101.75 ? 13  G   A O6    1 
ATOM   279  N  N1    . G   A 1 13 ? -3.660  -10.038 20.487  1.00 100.79 ? 13  G   A N1    1 
ATOM   280  C  C2    . G   A 1 13 ? -3.188  -8.997  21.251  1.00 100.89 ? 13  G   A C2    1 
ATOM   281  N  N2    . G   A 1 13 ? -3.849  -7.830  21.137  1.00 98.45  ? 13  G   A N2    1 
ATOM   282  N  N3    . G   A 1 13 ? -2.148  -9.089  22.073  1.00 101.78 ? 13  G   A N3    1 
ATOM   283  C  C4    . G   A 1 13 ? -1.613  -10.330 22.075  1.00 103.57 ? 13  G   A C4    1 
ATOM   284  O  "O5'" . C   B 2 1  ? -10.118 -5.469  15.300  1.00 117.94 ? 2   C   B "O5'" 1 
ATOM   285  C  "C5'" . C   B 2 1  ? -10.315 -4.294  16.091  1.00 117.97 ? 2   C   B "C5'" 1 
ATOM   286  C  "C4'" . C   B 2 1  ? -9.323  -4.155  17.226  1.00 119.31 ? 2   C   B "C4'" 1 
ATOM   287  O  "O4'" . C   B 2 1  ? -9.407  -5.319  18.092  1.00 119.23 ? 2   C   B "O4'" 1 
ATOM   288  C  "C3'" . C   B 2 1  ? -7.853  -4.123  16.838  1.00 121.07 ? 2   C   B "C3'" 1 
ATOM   289  O  "O3'" . C   B 2 1  ? -7.430  -2.845  16.386  1.00 124.60 ? 2   C   B "O3'" 1 
ATOM   290  C  "C2'" . C   B 2 1  ? -7.177  -4.507  18.150  1.00 119.96 ? 2   C   B "C2'" 1 
ATOM   291  O  "O2'" . C   B 2 1  ? -7.104  -3.442  19.081  1.00 118.71 ? 2   C   B "O2'" 1 
ATOM   292  C  "C1'" . C   B 2 1  ? -8.131  -5.584  18.666  1.00 117.34 ? 2   C   B "C1'" 1 
ATOM   293  N  N1    . C   B 2 1  ? -7.704  -6.941  18.277  1.00 115.21 ? 2   C   B N1    1 
ATOM   294  C  C2    . C   B 2 1  ? -6.679  -7.560  19.007  1.00 114.16 ? 2   C   B C2    1 
ATOM   295  O  O2    . C   B 2 1  ? -6.169  -6.952  19.960  1.00 112.84 ? 2   C   B O2    1 
ATOM   296  N  N3    . C   B 2 1  ? -6.272  -8.800  18.657  1.00 114.15 ? 2   C   B N3    1 
ATOM   297  C  C4    . C   B 2 1  ? -6.846  -9.424  17.625  1.00 114.80 ? 2   C   B C4    1 
ATOM   298  N  N4    . C   B 2 1  ? -6.411  -10.649 17.314  1.00 114.84 ? 2   C   B N4    1 
ATOM   299  C  C5    . C   B 2 1  ? -7.891  -8.821  16.865  1.00 114.74 ? 2   C   B C5    1 
ATOM   300  C  C6    . C   B 2 1  ? -8.285  -7.589  17.221  1.00 114.88 ? 2   C   B C6    1 
ATOM   301  P  P     . G   B 2 2  ? -6.112  -2.726  15.471  1.00 125.83 ? 3   G   B P     1 
ATOM   302  O  OP1   . G   B 2 2  ? -6.015  -1.305  15.043  1.00 127.21 ? 3   G   B OP1   1 
ATOM   303  O  OP2   . G   B 2 2  ? -6.166  -3.802  14.445  1.00 124.53 ? 3   G   B OP2   1 
ATOM   304  O  "O5'" . G   B 2 2  ? -4.910  -3.039  16.478  1.00 122.32 ? 3   G   B "O5'" 1 
ATOM   305  C  "C5'" . G   B 2 2  ? -4.582  -2.127  17.525  1.00 117.83 ? 3   G   B "C5'" 1 
ATOM   306  C  "C4'" . G   B 2 2  ? -3.390  -2.621  18.320  1.00 116.08 ? 3   G   B "C4'" 1 
ATOM   307  O  "O4'" . G   B 2 2  ? -3.722  -3.863  18.998  1.00 112.52 ? 3   G   B "O4'" 1 
ATOM   308  C  "C3'" . G   B 2 2  ? -2.136  -2.982  17.540  1.00 117.28 ? 3   G   B "C3'" 1 
ATOM   309  O  "O3'" . G   B 2 2  ? -1.374  -1.842  17.154  1.00 119.85 ? 3   G   B "O3'" 1 
ATOM   310  C  "C2'" . G   B 2 2  ? -1.392  -3.848  18.551  1.00 114.30 ? 3   G   B "C2'" 1 
ATOM   311  O  "O2'" . G   B 2 2  ? -0.735  -3.104  19.561  1.00 114.00 ? 3   G   B "O2'" 1 
ATOM   312  C  "C1'" . G   B 2 2  ? -2.544  -4.644  19.161  1.00 109.57 ? 3   G   B "C1'" 1 
ATOM   313  N  N9    . G   B 2 2  ? -2.732  -5.925  18.486  1.00 105.26 ? 3   G   B N9    1 
ATOM   314  C  C8    . G   B 2 2  ? -3.716  -6.256  17.584  1.00 103.42 ? 3   G   B C8    1 
ATOM   315  N  N7    . G   B 2 2  ? -3.615  -7.481  17.142  1.00 102.32 ? 3   G   B N7    1 
ATOM   316  C  C5    . G   B 2 2  ? -2.497  -7.990  17.791  1.00 102.71 ? 3   G   B C5    1 
ATOM   317  C  C6    . G   B 2 2  ? -1.894  -9.276  17.712  1.00 103.07 ? 3   G   B C6    1 
ATOM   318  O  O6    . G   B 2 2  ? -2.243  -10.250 17.032  1.00 104.09 ? 3   G   B O6    1 
ATOM   319  N  N1    . G   B 2 2  ? -0.773  -9.368  18.536  1.00 101.54 ? 3   G   B N1    1 
ATOM   320  C  C2    . G   B 2 2  ? -0.292  -8.356  19.333  1.00 101.52 ? 3   G   B C2    1 
ATOM   321  N  N2    . G   B 2 2  ? 0.813   -8.641  20.051  1.00 99.88  ? 3   G   B N2    1 
ATOM   322  N  N3    . G   B 2 2  ? -0.849  -7.153  19.418  1.00 101.73 ? 3   G   B N3    1 
ATOM   323  C  C4    . G   B 2 2  ? -1.940  -7.043  18.625  1.00 103.22 ? 3   G   B C4    1 
ATOM   324  P  P     . G   B 2 3  ? -0.284  -1.978  15.978  1.00 119.90 ? 4   G   B P     1 
ATOM   325  O  OP1   . G   B 2 3  ? 0.385   -0.657  15.860  1.00 119.41 ? 4   G   B OP1   1 
ATOM   326  O  OP2   . G   B 2 3  ? -0.932  -2.585  14.788  1.00 117.14 ? 4   G   B OP2   1 
ATOM   327  O  "O5'" . G   B 2 3  ? 0.762   -3.037  16.552  1.00 118.29 ? 4   G   B "O5'" 1 
ATOM   328  C  "C5'" . G   B 2 3  ? 1.556   -2.731  17.692  1.00 115.89 ? 4   G   B "C5'" 1 
ATOM   329  C  "C4'" . G   B 2 3  ? 2.656   -3.752  17.850  1.00 114.57 ? 4   G   B "C4'" 1 
ATOM   330  O  "O4'" . G   B 2 3  ? 2.126   -5.005  18.358  1.00 112.10 ? 4   G   B "O4'" 1 
ATOM   331  C  "C3'" . G   B 2 3  ? 3.335   -4.159  16.558  1.00 114.53 ? 4   G   B "C3'" 1 
ATOM   332  O  "O3'" . G   B 2 3  ? 4.274   -3.189  16.127  1.00 116.06 ? 4   G   B "O3'" 1 
ATOM   333  C  "C2'" . G   B 2 3  ? 3.976   -5.482  16.950  1.00 112.69 ? 4   G   B "C2'" 1 
ATOM   334  O  "O2'" . G   B 2 3  ? 5.160   -5.333  17.708  1.00 113.43 ? 4   G   B "O2'" 1 
ATOM   335  C  "C1'" . G   B 2 3  ? 2.871   -6.089  17.816  1.00 109.01 ? 4   G   B "C1'" 1 
ATOM   336  N  N9    . G   B 2 3  ? 1.969   -6.898  17.008  1.00 104.75 ? 4   G   B N9    1 
ATOM   337  C  C8    . G   B 2 3  ? 0.818   -6.480  16.385  1.00 103.72 ? 4   G   B C8    1 
ATOM   338  N  N7    . G   B 2 3  ? 0.232   -7.428  15.706  1.00 103.52 ? 4   G   B N7    1 
ATOM   339  C  C5    . G   B 2 3  ? 1.042   -8.541  15.897  1.00 102.66 ? 4   G   B C5    1 
ATOM   340  C  C6    . G   B 2 3  ? 0.918   -9.867  15.400  1.00 102.21 ? 4   G   B C6    1 
ATOM   341  O  O6    . G   B 2 3  ? 0.039   -10.339 14.666  1.00 101.93 ? 4   G   B O6    1 
ATOM   342  N  N1    . G   B 2 3  ? 1.960   -10.676 15.838  1.00 101.64 ? 4   G   B N1    1 
ATOM   343  C  C2    . G   B 2 3  ? 2.990   -10.265 16.648  1.00 102.06 ? 4   G   B C2    1 
ATOM   344  N  N2    . G   B 2 3  ? 3.902   -11.200 16.960  1.00 102.17 ? 4   G   B N2    1 
ATOM   345  N  N3    . G   B 2 3  ? 3.118   -9.032  17.117  1.00 101.60 ? 4   G   B N3    1 
ATOM   346  C  C4    . G   B 2 3  ? 2.116   -8.230  16.703  1.00 102.73 ? 4   G   B C4    1 
ATOM   347  P  P     . U   B 2 4  ? 4.847   -3.264  14.632  1.00 116.45 ? 5   U   B P     1 
ATOM   348  O  OP1   . U   B 2 4  ? 5.293   -1.898  14.246  1.00 114.92 ? 5   U   B OP1   1 
ATOM   349  O  OP2   . U   B 2 4  ? 3.851   -3.981  13.791  1.00 115.32 ? 5   U   B OP2   1 
ATOM   350  O  "O5'" . U   B 2 4  ? 6.118   -4.206  14.787  1.00 113.90 ? 5   U   B "O5'" 1 
ATOM   351  C  "C5'" . U   B 2 4  ? 6.495   -5.091  13.750  1.00 110.94 ? 5   U   B "C5'" 1 
ATOM   352  C  "C4'" . U   B 2 4  ? 7.060   -6.358  14.331  1.00 110.07 ? 5   U   B "C4'" 1 
ATOM   353  O  "O4'" . U   B 2 4  ? 6.052   -7.015  15.146  1.00 108.44 ? 5   U   B "O4'" 1 
ATOM   354  C  "C3'" . U   B 2 4  ? 7.416   -7.389  13.280  1.00 110.29 ? 5   U   B "C3'" 1 
ATOM   355  O  "O3'" . U   B 2 4  ? 8.700   -7.137  12.747  1.00 111.86 ? 5   U   B "O3'" 1 
ATOM   356  C  "C2'" . U   B 2 4  ? 7.317   -8.686  14.060  1.00 108.30 ? 5   U   B "C2'" 1 
ATOM   357  O  "O2'" . U   B 2 4  ? 8.419   -8.903  14.918  1.00 108.94 ? 5   U   B "O2'" 1 
ATOM   358  C  "C1'" . U   B 2 4  ? 6.054   -8.411  14.872  1.00 106.83 ? 5   U   B "C1'" 1 
ATOM   359  N  N1    . U   B 2 4  ? 4.849   -8.709  14.086  1.00 104.85 ? 5   U   B N1    1 
ATOM   360  C  C2    . U   B 2 4  ? 4.625   -10.028 13.719  1.00 103.82 ? 5   U   B C2    1 
ATOM   361  O  O2    . U   B 2 4  ? 5.384   -10.939 14.020  1.00 104.03 ? 5   U   B O2    1 
ATOM   362  N  N3    . U   B 2 4  ? 3.483   -10.236 12.982  1.00 101.97 ? 5   U   B N3    1 
ATOM   363  C  C4    . U   B 2 4  ? 2.569   -9.282  12.579  1.00 101.62 ? 5   U   B C4    1 
ATOM   364  O  O4    . U   B 2 4  ? 1.591   -9.626  11.917  1.00 100.29 ? 5   U   B O4    1 
ATOM   365  C  C5    . U   B 2 4  ? 2.872   -7.945  12.996  1.00 101.65 ? 5   U   B C5    1 
ATOM   366  C  C6    . U   B 2 4  ? 3.971   -7.711  13.718  1.00 103.38 ? 5   U   B C6    1 
ATOM   367  P  P     . G   B 2 5  ? 8.875   -7.056  11.161  1.00 111.93 ? 6   G   B P     1 
ATOM   368  O  OP1   . G   B 2 5  ? 10.239  -6.535  10.885  1.00 113.86 ? 6   G   B OP1   1 
ATOM   369  O  OP2   . G   B 2 5  ? 7.687   -6.340  10.632  1.00 109.44 ? 6   G   B OP2   1 
ATOM   370  O  "O5'" . G   B 2 5  ? 8.795   -8.577  10.707  1.00 106.52 ? 6   G   B "O5'" 1 
ATOM   371  C  "C5'" . G   B 2 5  ? 9.789   -9.497  11.128  1.00 103.42 ? 6   G   B "C5'" 1 
ATOM   372  C  "C4'" . G   B 2 5  ? 9.456   -10.878 10.641  1.00 100.41 ? 6   G   B "C4'" 1 
ATOM   373  O  "O4'" . G   B 2 5  ? 8.290   -11.378 11.347  1.00 98.38  ? 6   G   B "O4'" 1 
ATOM   374  C  "C3'" . G   B 2 5  ? 9.050   -10.952 9.185   1.00 99.78  ? 6   G   B "C3'" 1 
ATOM   375  O  "O3'" . G   B 2 5  ? 10.179  -10.942 8.333   1.00 101.80 ? 6   G   B "O3'" 1 
ATOM   376  C  "C2'" . G   B 2 5  ? 8.283   -12.262 9.152   1.00 98.17  ? 6   G   B "C2'" 1 
ATOM   377  O  "O2'" . G   B 2 5  ? 9.125   -13.400 9.172   1.00 97.74  ? 6   G   B "O2'" 1 
ATOM   378  C  "C1'" . G   B 2 5  ? 7.500   -12.156 10.462  1.00 95.76  ? 6   G   B "C1'" 1 
ATOM   379  N  N9    . G   B 2 5  ? 6.242   -11.451 10.252  1.00 92.28  ? 6   G   B N9    1 
ATOM   380  C  C8    . G   B 2 5  ? 5.946   -10.151 10.594  1.00 90.96  ? 6   G   B C8    1 
ATOM   381  N  N7    . G   B 2 5  ? 4.740   -9.794  10.244  1.00 89.60  ? 6   G   B N7    1 
ATOM   382  C  C5    . G   B 2 5  ? 4.207   -10.928 9.643   1.00 89.50  ? 6   G   B C5    1 
ATOM   383  C  C6    . G   B 2 5  ? 2.933   -11.148 9.060   1.00 88.81  ? 6   G   B C6    1 
ATOM   384  O  O6    . G   B 2 5  ? 1.989   -10.359 8.956   1.00 90.53  ? 6   G   B O6    1 
ATOM   385  N  N1    . G   B 2 5  ? 2.811   -12.442 8.564   1.00 86.65  ? 6   G   B N1    1 
ATOM   386  C  C2    . G   B 2 5  ? 3.787   -13.402 8.621   1.00 87.50  ? 6   G   B C2    1 
ATOM   387  N  N2    . G   B 2 5  ? 3.478   -14.590 8.092   1.00 86.68  ? 6   G   B N2    1 
ATOM   388  N  N3    . G   B 2 5  ? 4.981   -13.212 9.160   1.00 88.43  ? 6   G   B N3    1 
ATOM   389  C  C4    . G   B 2 5  ? 5.119   -11.960 9.647   1.00 90.14  ? 6   G   B C4    1 
ATOM   390  P  P     . A   B 2 6  ? 10.095  -10.168 6.931   1.00 102.62 ? 7   A   B P     1 
ATOM   391  O  OP1   . A   B 2 6  ? 11.485  -10.008 6.441   1.00 104.87 ? 7   A   B OP1   1 
ATOM   392  O  OP2   . A   B 2 6  ? 9.231   -8.965  7.105   1.00 100.02 ? 7   A   B OP2   1 
ATOM   393  O  "O5'" . A   B 2 6  ? 9.355   -11.215 5.986   1.00 100.99 ? 7   A   B "O5'" 1 
ATOM   394  C  "C5'" . A   B 2 6  ? 9.786   -12.572 5.937   1.00 94.73  ? 7   A   B "C5'" 1 
ATOM   395  C  "C4'" . A   B 2 6  ? 8.646   -13.463 5.520   1.00 91.05  ? 7   A   B "C4'" 1 
ATOM   396  O  "O4'" . A   B 2 6  ? 7.566   -13.318 6.476   1.00 89.53  ? 7   A   B "O4'" 1 
ATOM   397  C  "C3'" . A   B 2 6  ? 8.008   -13.103 4.191   1.00 89.87  ? 7   A   B "C3'" 1 
ATOM   398  O  "O3'" . A   B 2 6  ? 8.699   -13.714 3.118   1.00 89.46  ? 7   A   B "O3'" 1 
ATOM   399  C  "C2'" . A   B 2 6  ? 6.614   -13.691 4.330   1.00 89.29  ? 7   A   B "C2'" 1 
ATOM   400  O  "O2'" . A   B 2 6  ? 6.571   -15.077 4.064   1.00 90.18  ? 7   A   B "O2'" 1 
ATOM   401  C  "C1'" . A   B 2 6  ? 6.322   -13.426 5.806   1.00 88.22  ? 7   A   B "C1'" 1 
ATOM   402  N  N9    . A   B 2 6  ? 5.584   -12.181 6.001   1.00 86.28  ? 7   A   B N9    1 
ATOM   403  C  C8    . A   B 2 6  ? 6.041   -10.984 6.496   1.00 85.21  ? 7   A   B C8    1 
ATOM   404  N  N7    . A   B 2 6  ? 5.123   -10.050 6.545   1.00 84.90  ? 7   A   B N7    1 
ATOM   405  C  C5    . A   B 2 6  ? 3.985   -10.674 6.050   1.00 84.84  ? 7   A   B C5    1 
ATOM   406  C  C6    . A   B 2 6  ? 2.670   -10.225 5.847   1.00 83.50  ? 7   A   B C6    1 
ATOM   407  N  N6    . A   B 2 6  ? 2.262   -8.989  6.137   1.00 82.97  ? 7   A   B N6    1 
ATOM   408  N  N1    . A   B 2 6  ? 1.779   -11.099 5.331   1.00 82.49  ? 7   A   B N1    1 
ATOM   409  C  C2    . A   B 2 6  ? 2.189   -12.340 5.048   1.00 82.60  ? 7   A   B C2    1 
ATOM   410  N  N3    . A   B 2 6  ? 3.393   -12.881 5.198   1.00 83.63  ? 7   A   B N3    1 
ATOM   411  C  C4    . A   B 2 6  ? 4.256   -11.985 5.709   1.00 85.09  ? 7   A   B C4    1 
ATOM   412  P  P     . G   B 2 7  ? 8.843   -12.931 1.730   1.00 90.21  ? 8   G   B P     1 
ATOM   413  O  OP1   . G   B 2 7  ? 9.638   -13.759 0.787   1.00 90.85  ? 8   G   B OP1   1 
ATOM   414  O  OP2   . G   B 2 7  ? 9.302   -11.561 2.081   1.00 83.71  ? 8   G   B OP2   1 
ATOM   415  O  "O5'" . G   B 2 7  ? 7.352   -12.808 1.172   1.00 91.46  ? 8   G   B "O5'" 1 
ATOM   416  C  "C5'" . G   B 2 7  ? 6.503   -13.943 0.934   1.00 86.64  ? 8   G   B "C5'" 1 
ATOM   417  C  "C4'" . G   B 2 7  ? 5.174   -13.441 0.426   1.00 87.10  ? 8   G   B "C4'" 1 
ATOM   418  O  "O4'" . G   B 2 7  ? 4.601   -12.589 1.437   1.00 86.29  ? 8   G   B "O4'" 1 
ATOM   419  C  "C3'" . G   B 2 7  ? 5.360   -12.607 -0.838  1.00 86.88  ? 8   G   B "C3'" 1 
ATOM   420  O  "O3'" . G   B 2 7  ? 4.748   -13.323 -1.917  1.00 84.18  ? 8   G   B "O3'" 1 
ATOM   421  C  "C2'" . G   B 2 7  ? 4.696   -11.255 -0.563  1.00 88.79  ? 8   G   B "C2'" 1 
ATOM   422  O  "O2'" . G   B 2 7  ? 3.707   -10.856 -1.475  1.00 97.83  ? 8   G   B "O2'" 1 
ATOM   423  C  "C1'" . G   B 2 7  ? 4.117   -11.418 0.846   1.00 87.27  ? 8   G   B "C1'" 1 
ATOM   424  N  N9    . G   B 2 7  ? 4.286   -10.312 1.773   1.00 85.52  ? 8   G   B N9    1 
ATOM   425  C  C8    . G   B 2 7  ? 5.441   -9.857  2.363   1.00 85.48  ? 8   G   B C8    1 
ATOM   426  N  N7    . G   B 2 7  ? 5.246   -8.832  3.145   1.00 85.38  ? 8   G   B N7    1 
ATOM   427  C  C5    . G   B 2 7  ? 3.878   -8.599  3.067   1.00 84.65  ? 8   G   B C5    1 
ATOM   428  C  C6    . G   B 2 7  ? 3.080   -7.614  3.689   1.00 84.73  ? 8   G   B C6    1 
ATOM   429  O  O6    . G   B 2 7  ? 3.427   -6.717  4.466   1.00 87.24  ? 8   G   B O6    1 
ATOM   430  N  N1    . G   B 2 7  ? 1.742   -7.740  3.329   1.00 83.66  ? 8   G   B N1    1 
ATOM   431  C  C2    . G   B 2 7  ? 1.239   -8.692  2.482   1.00 83.80  ? 8   G   B C2    1 
ATOM   432  N  N2    . G   B 2 7  ? -0.081  -8.649  2.255   1.00 83.44  ? 8   G   B N2    1 
ATOM   433  N  N3    . G   B 2 7  ? 1.976   -9.618  1.897   1.00 84.64  ? 8   G   B N3    1 
ATOM   434  C  C4    . G   B 2 7  ? 3.279   -9.508  2.231   1.00 84.89  ? 8   G   B C4    1 
ATOM   435  P  P     . A   B 2 8  ? 4.744   -12.719 -3.406  1.00 83.10  ? 9   A   B P     1 
ATOM   436  O  OP1   . A   B 2 8  ? 5.633   -13.588 -4.210  1.00 85.72  ? 9   A   B OP1   1 
ATOM   437  O  OP2   . A   B 2 8  ? 5.003   -11.256 -3.354  1.00 81.82  ? 9   A   B OP2   1 
ATOM   438  O  "O5'" . A   B 2 8  ? 3.246   -12.947 -3.913  1.00 81.33  ? 9   A   B "O5'" 1 
ATOM   439  C  "C5'" . A   B 2 8  ? 2.637   -14.237 -3.889  1.00 75.30  ? 9   A   B "C5'" 1 
ATOM   440  C  "C4'" . A   B 2 8  ? 1.151   -14.109 -4.118  1.00 72.46  ? 9   A   B "C4'" 1 
ATOM   441  O  "O4'" . A   B 2 8  ? 0.511   -13.576 -2.932  1.00 72.92  ? 9   A   B "O4'" 1 
ATOM   442  C  "C3'" . A   B 2 8  ? 0.785   -13.117 -5.199  1.00 71.75  ? 9   A   B "C3'" 1 
ATOM   443  O  "O3'" . A   B 2 8  ? 0.915   -13.688 -6.482  1.00 70.84  ? 9   A   B "O3'" 1 
ATOM   444  C  "C2'" . A   B 2 8  ? -0.640  -12.738 -4.829  1.00 72.36  ? 9   A   B "C2'" 1 
ATOM   445  O  "O2'" . A   B 2 8  ? -1.594  -13.720 -5.190  1.00 74.55  ? 9   A   B "O2'" 1 
ATOM   446  C  "C1'" . A   B 2 8  ? -0.531  -12.689 -3.308  1.00 71.74  ? 9   A   B "C1'" 1 
ATOM   447  N  N9    . A   B 2 8  ? -0.224  -11.375 -2.749  1.00 70.40  ? 9   A   B N9    1 
ATOM   448  C  C8    . A   B 2 8  ? 0.986   -10.938 -2.277  1.00 68.60  ? 9   A   B C8    1 
ATOM   449  N  N7    . A   B 2 8  ? 0.946   -9.747  -1.738  1.00 67.19  ? 9   A   B N7    1 
ATOM   450  C  C5    . A   B 2 8  ? -0.377  -9.363  -1.879  1.00 67.73  ? 9   A   B C5    1 
ATOM   451  C  C6    . A   B 2 8  ? -1.068  -8.218  -1.476  1.00 67.37  ? 9   A   B C6    1 
ATOM   452  N  N6    . A   B 2 8  ? -0.507  -7.223  -0.792  1.00 66.47  ? 9   A   B N6    1 
ATOM   453  N  N1    . A   B 2 8  ? -2.378  -8.135  -1.786  1.00 68.71  ? 9   A   B N1    1 
ATOM   454  C  C2    . A   B 2 8  ? -2.947  -9.159  -2.434  1.00 69.34  ? 9   A   B C2    1 
ATOM   455  N  N3    . A   B 2 8  ? -2.405  -10.302 -2.842  1.00 69.14  ? 9   A   B N3    1 
ATOM   456  C  C4    . A   B 2 8  ? -1.101  -10.342 -2.529  1.00 68.63  ? 9   A   B C4    1 
HETATM 457  P  P     . 1DP B 2 9  ? 1.637   -12.842 -7.633  1.00 74.78  ? 10  1DP B P     1 
HETATM 458  O  O1P   . 1DP B 2 9  ? 1.754   -13.738 -8.810  1.00 79.48  ? 10  1DP B O1P   1 
HETATM 459  O  O2P   . 1DP B 2 9  ? 2.855   -12.191 -7.074  1.00 73.03  ? 10  1DP B O2P   1 
HETATM 460  O  "O5'" . 1DP B 2 9  ? 0.580   -11.697 -7.957  1.00 72.07  ? 10  1DP B "O5'" 1 
HETATM 461  C  "C5'" . 1DP B 2 9  ? -0.753  -12.027 -8.328  1.00 65.18  ? 10  1DP B "C5'" 1 
HETATM 462  C  "C4'" . 1DP B 2 9  ? -1.631  -10.799 -8.282  1.00 61.28  ? 10  1DP B "C4'" 1 
HETATM 463  O  "O4'" . 1DP B 2 9  ? -1.856  -10.400 -6.909  1.00 59.88  ? 10  1DP B "O4'" 1 
HETATM 464  C  "C1'" . 1DP B 2 9  ? -1.981  -8.993  -6.844  1.00 60.48  ? 10  1DP B "C1'" 1 
HETATM 465  N  N9    . 1DP B 2 9  ? -0.946  -8.472  -5.951  1.00 63.00  ? 10  1DP B N9    1 
HETATM 466  C  C4    . 1DP B 2 9  ? -1.003  -7.258  -5.312  1.00 63.09  ? 10  1DP B C4    1 
HETATM 467  N  N3    . 1DP B 2 9  ? -1.995  -6.347  -5.379  1.00 62.25  ? 10  1DP B N3    1 
HETATM 468  C  C2    . 1DP B 2 9  ? -1.705  -5.285  -4.629  1.00 63.55  ? 10  1DP B C2    1 
HETATM 469  C  C1    . 1DP B 2 9  ? -0.620  -5.047  -3.880  1.00 63.05  ? 10  1DP B C1    1 
HETATM 470  C  C6    . 1DP B 2 9  ? 0.356   -5.983  -3.840  1.00 61.62  ? 10  1DP B C6    1 
HETATM 471  N  N6    . 1DP B 2 9  ? 1.434   -5.740  -3.101  1.00 62.84  ? 10  1DP B N6    1 
HETATM 472  C  C5    . 1DP B 2 9  ? 0.172   -7.158  -4.588  1.00 62.15  ? 10  1DP B C5    1 
HETATM 473  N  N7    . 1DP B 2 9  ? 0.954   -8.291  -4.761  1.00 62.37  ? 10  1DP B N7    1 
HETATM 474  C  C8    . 1DP B 2 9  ? 0.248   -9.040  -5.576  1.00 61.75  ? 10  1DP B C8    1 
HETATM 475  C  "C2'" . 1DP B 2 9  ? -1.861  -8.457  -8.269  1.00 57.78  ? 10  1DP B "C2'" 1 
HETATM 476  O  "O2'" . 1DP B 2 9  ? -3.152  -8.348  -8.828  1.00 60.30  ? 10  1DP B "O2'" 1 
HETATM 477  C  "C3'" . 1DP B 2 9  ? -1.050  -9.556  -8.929  1.00 59.25  ? 10  1DP B "C3'" 1 
HETATM 478  O  "O3'" . 1DP B 2 9  ? -1.256  -9.579  -10.326 1.00 58.32  ? 10  1DP B "O3'" 1 
ATOM   479  P  P     . G   B 2 10 ? -0.207  -8.846  -11.285 1.00 62.38  ? 11  G   B P     1 
ATOM   480  O  OP1   . G   B 2 10 ? -0.747  -8.963  -12.662 1.00 66.54  ? 11  G   B OP1   1 
ATOM   481  O  OP2   . G   B 2 10 ? 1.141   -9.392  -10.980 1.00 63.46  ? 11  G   B OP2   1 
ATOM   482  O  "O5'" . G   B 2 10 ? -0.282  -7.315  -10.839 1.00 57.21  ? 11  G   B "O5'" 1 
ATOM   483  C  "C5'" . G   B 2 10 ? -1.426  -6.531  -11.155 1.00 53.26  ? 11  G   B "C5'" 1 
ATOM   484  C  "C4'" . G   B 2 10 ? -1.345  -5.172  -10.498 1.00 53.10  ? 11  G   B "C4'" 1 
ATOM   485  O  "O4'" . G   B 2 10 ? -1.301  -5.339  -9.057  1.00 54.16  ? 11  G   B "O4'" 1 
ATOM   486  C  "C3'" . G   B 2 10 ? -0.102  -4.363  -10.804 1.00 54.55  ? 11  G   B "C3'" 1 
ATOM   487  O  "O3'" . G   B 2 10 ? -0.221  -3.642  -12.011 1.00 54.92  ? 11  G   B "O3'" 1 
ATOM   488  C  "C2'" . G   B 2 10 ? -0.047  -3.414  -9.623  1.00 51.73  ? 11  G   B "C2'" 1 
ATOM   489  O  "O2'" . G   B 2 10 ? -0.988  -2.373  -9.756  1.00 53.84  ? 11  G   B "O2'" 1 
ATOM   490  C  "C1'" . G   B 2 10 ? -0.465  -4.345  -8.488  1.00 52.52  ? 11  G   B "C1'" 1 
ATOM   491  N  N9    . G   B 2 10 ? 0.668   -5.013  -7.853  1.00 51.92  ? 11  G   B N9    1 
ATOM   492  C  C8    . G   B 2 10 ? 1.123   -6.287  -8.098  1.00 51.39  ? 11  G   B C8    1 
ATOM   493  N  N7    . G   B 2 10 ? 2.142   -6.619  -7.347  1.00 52.64  ? 11  G   B N7    1 
ATOM   494  C  C5    . G   B 2 10 ? 2.379   -5.493  -6.565  1.00 50.86  ? 11  G   B C5    1 
ATOM   495  C  C6    . G   B 2 10 ? 3.356   -5.254  -5.550  1.00 52.29  ? 11  G   B C6    1 
ATOM   496  O  O6    . G   B 2 10 ? 4.240   -6.018  -5.118  1.00 53.56  ? 11  G   B O6    1 
ATOM   497  N  N1    . G   B 2 10 ? 3.233   -3.975  -5.017  1.00 49.45  ? 11  G   B N1    1 
ATOM   498  C  C2    . G   B 2 10 ? 2.298   -3.047  -5.398  1.00 47.88  ? 11  G   B C2    1 
ATOM   499  N  N2    . G   B 2 10 ? 2.332   -1.867  -4.752  1.00 44.77  ? 11  G   B N2    1 
ATOM   500  N  N3    . G   B 2 10 ? 1.391   -3.255  -6.337  1.00 48.20  ? 11  G   B N3    1 
ATOM   501  C  C4    . G   B 2 10 ? 1.485   -4.490  -6.872  1.00 50.34  ? 11  G   B C4    1 
ATOM   502  P  P     . G   B 2 11 ? 1.107   -3.142  -12.757 1.00 57.66  ? 12  G   B P     1 
ATOM   503  O  OP1   . G   B 2 11 ? 0.706   -2.598  -14.082 1.00 62.94  ? 12  G   B OP1   1 
ATOM   504  O  OP2   . G   B 2 11 ? 2.087   -4.247  -12.679 1.00 59.56  ? 12  G   B OP2   1 
ATOM   505  O  "O5'" . G   B 2 11 ? 1.621   -1.927  -11.863 1.00 59.03  ? 12  G   B "O5'" 1 
ATOM   506  C  "C5'" . G   B 2 11 ? 0.886   -0.706  -11.816 1.00 54.89  ? 12  G   B "C5'" 1 
ATOM   507  C  "C4'" . G   B 2 11 ? 1.472   0.226   -10.787 1.00 50.74  ? 12  G   B "C4'" 1 
ATOM   508  O  "O4'" . G   B 2 11 ? 1.482   -0.434  -9.497  1.00 52.30  ? 12  G   B "O4'" 1 
ATOM   509  C  "C3'" . G   B 2 11 ? 2.927   0.595   -10.975 1.00 55.63  ? 12  G   B "C3'" 1 
ATOM   510  O  "O3'" . G   B 2 11 ? 3.074   1.635   -11.918 1.00 61.14  ? 12  G   B "O3'" 1 
ATOM   511  C  "C2'" . G   B 2 11 ? 3.294   1.073   -9.584  1.00 52.76  ? 12  G   B "C2'" 1 
ATOM   512  O  "O2'" . G   B 2 11 ? 2.727   2.334   -9.305  1.00 54.35  ? 12  G   B "O2'" 1 
ATOM   513  C  "C1'" . G   B 2 11 ? 2.590   0.022   -8.734  1.00 50.44  ? 12  G   B "C1'" 1 
ATOM   514  N  N9    . G   B 2 11 ? 3.446   -1.125  -8.448  1.00 49.45  ? 12  G   B N9    1 
ATOM   515  C  C8    . G   B 2 11 ? 3.395   -2.358  -9.045  1.00 49.43  ? 12  G   B C8    1 
ATOM   516  N  N7    . G   B 2 11 ? 4.266   -3.201  -8.553  1.00 48.80  ? 12  G   B N7    1 
ATOM   517  C  C5    . G   B 2 11 ? 4.938   -2.475  -7.582  1.00 46.65  ? 12  G   B C5    1 
ATOM   518  C  C6    . G   B 2 11 ? 5.981   -2.864  -6.714  1.00 47.33  ? 12  G   B C6    1 
ATOM   519  O  O6    . G   B 2 11 ? 6.525   -3.964  -6.615  1.00 49.95  ? 12  G   B O6    1 
ATOM   520  N  N1    . G   B 2 11 ? 6.381   -1.819  -5.891  1.00 46.61  ? 12  G   B N1    1 
ATOM   521  C  C2    . G   B 2 11 ? 5.843   -0.563  -5.900  1.00 47.69  ? 12  G   B C2    1 
ATOM   522  N  N2    . G   B 2 11 ? 6.368   0.310   -5.023  1.00 47.50  ? 12  G   B N2    1 
ATOM   523  N  N3    . G   B 2 11 ? 4.858   -0.187  -6.707  1.00 48.68  ? 12  G   B N3    1 
ATOM   524  C  C4    . G   B 2 11 ? 4.457   -1.189  -7.512  1.00 46.89  ? 12  G   B C4    1 
ATOM   525  P  P     . G   B 2 12 ? 4.433   1.746   -12.757 1.00 61.91  ? 13  G   B P     1 
ATOM   526  O  OP1   . G   B 2 12 ? 4.320   2.980   -13.579 1.00 65.71  ? 13  G   B OP1   1 
ATOM   527  O  OP2   . G   B 2 12 ? 4.685   0.434   -13.414 1.00 57.39  ? 13  G   B OP2   1 
ATOM   528  O  "O5'" . G   B 2 12 ? 5.536   2.026   -11.646 1.00 61.12  ? 13  G   B "O5'" 1 
ATOM   529  C  "C5'" . G   B 2 12 ? 5.541   3.260   -10.939 1.00 59.52  ? 13  G   B "C5'" 1 
ATOM   530  C  "C4'" . G   B 2 12 ? 6.640   3.268   -9.905  1.00 63.15  ? 13  G   B "C4'" 1 
ATOM   531  O  "O4'" . G   B 2 12 ? 6.452   2.144   -9.002  1.00 60.27  ? 13  G   B "O4'" 1 
ATOM   532  C  "C3'" . G   B 2 12 ? 8.058   3.078   -10.416 1.00 61.98  ? 13  G   B "C3'" 1 
ATOM   533  O  "O3'" . G   B 2 12 ? 8.575   4.322   -10.908 1.00 70.70  ? 13  G   B "O3'" 1 
ATOM   534  C  "C2'" . G   B 2 12 ? 8.771   2.625   -9.146  1.00 61.62  ? 13  G   B "C2'" 1 
ATOM   535  O  "O2'" . G   B 2 12 ? 9.061   3.695   -8.270  1.00 67.34  ? 13  G   B "O2'" 1 
ATOM   536  C  "C1'" . G   B 2 12 ? 7.705   1.748   -8.486  1.00 55.58  ? 13  G   B "C1'" 1 
ATOM   537  N  N9    . G   B 2 12 ? 7.897   0.330   -8.754  1.00 49.87  ? 13  G   B N9    1 
ATOM   538  C  C8    . G   B 2 12 ? 7.240   -0.455  -9.670  1.00 48.04  ? 13  G   B C8    1 
ATOM   539  N  N7    . G   B 2 12 ? 7.657   -1.694  -9.676  1.00 43.03  ? 13  G   B N7    1 
ATOM   540  C  C5    . G   B 2 12 ? 8.644   -1.722  -8.705  1.00 45.46  ? 13  G   B C5    1 
ATOM   541  C  C6    . G   B 2 12 ? 9.451   -2.786  -8.255  1.00 47.21  ? 13  G   B C6    1 
ATOM   542  O  O6    . G   B 2 12 ? 9.477   -3.960  -8.655  1.00 49.00  ? 13  G   B O6    1 
ATOM   543  N  N1    . G   B 2 12 ? 10.301  -2.386  -7.231  1.00 47.89  ? 13  G   B N1    1 
ATOM   544  C  C2    . G   B 2 12 ? 10.368  -1.124  -6.710  1.00 47.69  ? 13  G   B C2    1 
ATOM   545  N  N2    . G   B 2 12 ? 11.233  -0.955  -5.698  1.00 50.01  ? 13  G   B N2    1 
ATOM   546  N  N3    . G   B 2 12 ? 9.635   -0.109  -7.139  1.00 46.99  ? 13  G   B N3    1 
ATOM   547  C  C4    . G   B 2 12 ? 8.797   -0.482  -8.125  1.00 47.10  ? 13  G   B C4    1 
HETATM 548  P  P     . S9L B 2 13 ? 9.746   4.339   -12.023 1.00 71.73  ? 14  S9L B P     1 
HETATM 549  O  O1P   . S9L B 2 13 ? 9.942   5.820   -12.196 1.00 72.54  ? 14  S9L B O1P   1 
HETATM 550  O  O2P   . S9L B 2 13 ? 9.189   3.382   -12.952 1.00 70.08  ? 14  S9L B O2P   1 
HETATM 551  O  "O5'" . S9L B 2 13 ? 10.972  3.941   -11.043 1.00 79.93  ? 14  S9L B "O5'" 1 
HETATM 552  C  C12   . S9L B 2 13 ? 11.325  4.712   -9.875  1.00 86.97  ? 14  S9L B C12   1 
HETATM 553  C  C22   . S9L B 2 13 ? 12.847  4.936   -9.810  1.00 94.99  ? 14  S9L B C22   1 
HETATM 554  O  OH3   . S9L B 2 13 ? 13.165  6.161   -10.481 1.00 100.68 ? 14  S9L B OH3   1 
HETATM 555  C  C13   . S9L B 2 13 ? 14.834  6.978   -12.076 1.00 104.33 ? 14  S9L B C13   1 
HETATM 556  C  C23   . S9L B 2 13 ? 13.765  5.909   -11.765 1.00 104.21 ? 14  S9L B C23   1 
HETATM 557  O  OH4   . S9L B 2 13 ? 15.608  7.261   -10.898 1.00 103.36 ? 14  S9L B OH4   1 
HETATM 558  C  C14   . S9L B 2 13 ? 17.364  6.339   -9.472  1.00 93.01  ? 14  S9L B C14   1 
HETATM 559  C  C24   . S9L B 2 13 ? 16.870  6.570   -10.913 1.00 97.83  ? 14  S9L B C24   1 
HETATM 560  O  "O3'" . S9L B 2 13 ? 17.056  7.488   -8.675  1.00 79.14  ? 14  S9L B "O3'" 1 
ATOM   561  P  P     . G   B 2 14 ? 16.363  8.341   -7.501  1.00 71.97  ? 15  G   B P     1 
ATOM   562  O  OP1   . G   B 2 14 ? 15.220  7.584   -6.923  1.00 73.57  ? 15  G   B OP1   1 
ATOM   563  O  OP2   . G   B 2 14 ? 16.135  9.703   -8.035  1.00 76.21  ? 15  G   B OP2   1 
ATOM   564  O  "O5'" . G   B 2 14 ? 17.500  8.442   -6.389  1.00 74.59  ? 15  G   B "O5'" 1 
ATOM   565  C  "C5'" . G   B 2 14 ? 18.430  7.381   -6.185  1.00 63.88  ? 15  G   B "C5'" 1 
ATOM   566  C  "C4'" . G   B 2 14 ? 19.284  7.680   -4.983  1.00 59.84  ? 15  G   B "C4'" 1 
ATOM   567  O  "O4'" . G   B 2 14 ? 20.146  8.815   -5.256  1.00 61.01  ? 15  G   B "O4'" 1 
ATOM   568  C  "C3'" . G   B 2 14 ? 18.499  8.087   -3.755  1.00 58.72  ? 15  G   B "C3'" 1 
ATOM   569  O  "O3'" . G   B 2 14 ? 18.118  6.914   -3.055  1.00 57.98  ? 15  G   B "O3'" 1 
ATOM   570  C  "C2'" . G   B 2 14 ? 19.529  8.885   -2.965  1.00 59.02  ? 15  G   B "C2'" 1 
ATOM   571  O  "O2'" . G   B 2 14 ? 20.409  8.041   -2.256  1.00 60.42  ? 15  G   B "O2'" 1 
ATOM   572  C  "C1'" . G   B 2 14 ? 20.294  9.599   -4.082  1.00 58.49  ? 15  G   B "C1'" 1 
ATOM   573  N  N9    . G   B 2 14 ? 19.788  10.941  -4.355  1.00 58.91  ? 15  G   B N9    1 
ATOM   574  C  C8    . G   B 2 14 ? 19.039  11.339  -5.436  1.00 58.54  ? 15  G   B C8    1 
ATOM   575  N  N7    . G   B 2 14 ? 18.703  12.599  -5.394  1.00 56.84  ? 15  G   B N7    1 
ATOM   576  C  C5    . G   B 2 14 ? 19.272  13.065  -4.219  1.00 58.57  ? 15  G   B C5    1 
ATOM   577  C  C6    . G   B 2 14 ? 19.249  14.358  -3.641  1.00 59.21  ? 15  G   B C6    1 
ATOM   578  O  O6    . G   B 2 14 ? 18.697  15.380  -4.067  1.00 59.02  ? 15  G   B O6    1 
ATOM   579  N  N1    . G   B 2 14 ? 19.966  14.400  -2.450  1.00 58.41  ? 15  G   B N1    1 
ATOM   580  C  C2    . G   B 2 14 ? 20.628  13.335  -1.891  1.00 60.21  ? 15  G   B C2    1 
ATOM   581  N  N2    . G   B 2 14 ? 21.300  13.582  -0.755  1.00 60.28  ? 15  G   B N2    1 
ATOM   582  N  N3    . G   B 2 14 ? 20.643  12.117  -2.412  1.00 60.51  ? 15  G   B N3    1 
ATOM   583  C  C4    . G   B 2 14 ? 19.952  12.056  -3.570  1.00 58.56  ? 15  G   B C4    1 
ATOM   584  P  P     . G   B 2 15 ? 16.863  6.949   -2.061  1.00 55.82  ? 16  G   B P     1 
ATOM   585  O  OP1   . G   B 2 15 ? 16.560  5.529   -1.765  1.00 63.77  ? 16  G   B OP1   1 
ATOM   586  O  OP2   . G   B 2 15 ? 15.804  7.842   -2.598  1.00 57.38  ? 16  G   B OP2   1 
ATOM   587  O  "O5'" . G   B 2 15 ? 17.417  7.626   -0.739  1.00 60.46  ? 16  G   B "O5'" 1 
ATOM   588  C  "C5'" . G   B 2 15 ? 18.390  6.979   0.069   1.00 58.61  ? 16  G   B "C5'" 1 
ATOM   589  C  "C4'" . G   B 2 15 ? 18.725  7.870   1.230   1.00 63.55  ? 16  G   B "C4'" 1 
ATOM   590  O  "O4'" . G   B 2 15 ? 19.451  9.029   0.740   1.00 64.23  ? 16  G   B "O4'" 1 
ATOM   591  C  "C3'" . G   B 2 15 ? 17.511  8.471   1.911   1.00 62.02  ? 16  G   B "C3'" 1 
ATOM   592  O  "O3'" . G   B 2 15 ? 16.948  7.608   2.871   1.00 61.06  ? 16  G   B "O3'" 1 
ATOM   593  C  "C2'" . G   B 2 15 ? 18.091  9.714   2.554   1.00 63.84  ? 16  G   B "C2'" 1 
ATOM   594  O  "O2'" . G   B 2 15 ? 18.814  9.393   3.722   1.00 67.92  ? 16  G   B "O2'" 1 
ATOM   595  C  "C1'" . G   B 2 15 ? 19.055  10.178  1.466   1.00 66.51  ? 16  G   B "C1'" 1 
ATOM   596  N  N9    . G   B 2 15 ? 18.402  11.097  0.536   1.00 68.07  ? 16  G   B N9    1 
ATOM   597  C  C8    . G   B 2 15 ? 17.762  10.775  -0.636  1.00 67.86  ? 16  G   B C8    1 
ATOM   598  N  N7    . G   B 2 15 ? 17.286  11.819  -1.260  1.00 69.35  ? 16  G   B N7    1 
ATOM   599  C  C5    . G   B 2 15 ? 17.635  12.893  -0.455  1.00 69.58  ? 16  G   B C5    1 
ATOM   600  C  C6    . G   B 2 15 ? 17.403  14.291  -0.621  1.00 71.01  ? 16  G   B C6    1 
ATOM   601  O  O6    . G   B 2 15 ? 16.847  14.879  -1.554  1.00 71.26  ? 16  G   B O6    1 
ATOM   602  N  N1    . G   B 2 15 ? 17.909  15.023  0.446   1.00 71.99  ? 16  G   B N1    1 
ATOM   603  C  C2    . G   B 2 15 ? 18.566  14.490  1.525   1.00 71.63  ? 16  G   B C2    1 
ATOM   604  N  N2    . G   B 2 15 ? 18.971  15.364  2.453   1.00 73.00  ? 16  G   B N2    1 
ATOM   605  N  N3    . G   B 2 15 ? 18.807  13.197  1.684   1.00 69.31  ? 16  G   B N3    1 
ATOM   606  C  C4    . G   B 2 15 ? 18.314  12.463  0.665   1.00 68.44  ? 16  G   B C4    1 
ATOM   607  P  P     . C   B 2 16 ? 15.397  7.756   3.239   1.00 58.86  ? 17  C   B P     1 
ATOM   608  O  OP1   . C   B 2 16 ? 15.087  6.654   4.182   1.00 58.74  ? 17  C   B OP1   1 
ATOM   609  O  OP2   . C   B 2 16 ? 14.638  7.892   1.967   1.00 63.06  ? 17  C   B OP2   1 
ATOM   610  O  "O5'" . C   B 2 16 ? 15.293  9.143   4.010   1.00 60.70  ? 17  C   B "O5'" 1 
ATOM   611  C  "C5'" . C   B 2 16 ? 15.827  9.286   5.318   1.00 65.22  ? 17  C   B "C5'" 1 
ATOM   612  C  "C4'" . C   B 2 16 ? 15.700  10.715  5.770   1.00 66.53  ? 17  C   B "C4'" 1 
ATOM   613  O  "O4'" . C   B 2 16 ? 16.477  11.553  4.873   1.00 68.45  ? 17  C   B "O4'" 1 
ATOM   614  C  "C3'" . C   B 2 16 ? 14.306  11.302  5.673   1.00 64.68  ? 17  C   B "C3'" 1 
ATOM   615  O  "O3'" . C   B 2 16 ? 13.489  10.995  6.779   1.00 69.16  ? 17  C   B "O3'" 1 
ATOM   616  C  "C2'" . C   B 2 16 ? 14.596  12.786  5.600   1.00 65.19  ? 17  C   B "C2'" 1 
ATOM   617  O  "O2'" . C   B 2 16 ? 14.961  13.291  6.865   1.00 60.62  ? 17  C   B "O2'" 1 
ATOM   618  C  "C1'" . C   B 2 16 ? 15.813  12.793  4.682   1.00 65.43  ? 17  C   B "C1'" 1 
ATOM   619  N  N1    . C   B 2 16 ? 15.386  12.884  3.275   1.00 65.27  ? 17  C   B N1    1 
ATOM   620  C  C2    . C   B 2 16 ? 15.093  14.146  2.742   1.00 63.36  ? 17  C   B C2    1 
ATOM   621  O  O2    . C   B 2 16 ? 15.212  15.137  3.463   1.00 64.41  ? 17  C   B O2    1 
ATOM   622  N  N3    . C   B 2 16 ? 14.685  14.249  1.463   1.00 63.55  ? 17  C   B N3    1 
ATOM   623  C  C4    . C   B 2 16 ? 14.563  13.155  0.714   1.00 63.14  ? 17  C   B C4    1 
ATOM   624  N  N4    . C   B 2 16 ? 14.145  13.306  -0.537  1.00 62.62  ? 17  C   B N4    1 
ATOM   625  C  C5    . C   B 2 16 ? 14.864  11.853  1.224   1.00 63.85  ? 17  C   B C5    1 
ATOM   626  C  C6    . C   B 2 16 ? 15.267  11.764  2.499   1.00 63.33  ? 17  C   B C6    1 
ATOM   627  P  P     . A   B 2 17 ? 11.899  11.001  6.590   1.00 71.89  ? 18  A   B P     1 
ATOM   628  O  OP1   . A   B 2 17 ? 11.288  10.568  7.876   1.00 74.09  ? 18  A   B OP1   1 
ATOM   629  O  OP2   . A   B 2 17 ? 11.598  10.262  5.338   1.00 72.01  ? 18  A   B OP2   1 
ATOM   630  O  "O5'" . A   B 2 17 ? 11.538  12.531  6.335   1.00 70.47  ? 18  A   B "O5'" 1 
ATOM   631  C  "C5'" . A   B 2 17 ? 11.623  13.470  7.394   1.00 65.13  ? 18  A   B "C5'" 1 
ATOM   632  C  "C4'" . A   B 2 17 ? 11.150  14.826  6.939   1.00 65.23  ? 18  A   B "C4'" 1 
ATOM   633  O  "O4'" . A   B 2 17 ? 12.021  15.313  5.879   1.00 64.98  ? 18  A   B "O4'" 1 
ATOM   634  C  "C3'" . A   B 2 17 ? 9.783   14.837  6.291   1.00 66.57  ? 18  A   B "C3'" 1 
ATOM   635  O  "O3'" . A   B 2 17 ? 8.743   14.864  7.239   1.00 71.96  ? 18  A   B "O3'" 1 
ATOM   636  C  "C2'" . A   B 2 17 ? 9.830   16.111  5.470   1.00 67.64  ? 18  A   B "C2'" 1 
ATOM   637  O  "O2'" . A   B 2 17 ? 9.654   17.248  6.290   1.00 74.04  ? 18  A   B "O2'" 1 
ATOM   638  C  "C1'" . A   B 2 17 ? 11.263  16.070  4.951   1.00 63.48  ? 18  A   B "C1'" 1 
ATOM   639  N  N9    . A   B 2 17 ? 11.305  15.408  3.650   1.00 61.97  ? 18  A   B N9    1 
ATOM   640  C  C8    . A   B 2 17 ? 11.673  14.123  3.325   1.00 60.08  ? 18  A   B C8    1 
ATOM   641  N  N7    . A   B 2 17 ? 11.553  13.849  2.044   1.00 58.64  ? 18  A   B N7    1 
ATOM   642  C  C5    . A   B 2 17 ? 11.078  15.034  1.492   1.00 57.82  ? 18  A   B C5    1 
ATOM   643  C  C6    . A   B 2 17 ? 10.735  15.405  0.174   1.00 55.69  ? 18  A   B C6    1 
ATOM   644  N  N6    . A   B 2 17 ? 10.821  14.592  -0.876  1.00 55.67  ? 18  A   B N6    1 
ATOM   645  N  N1    . A   B 2 17 ? 10.294  16.662  -0.029  1.00 56.12  ? 18  A   B N1    1 
ATOM   646  C  C2    . A   B 2 17 ? 10.204  17.489  1.019   1.00 59.12  ? 18  A   B C2    1 
ATOM   647  N  N3    . A   B 2 17 ? 10.495  17.262  2.301   1.00 60.25  ? 18  A   B N3    1 
ATOM   648  C  C4    . A   B 2 17 ? 10.930  16.001  2.471   1.00 60.01  ? 18  A   B C4    1 
ATOM   649  P  P     . G   B 2 18 ? 7.294   14.310  6.824   1.00 77.07  ? 19  G   B P     1 
ATOM   650  O  OP1   . G   B 2 18 ? 6.477   14.282  8.070   1.00 73.30  ? 19  G   B OP1   1 
ATOM   651  O  OP2   . G   B 2 18 ? 7.492   13.057  6.045   1.00 76.54  ? 19  G   B OP2   1 
ATOM   652  O  "O5'" . G   B 2 18 ? 6.734   15.437  5.842   1.00 73.68  ? 19  G   B "O5'" 1 
ATOM   653  C  "C5'" . G   B 2 18 ? 6.530   16.758  6.324   1.00 69.92  ? 19  G   B "C5'" 1 
ATOM   654  C  "C4'" . G   B 2 18 ? 6.063   17.680  5.224   1.00 68.76  ? 19  G   B "C4'" 1 
ATOM   655  O  "O4'" . G   B 2 18 ? 7.109   17.807  4.225   1.00 70.11  ? 19  G   B "O4'" 1 
ATOM   656  C  "C3'" . G   B 2 18 ? 4.867   17.208  4.416   1.00 71.34  ? 19  G   B "C3'" 1 
ATOM   657  O  "O3'" . G   B 2 18 ? 3.633   17.463  5.061   1.00 76.99  ? 19  G   B "O3'" 1 
ATOM   658  C  "C2'" . G   B 2 18 ? 5.015   18.014  3.137   1.00 70.48  ? 19  G   B "C2'" 1 
ATOM   659  O  "O2'" . G   B 2 18 ? 4.648   19.362  3.326   1.00 71.21  ? 19  G   B "O2'" 1 
ATOM   660  C  "C1'" . G   B 2 18 ? 6.523   17.977  2.942   1.00 68.22  ? 19  G   B "C1'" 1 
ATOM   661  N  N9    . G   B 2 18 ? 6.903   16.863  2.090   1.00 66.99  ? 19  G   B N9    1 
ATOM   662  C  C8    . G   B 2 18 ? 7.490   15.680  2.465   1.00 67.70  ? 19  G   B C8    1 
ATOM   663  N  N7    . G   B 2 18 ? 7.718   14.882  1.456   1.00 68.72  ? 19  G   B N7    1 
ATOM   664  C  C5    . G   B 2 18 ? 7.251   15.583  0.352   1.00 66.28  ? 19  G   B C5    1 
ATOM   665  C  C6    . G   B 2 18 ? 7.238   15.234  -1.020  1.00 66.17  ? 19  G   B C6    1 
ATOM   666  O  O6    . G   B 2 18 ? 7.661   14.207  -1.559  1.00 68.63  ? 19  G   B O6    1 
ATOM   667  N  N1    . G   B 2 18 ? 6.658   16.228  -1.794  1.00 65.87  ? 19  G   B N1    1 
ATOM   668  C  C2    . G   B 2 18 ? 6.159   17.408  -1.316  1.00 65.68  ? 19  G   B C2    1 
ATOM   669  N  N2    . G   B 2 18 ? 5.624   18.225  -2.229  1.00 66.11  ? 19  G   B N2    1 
ATOM   670  N  N3    . G   B 2 18 ? 6.179   17.756  -0.042  1.00 66.24  ? 19  G   B N3    1 
ATOM   671  C  C4    . G   B 2 18 ? 6.737   16.802  0.730   1.00 66.35  ? 19  G   B C4    1 
ATOM   672  P  P     . A   B 2 19 ? 2.383   16.485  4.793   1.00 81.77  ? 20  A   B P     1 
ATOM   673  O  OP1   . A   B 2 19 ? 1.217   17.071  5.508   1.00 79.80  ? 20  A   B OP1   1 
ATOM   674  O  OP2   . A   B 2 19 ? 2.815   15.097  5.114   1.00 82.72  ? 20  A   B OP2   1 
ATOM   675  O  "O5'" . A   B 2 19 ? 2.128   16.595  3.216   1.00 79.33  ? 20  A   B "O5'" 1 
ATOM   676  C  "C5'" . A   B 2 19 ? 1.541   17.772  2.662   1.00 72.43  ? 20  A   B "C5'" 1 
ATOM   677  C  "C4'" . A   B 2 19 ? 1.512   17.722  1.144   1.00 71.09  ? 20  A   B "C4'" 1 
ATOM   678  O  "O4'" . A   B 2 19 ? 2.859   17.512  0.639   1.00 69.55  ? 20  A   B "O4'" 1 
ATOM   679  C  "C3'" . A   B 2 19 ? 0.712   16.590  0.517   1.00 70.39  ? 20  A   B "C3'" 1 
ATOM   680  O  "O3'" . A   B 2 19 ? -0.674  16.883  0.428   1.00 71.12  ? 20  A   B "O3'" 1 
ATOM   681  C  "C2'" . A   B 2 19 ? 1.342   16.467  -0.864  1.00 67.54  ? 20  A   B "C2'" 1 
ATOM   682  O  "O2'" . A   B 2 19 ? 0.875   17.411  -1.801  1.00 67.75  ? 20  A   B "O2'" 1 
ATOM   683  C  "C1'" . A   B 2 19 ? 2.807   16.735  -0.548  1.00 66.16  ? 20  A   B "C1'" 1 
ATOM   684  N  N9    . A   B 2 19 ? 3.509   15.480  -0.325  1.00 63.83  ? 20  A   B N9    1 
ATOM   685  C  C8    . A   B 2 19 ? 3.950   14.916  0.849   1.00 62.76  ? 20  A   B C8    1 
ATOM   686  N  N7    . A   B 2 19 ? 4.519   13.747  0.686   1.00 61.55  ? 20  A   B N7    1 
ATOM   687  C  C5    . A   B 2 19 ? 4.450   13.531  -0.683  1.00 59.45  ? 20  A   B C5    1 
ATOM   688  C  C6    . A   B 2 19 ? 4.878   12.479  -1.493  1.00 58.72  ? 20  A   B C6    1 
ATOM   689  N  N6    . A   B 2 19 ? 5.474   11.386  -1.026  1.00 56.21  ? 20  A   B N6    1 
ATOM   690  N  N1    . A   B 2 19 ? 4.669   12.583  -2.824  1.00 60.62  ? 20  A   B N1    1 
ATOM   691  C  C2    . A   B 2 19 ? 4.067   13.679  -3.295  1.00 61.08  ? 20  A   B C2    1 
ATOM   692  N  N3    . A   B 2 19 ? 3.616   14.736  -2.633  1.00 61.08  ? 20  A   B N3    1 
ATOM   693  C  C4    . A   B 2 19 ? 3.841   14.595  -1.317  1.00 61.07  ? 20  A   B C4    1 
ATOM   694  P  P     . G   B 2 20 ? -1.743  15.698  0.615   1.00 75.08  ? 21  G   B P     1 
ATOM   695  O  OP1   . G   B 2 20 ? -3.112  16.252  0.461   1.00 77.41  ? 21  G   B OP1   1 
ATOM   696  O  OP2   . G   B 2 20 ? -1.372  14.973  1.866   1.00 71.56  ? 21  G   B OP2   1 
ATOM   697  O  "O5'" . G   B 2 20 ? -1.491  14.743  -0.637  1.00 73.77  ? 21  G   B "O5'" 1 
ATOM   698  C  "C5'" . G   B 2 20 ? -1.784  15.196  -1.951  1.00 70.01  ? 21  G   B "C5'" 1 
ATOM   699  C  "C4'" . G   B 2 20 ? -1.354  14.174  -2.976  1.00 69.67  ? 21  G   B "C4'" 1 
ATOM   700  O  "O4'" . G   B 2 20 ? 0.083   13.984  -2.888  1.00 69.38  ? 21  G   B "O4'" 1 
ATOM   701  C  "C3'" . G   B 2 20 ? -1.921  12.776  -2.805  1.00 67.25  ? 21  G   B "C3'" 1 
ATOM   702  O  "O3'" . G   B 2 20 ? -3.186  12.667  -3.425  1.00 70.61  ? 21  G   B "O3'" 1 
ATOM   703  C  "C2'" . G   B 2 20 ? -0.897  11.934  -3.549  1.00 66.37  ? 21  G   B "C2'" 1 
ATOM   704  O  "O2'" . G   B 2 20 ? -1.053  12.044  -4.950  1.00 64.99  ? 21  G   B "O2'" 1 
ATOM   705  C  "C1'" . G   B 2 20 ? 0.402   12.633  -3.162  1.00 63.54  ? 21  G   B "C1'" 1 
ATOM   706  N  N9    . G   B 2 20 ? 1.022   12.053  -1.975  1.00 58.25  ? 21  G   B N9    1 
ATOM   707  C  C8    . G   B 2 20 ? 0.869   12.461  -0.667  1.00 56.14  ? 21  G   B C8    1 
ATOM   708  N  N7    . G   B 2 20 ? 1.578   11.754  0.175   1.00 55.33  ? 21  G   B N7    1 
ATOM   709  C  C5    . G   B 2 20 ? 2.233   10.821  -0.627  1.00 55.28  ? 21  G   B C5    1 
ATOM   710  C  C6    . G   B 2 20 ? 3.155   9.787   -0.284  1.00 51.72  ? 21  G   B C6    1 
ATOM   711  O  O6    . G   B 2 20 ? 3.606   9.497   0.830   1.00 52.30  ? 21  G   B O6    1 
ATOM   712  N  N1    . G   B 2 20 ? 3.562   9.067   -1.406  1.00 48.48  ? 21  G   B N1    1 
ATOM   713  C  C2    . G   B 2 20 ? 3.160   9.317   -2.693  1.00 49.55  ? 21  G   B C2    1 
ATOM   714  N  N2    . G   B 2 20 ? 3.678   8.517   -3.639  1.00 46.09  ? 21  G   B N2    1 
ATOM   715  N  N3    . G   B 2 20 ? 2.315   10.284  -3.029  1.00 51.86  ? 21  G   B N3    1 
ATOM   716  C  C4    . G   B 2 20 ? 1.893   10.988  -1.954  1.00 54.51  ? 21  G   B C4    1 
ATOM   717  P  P     . A   B 2 21 ? -4.448  12.155  -2.574  1.00 71.06  ? 22  A   B P     1 
ATOM   718  O  OP1   . A   B 2 21 ? -5.053  13.339  -1.916  1.00 73.32  ? 22  A   B OP1   1 
ATOM   719  O  OP2   . A   B 2 21 ? -4.045  10.984  -1.751  1.00 71.50  ? 22  A   B OP2   1 
ATOM   720  O  "O5'" . A   B 2 21 ? -5.444  11.646  -3.700  1.00 68.01  ? 22  A   B "O5'" 1 
ATOM   721  C  "C5'" . A   B 2 21 ? -5.333  10.338  -4.235  1.00 65.18  ? 22  A   B "C5'" 1 
ATOM   722  C  "C4'" . A   B 2 21 ? -4.913  10.409  -5.676  1.00 65.75  ? 22  A   B "C4'" 1 
ATOM   723  O  "O4'" . A   B 2 21 ? -3.483  10.680  -5.759  1.00 64.54  ? 22  A   B "O4'" 1 
ATOM   724  C  "C3'" . A   B 2 21 ? -5.085  9.108   -6.432  1.00 65.47  ? 22  A   B "C3'" 1 
ATOM   725  O  "O3'" . A   B 2 21 ? -6.423  9.009   -6.891  1.00 67.82  ? 22  A   B "O3'" 1 
ATOM   726  C  "C2'" . A   B 2 21 ? -4.083  9.259   -7.569  1.00 65.10  ? 22  A   B "C2'" 1 
ATOM   727  O  "O2'" . A   B 2 21 ? -4.565  10.050  -8.632  1.00 66.25  ? 22  A   B "O2'" 1 
ATOM   728  C  "C1'" . A   B 2 21 ? -2.927  9.976   -6.864  1.00 62.81  ? 22  A   B "C1'" 1 
ATOM   729  N  N9    . A   B 2 21 ? -1.940  9.018   -6.361  1.00 60.37  ? 22  A   B N9    1 
ATOM   730  C  C8    . A   B 2 21 ? -1.669  8.682   -5.058  1.00 59.92  ? 22  A   B C8    1 
ATOM   731  N  N7    . A   B 2 21 ? -0.756  7.746   -4.933  1.00 59.23  ? 22  A   B N7    1 
ATOM   732  C  C5    . A   B 2 21 ? -0.401  7.450   -6.243  1.00 58.68  ? 22  A   B C5    1 
ATOM   733  C  C6    . A   B 2 21 ? 0.509   6.526   -6.793  1.00 58.28  ? 22  A   B C6    1 
ATOM   734  N  N6    . A   B 2 21 ? 1.250   5.692   -6.065  1.00 59.58  ? 22  A   B N6    1 
ATOM   735  N  N1    . A   B 2 21 ? 0.630   6.484   -8.137  1.00 59.22  ? 22  A   B N1    1 
ATOM   736  C  C2    . A   B 2 21 ? -0.115  7.318   -8.869  1.00 58.99  ? 22  A   B C2    1 
ATOM   737  N  N3    . A   B 2 21 ? -1.007  8.225   -8.471  1.00 60.33  ? 22  A   B N3    1 
ATOM   738  C  C4    . A   B 2 21 ? -1.106  8.239   -7.130  1.00 59.48  ? 22  A   B C4    1 
ATOM   739  P  P     . A   B 2 22 ? -7.141  7.574   -6.938  1.00 71.46  ? 23  A   B P     1 
ATOM   740  O  OP1   . A   B 2 22 ? -8.515  7.752   -7.464  1.00 72.11  ? 23  A   B OP1   1 
ATOM   741  O  OP2   . A   B 2 22 ? -6.936  6.926   -5.621  1.00 67.93  ? 23  A   B OP2   1 
ATOM   742  O  "O5'" . A   B 2 22 ? -6.317  6.791   -8.045  1.00 69.24  ? 23  A   B "O5'" 1 
ATOM   743  C  "C5'" . A   B 2 22 ? -6.207  7.320   -9.358  1.00 63.84  ? 23  A   B "C5'" 1 
ATOM   744  C  "C4'" . A   B 2 22 ? -5.256  6.483   -10.160 1.00 63.25  ? 23  A   B "C4'" 1 
ATOM   745  O  "O4'" . A   B 2 22 ? -3.914  6.638   -9.628  1.00 62.25  ? 23  A   B "O4'" 1 
ATOM   746  C  "C3'" . A   B 2 22 ? -5.528  4.997   -10.045 1.00 62.79  ? 23  A   B "C3'" 1 
ATOM   747  O  "O3'" . A   B 2 22 ? -6.522  4.623   -10.978 1.00 62.35  ? 23  A   B "O3'" 1 
ATOM   748  C  "C2'" . A   B 2 22 ? -4.174  4.394   -10.376 1.00 60.62  ? 23  A   B "C2'" 1 
ATOM   749  O  "O2'" . A   B 2 22 ? -3.950  4.329   -11.765 1.00 61.70  ? 23  A   B "O2'" 1 
ATOM   750  C  "C1'" . A   B 2 22 ? -3.224  5.406   -9.724  1.00 61.66  ? 23  A   B "C1'" 1 
ATOM   751  N  N9    . A   B 2 22 ? -2.833  5.002   -8.377  1.00 58.78  ? 23  A   B N9    1 
ATOM   752  C  C8    . A   B 2 22 ? -3.301  5.495   -7.186  1.00 58.50  ? 23  A   B C8    1 
ATOM   753  N  N7    . A   B 2 22 ? -2.811  4.885   -6.134  1.00 56.04  ? 23  A   B N7    1 
ATOM   754  C  C5    . A   B 2 22 ? -1.954  3.937   -6.671  1.00 53.85  ? 23  A   B C5    1 
ATOM   755  C  C6    . A   B 2 22 ? -1.154  2.956   -6.080  1.00 52.75  ? 23  A   B C6    1 
ATOM   756  N  N6    . A   B 2 22 ? -1.094  2.753   -4.758  1.00 50.28  ? 23  A   B N6    1 
ATOM   757  N  N1    . A   B 2 22 ? -0.414  2.172   -6.896  1.00 51.54  ? 23  A   B N1    1 
ATOM   758  C  C2    . A   B 2 22 ? -0.490  2.369   -8.215  1.00 52.44  ? 23  A   B C2    1 
ATOM   759  N  N3    . A   B 2 22 ? -1.216  3.256   -8.891  1.00 54.58  ? 23  A   B N3    1 
ATOM   760  C  C4    . A   B 2 22 ? -1.937  4.016   -8.048  1.00 54.62  ? 23  A   B C4    1 
ATOM   761  P  P     . A   B 2 23 ? -7.291  3.234   -10.800 1.00 62.77  ? 24  A   B P     1 
ATOM   762  O  OP1   . A   B 2 23 ? -8.153  3.068   -11.997 1.00 70.99  ? 24  A   B OP1   1 
ATOM   763  O  OP2   . A   B 2 23 ? -7.897  3.184   -9.445  1.00 60.42  ? 24  A   B OP2   1 
ATOM   764  O  "O5'" . A   B 2 23 ? -6.132  2.150   -10.898 1.00 62.82  ? 24  A   B "O5'" 1 
ATOM   765  C  "C5'" . A   B 2 23 ? -5.548  1.812   -12.151 1.00 58.75  ? 24  A   B "C5'" 1 
ATOM   766  C  "C4'" . A   B 2 23 ? -4.567  0.679   -11.969 1.00 60.10  ? 24  A   B "C4'" 1 
ATOM   767  O  "O4'" . A   B 2 23 ? -3.484  1.123   -11.107 1.00 59.59  ? 24  A   B "O4'" 1 
ATOM   768  C  "C3'" . A   B 2 23 ? -5.128  -0.555  -11.282 1.00 58.46  ? 24  A   B "C3'" 1 
ATOM   769  O  "O3'" . A   B 2 23 ? -5.733  -1.422  -12.229 1.00 57.25  ? 24  A   B "O3'" 1 
ATOM   770  C  "C2'" . A   B 2 23 ? -3.877  -1.184  -10.686 1.00 59.71  ? 24  A   B "C2'" 1 
ATOM   771  O  "O2'" . A   B 2 23 ? -3.138  -1.936  -11.625 1.00 62.49  ? 24  A   B "O2'" 1 
ATOM   772  C  "C1'" . A   B 2 23 ? -3.091  0.060   -10.260 1.00 59.98  ? 24  A   B "C1'" 1 
ATOM   773  N  N9    . A   B 2 23 ? -3.416  0.449   -8.891  1.00 59.15  ? 24  A   B N9    1 
ATOM   774  C  C8    . A   B 2 23 ? -4.252  1.455   -8.476  1.00 56.31  ? 24  A   B C8    1 
ATOM   775  N  N7    . A   B 2 23 ? -4.354  1.551   -7.174  1.00 54.61  ? 24  A   B N7    1 
ATOM   776  C  C5    . A   B 2 23 ? -3.530  0.544   -6.700  1.00 54.72  ? 24  A   B C5    1 
ATOM   777  C  C6    . A   B 2 23 ? -3.209  0.122   -5.407  1.00 55.13  ? 24  A   B C6    1 
ATOM   778  N  N6    . A   B 2 23 ? -3.721  0.672   -4.302  1.00 52.07  ? 24  A   B N6    1 
ATOM   779  N  N1    . A   B 2 23 ? -2.337  -0.904  -5.281  1.00 56.15  ? 24  A   B N1    1 
ATOM   780  C  C2    . A   B 2 23 ? -1.843  -1.468  -6.393  1.00 54.82  ? 24  A   B C2    1 
ATOM   781  N  N3    . A   B 2 23 ? -2.080  -1.168  -7.662  1.00 55.24  ? 24  A   B N3    1 
ATOM   782  C  C4    . A   B 2 23 ? -2.940  -0.139  -7.748  1.00 56.71  ? 24  A   B C4    1 
ATOM   783  P  P     . C   B 2 24 ? -6.874  -2.451  -11.756 1.00 59.23  ? 25  C   B P     1 
ATOM   784  O  OP1   . C   B 2 24 ? -7.100  -3.396  -12.880 1.00 58.62  ? 25  C   B OP1   1 
ATOM   785  O  OP2   . C   B 2 24 ? -8.018  -1.673  -11.199 1.00 56.85  ? 25  C   B OP2   1 
ATOM   786  O  "O5'" . C   B 2 24 ? -6.199  -3.285  -10.578 1.00 58.36  ? 25  C   B "O5'" 1 
ATOM   787  C  "C5'" . C   B 2 24 ? -5.257  -4.315  -10.857 1.00 52.44  ? 25  C   B "C5'" 1 
ATOM   788  C  "C4'" . C   B 2 24 ? -4.768  -4.940  -9.566  1.00 56.07  ? 25  C   B "C4'" 1 
ATOM   789  O  "O4'" . C   B 2 24 ? -4.161  -3.913  -8.736  1.00 56.09  ? 25  C   B "O4'" 1 
ATOM   790  C  "C3'" . C   B 2 24 ? -5.847  -5.538  -8.681  1.00 53.95  ? 25  C   B "C3'" 1 
ATOM   791  O  "O3'" . C   B 2 24 ? -6.115  -6.876  -9.079  1.00 54.15  ? 25  C   B "O3'" 1 
ATOM   792  C  "C2'" . C   B 2 24 ? -5.198  -5.497  -7.307  1.00 52.86  ? 25  C   B "C2'" 1 
ATOM   793  O  "O2'" . C   B 2 24 ? -4.285  -6.548  -7.123  1.00 54.26  ? 25  C   B "O2'" 1 
ATOM   794  C  "C1'" . C   B 2 24 ? -4.427  -4.182  -7.374  1.00 52.82  ? 25  C   B "C1'" 1 
ATOM   795  N  N1    . C   B 2 24 ? -5.170  -3.050  -6.818  1.00 53.34  ? 25  C   B N1    1 
ATOM   796  C  C2    . C   B 2 24 ? -5.217  -2.895  -5.432  1.00 52.47  ? 25  C   B C2    1 
ATOM   797  O  O2    . C   B 2 24 ? -4.634  -3.716  -4.725  1.00 55.85  ? 25  C   B O2    1 
ATOM   798  N  N3    . C   B 2 24 ? -5.898  -1.861  -4.902  1.00 52.43  ? 25  C   B N3    1 
ATOM   799  C  C4    . C   B 2 24 ? -6.519  -0.997  -5.703  1.00 51.44  ? 25  C   B C4    1 
ATOM   800  N  N4    . C   B 2 24 ? -7.183  0.011   -5.135  1.00 51.02  ? 25  C   B N4    1 
ATOM   801  C  C5    . C   B 2 24 ? -6.487  -1.128  -7.122  1.00 51.13  ? 25  C   B C5    1 
ATOM   802  C  C6    . C   B 2 24 ? -5.806  -2.161  -7.633  1.00 52.02  ? 25  C   B C6    1 
ATOM   803  P  P     . A   B 2 25 ? -7.458  -7.606  -8.578  1.00 54.11  ? 26  A   B P     1 
ATOM   804  O  OP1   . A   B 2 25 ? -7.420  -8.992  -9.118  1.00 52.52  ? 26  A   B OP1   1 
ATOM   805  O  OP2   . A   B 2 25 ? -8.632  -6.736  -8.862  1.00 57.70  ? 26  A   B OP2   1 
ATOM   806  O  "O5'" . A   B 2 25 ? -7.290  -7.689  -6.999  1.00 51.62  ? 26  A   B "O5'" 1 
ATOM   807  C  "C5'" . A   B 2 25 ? -6.393  -8.613  -6.422  1.00 48.36  ? 26  A   B "C5'" 1 
ATOM   808  C  "C4'" . A   B 2 25 ? -6.400  -8.462  -4.930  1.00 53.89  ? 26  A   B "C4'" 1 
ATOM   809  O  "O4'" . A   B 2 25 ? -6.030  -7.097  -4.606  1.00 53.05  ? 26  A   B "O4'" 1 
ATOM   810  C  "C3'" . A   B 2 25 ? -7.760  -8.616  -4.280  1.00 56.98  ? 26  A   B "C3'" 1 
ATOM   811  O  "O3'" . A   B 2 25 ? -8.118  -9.973  -4.074  1.00 61.44  ? 26  A   B "O3'" 1 
ATOM   812  C  "C2'" . A   B 2 25 ? -7.579  -7.847  -2.979  1.00 56.11  ? 26  A   B "C2'" 1 
ATOM   813  O  "O2'" . A   B 2 25 ? -6.835  -8.564  -2.017  1.00 56.34  ? 26  A   B "O2'" 1 
ATOM   814  C  "C1'" . A   B 2 25 ? -6.744  -6.668  -3.461  1.00 52.48  ? 26  A   B "C1'" 1 
ATOM   815  N  N9    . A   B 2 25 ? -7.572  -5.532  -3.842  1.00 52.96  ? 26  A   B N9    1 
ATOM   816  C  C8    . A   B 2 25 ? -7.895  -5.114  -5.106  1.00 51.98  ? 26  A   B C8    1 
ATOM   817  N  N7    . A   B 2 25 ? -8.627  -4.028  -5.128  1.00 52.85  ? 26  A   B N7    1 
ATOM   818  C  C5    . A   B 2 25 ? -8.806  -3.719  -3.786  1.00 52.39  ? 26  A   B C5    1 
ATOM   819  C  C6    . A   B 2 25 ? -9.476  -2.668  -3.141  1.00 53.42  ? 26  A   B C6    1 
ATOM   820  N  N6    . A   B 2 25 ? -10.131 -1.702  -3.790  1.00 51.71  ? 26  A   B N6    1 
ATOM   821  N  N1    . A   B 2 25 ? -9.448  -2.642  -1.790  1.00 54.34  ? 26  A   B N1    1 
ATOM   822  C  C2    . A   B 2 25 ? -8.791  -3.616  -1.146  1.00 54.09  ? 26  A   B C2    1 
ATOM   823  N  N3    . A   B 2 25 ? -8.129  -4.656  -1.645  1.00 52.67  ? 26  A   B N3    1 
ATOM   824  C  C4    . A   B 2 25 ? -8.172  -4.644  -2.986  1.00 51.47  ? 26  A   B C4    1 
ATOM   825  P  P     . C   B 2 26 ? -9.675  -10.374 -4.015  1.00 63.44  ? 27  C   B P     1 
ATOM   826  O  OP1   . C   B 2 26 ? -9.726  -11.831 -3.715  1.00 62.00  ? 27  C   B OP1   1 
ATOM   827  O  OP2   . C   B 2 26 ? -10.338 -9.845  -5.243  1.00 59.92  ? 27  C   B OP2   1 
ATOM   828  O  "O5'" . C   B 2 26 ? -10.235 -9.563  -2.758  1.00 58.56  ? 27  C   B "O5'" 1 
ATOM   829  C  "C5'" . C   B 2 26 ? -9.882  -9.957  -1.441  1.00 54.43  ? 27  C   B "C5'" 1 
ATOM   830  C  "C4'" . C   B 2 26 ? -10.509 -9.040  -0.420  1.00 52.53  ? 27  C   B "C4'" 1 
ATOM   831  O  "O4'" . C   B 2 26 ? -10.049 -7.688  -0.659  1.00 51.92  ? 27  C   B "O4'" 1 
ATOM   832  C  "C3'" . C   B 2 26 ? -12.018 -8.916  -0.470  1.00 52.89  ? 27  C   B "C3'" 1 
ATOM   833  O  "O3'" . C   B 2 26 ? -12.642 -9.998  0.204   1.00 62.01  ? 27  C   B "O3'" 1 
ATOM   834  C  "C2'" . C   B 2 26 ? -12.245 -7.569  0.211   1.00 54.78  ? 27  C   B "C2'" 1 
ATOM   835  O  "O2'" . C   B 2 26 ? -12.124 -7.583  1.619   1.00 52.88  ? 27  C   B "O2'" 1 
ATOM   836  C  "C1'" . C   B 2 26 ? -11.071 -6.765  -0.330  1.00 49.38  ? 27  C   B "C1'" 1 
ATOM   837  N  N1    . C   B 2 26 ? -11.440 -6.023  -1.534  1.00 48.30  ? 27  C   B N1    1 
ATOM   838  C  C2    . C   B 2 26 ? -11.965 -4.747  -1.383  1.00 47.63  ? 27  C   B C2    1 
ATOM   839  O  O2    . C   B 2 26 ? -12.101 -4.292  -0.231  1.00 47.73  ? 27  C   B O2    1 
ATOM   840  N  N3    . C   B 2 26 ? -12.314 -4.038  -2.482  1.00 47.35  ? 27  C   B N3    1 
ATOM   841  C  C4    . C   B 2 26 ? -12.155 -4.574  -3.694  1.00 46.40  ? 27  C   B C4    1 
ATOM   842  N  N4    . C   B 2 26 ? -12.503 -3.842  -4.749  1.00 46.68  ? 27  C   B N4    1 
ATOM   843  C  C5    . C   B 2 26 ? -11.627 -5.884  -3.877  1.00 46.24  ? 27  C   B C5    1 
ATOM   844  C  C6    . C   B 2 26 ? -11.283 -6.567  -2.779  1.00 47.33  ? 27  C   B C6    1 
ATOM   845  P  P     . A   B 2 27 ? -14.145 -10.429 -0.190  1.00 63.63  ? 28  A   B P     1 
ATOM   846  O  OP1   . A   B 2 27 ? -14.489 -11.610 0.644   1.00 65.57  ? 28  A   B OP1   1 
ATOM   847  O  OP2   . A   B 2 27 ? -14.220 -10.536 -1.671  1.00 62.39  ? 28  A   B OP2   1 
ATOM   848  O  "O5'" . A   B 2 27 ? -15.027 -9.199  0.310   1.00 59.39  ? 28  A   B "O5'" 1 
ATOM   849  C  "C5'" . A   B 2 27 ? -15.125 -8.918  1.701   1.00 57.49  ? 28  A   B "C5'" 1 
ATOM   850  C  "C4'" . A   B 2 27 ? -15.914 -7.654  1.945   1.00 59.73  ? 28  A   B "C4'" 1 
ATOM   851  O  "O4'" . A   B 2 27 ? -15.197 -6.524  1.384   1.00 59.22  ? 28  A   B "O4'" 1 
ATOM   852  C  "C3'" . A   B 2 27 ? -17.280 -7.588  1.279   1.00 59.21  ? 28  A   B "C3'" 1 
ATOM   853  O  "O3'" . A   B 2 27 ? -18.265 -8.251  2.050   1.00 59.37  ? 28  A   B "O3'" 1 
ATOM   854  C  "C2'" . A   B 2 27 ? -17.524 -6.088  1.216   1.00 58.87  ? 28  A   B "C2'" 1 
ATOM   855  O  "O2'" . A   B 2 27 ? -17.920 -5.562  2.468   1.00 60.14  ? 28  A   B "O2'" 1 
ATOM   856  C  "C1'" . A   B 2 27 ? -16.124 -5.573  0.882   1.00 58.25  ? 28  A   B "C1'" 1 
ATOM   857  N  N9    . A   B 2 27 ? -15.928 -5.432  -0.563  1.00 56.26  ? 28  A   B N9    1 
ATOM   858  C  C8    . A   B 2 27 ? -15.436 -6.349  -1.462  1.00 54.05  ? 28  A   B C8    1 
ATOM   859  N  N7    . A   B 2 27 ? -15.422 -5.916  -2.702  1.00 51.87  ? 28  A   B N7    1 
ATOM   860  C  C5    . A   B 2 27 ? -15.933 -4.628  -2.611  1.00 51.89  ? 28  A   B C5    1 
ATOM   861  C  C6    . A   B 2 27 ? -16.174 -3.636  -3.578  1.00 53.20  ? 28  A   B C6    1 
ATOM   862  N  N6    . A   B 2 27 ? -15.918 -3.793  -4.879  1.00 50.43  ? 28  A   B N6    1 
ATOM   863  N  N1    . A   B 2 27 ? -16.690 -2.458  -3.155  1.00 54.75  ? 28  A   B N1    1 
ATOM   864  C  C2    . A   B 2 27 ? -16.935 -2.298  -1.848  1.00 54.11  ? 28  A   B C2    1 
ATOM   865  N  N3    . A   B 2 27 ? -16.745 -3.155  -0.847  1.00 54.90  ? 28  A   B N3    1 
ATOM   866  C  C4    . A   B 2 27 ? -16.240 -4.314  -1.302  1.00 52.08  ? 28  A   B C4    1 
ATOM   867  P  P     . C   B 2 28 ? -19.552 -8.881  1.326   1.00 60.93  ? 29  C   B P     1 
ATOM   868  O  OP1   . C   B 2 28 ? -20.271 -9.627  2.384   1.00 66.57  ? 29  C   B OP1   1 
ATOM   869  O  OP2   . C   B 2 28 ? -19.140 -9.593  0.091   1.00 59.56  ? 29  C   B OP2   1 
ATOM   870  O  "O5'" . C   B 2 28 ? -20.428 -7.609  0.923   1.00 56.74  ? 29  C   B "O5'" 1 
ATOM   871  C  "C5'" . C   B 2 28 ? -21.089 -6.845  1.929   1.00 50.74  ? 29  C   B "C5'" 1 
ATOM   872  C  "C4'" . C   B 2 28 ? -21.608 -5.540  1.367   1.00 49.74  ? 29  C   B "C4'" 1 
ATOM   873  O  "O4'" . C   B 2 28 ? -20.492 -4.776  0.840   1.00 54.09  ? 29  C   B "O4'" 1 
ATOM   874  C  "C3'" . C   B 2 28 ? -22.578 -5.633  0.199   1.00 51.13  ? 29  C   B "C3'" 1 
ATOM   875  O  "O3'" . C   B 2 28 ? -23.913 -5.840  0.642   1.00 52.97  ? 29  C   B "O3'" 1 
ATOM   876  C  "C2'" . C   B 2 28 ? -22.409 -4.271  -0.461  1.00 50.68  ? 29  C   B "C2'" 1 
ATOM   877  O  "O2'" . C   B 2 28 ? -23.077 -3.229  0.226   1.00 48.12  ? 29  C   B "O2'" 1 
ATOM   878  C  "C1'" . C   B 2 28 ? -20.906 -4.061  -0.312  1.00 49.76  ? 29  C   B "C1'" 1 
ATOM   879  N  N1    . C   B 2 28 ? -20.205 -4.605  -1.476  1.00 45.79  ? 29  C   B N1    1 
ATOM   880  C  C2    . C   B 2 28 ? -20.134 -3.820  -2.614  1.00 43.62  ? 29  C   B C2    1 
ATOM   881  O  O2    . C   B 2 28 ? -20.604 -2.677  -2.566  1.00 47.15  ? 29  C   B O2    1 
ATOM   882  N  N3    . C   B 2 28 ? -19.551 -4.309  -3.730  1.00 42.68  ? 29  C   B N3    1 
ATOM   883  C  C4    . C   B 2 28 ? -19.023 -5.537  -3.715  1.00 44.37  ? 29  C   B C4    1 
ATOM   884  N  N4    . C   B 2 28 ? -18.453 -5.984  -4.833  1.00 44.60  ? 29  C   B N4    1 
ATOM   885  C  C5    . C   B 2 28 ? -19.058 -6.360  -2.546  1.00 43.35  ? 29  C   B C5    1 
ATOM   886  C  C6    . C   B 2 28 ? -19.654 -5.855  -1.457  1.00 43.11  ? 29  C   B C6    1 
ATOM   887  P  P     . G   B 2 29 ? -24.968 -6.579  -0.322  1.00 53.13  ? 30  G   B P     1 
ATOM   888  O  OP1   . G   B 2 29 ? -26.188 -6.748  0.501   1.00 57.64  ? 30  G   B OP1   1 
ATOM   889  O  OP2   . G   B 2 29 ? -24.365 -7.760  -0.991  1.00 50.84  ? 30  G   B OP2   1 
ATOM   890  O  "O5'" . G   B 2 29 ? -25.268 -5.490  -1.444  1.00 55.07  ? 30  G   B "O5'" 1 
ATOM   891  C  "C5'" . G   B 2 29 ? -25.673 -4.186  -1.069  1.00 52.36  ? 30  G   B "C5'" 1 
ATOM   892  C  "C4'" . G   B 2 29 ? -25.823 -3.312  -2.284  1.00 59.32  ? 30  G   B "C4'" 1 
ATOM   893  O  "O4'" . G   B 2 29 ? -24.516 -2.910  -2.769  1.00 59.65  ? 30  G   B "O4'" 1 
ATOM   894  C  "C3'" . G   B 2 29 ? -26.462 -3.982  -3.486  1.00 60.77  ? 30  G   B "C3'" 1 
ATOM   895  O  "O3'" . G   B 2 29 ? -27.872 -4.021  -3.374  1.00 58.06  ? 30  G   B "O3'" 1 
ATOM   896  C  "C2'" . G   B 2 29 ? -25.976 -3.097  -4.621  1.00 59.29  ? 30  G   B "C2'" 1 
ATOM   897  O  "O2'" . G   B 2 29 ? -26.671 -1.870  -4.604  1.00 59.46  ? 30  G   B "O2'" 1 
ATOM   898  C  "C1'" . G   B 2 29 ? -24.538 -2.830  -4.184  1.00 58.30  ? 30  G   B "C1'" 1 
ATOM   899  N  N9    . G   B 2 29 ? -23.638 -3.844  -4.716  1.00 58.16  ? 30  G   B N9    1 
ATOM   900  C  C8    . G   B 2 29 ? -23.189 -4.978  -4.080  1.00 59.23  ? 30  G   B C8    1 
ATOM   901  N  N7    . G   B 2 29 ? -22.413 -5.713  -4.832  1.00 58.67  ? 30  G   B N7    1 
ATOM   902  C  C5    . G   B 2 29 ? -22.338 -5.015  -6.031  1.00 58.98  ? 30  G   B C5    1 
ATOM   903  C  C6    . G   B 2 29 ? -21.643 -5.319  -7.239  1.00 58.71  ? 30  G   B C6    1 
ATOM   904  O  O6    . G   B 2 29 ? -20.926 -6.297  -7.497  1.00 57.75  ? 30  G   B O6    1 
ATOM   905  N  N1    . G   B 2 29 ? -21.853 -4.343  -8.207  1.00 57.17  ? 30  G   B N1    1 
ATOM   906  C  C2    . G   B 2 29 ? -22.625 -3.223  -8.039  1.00 58.19  ? 30  G   B C2    1 
ATOM   907  N  N2    . G   B 2 29 ? -22.709 -2.407  -9.090  1.00 59.70  ? 30  G   B N2    1 
ATOM   908  N  N3    . G   B 2 29 ? -23.268 -2.924  -6.924  1.00 57.76  ? 30  G   B N3    1 
ATOM   909  C  C4    . G   B 2 29 ? -23.084 -3.858  -5.971  1.00 58.40  ? 30  G   B C4    1 
ATOM   910  P  P     . A   B 2 30 ? -28.715 -4.995  -4.327  1.00 53.78  ? 31  A   B P     1 
ATOM   911  O  OP1   . A   B 2 30 ? -30.116 -4.886  -3.854  1.00 60.42  ? 31  A   B OP1   1 
ATOM   912  O  OP2   . A   B 2 30 ? -28.088 -6.332  -4.436  1.00 49.92  ? 31  A   B OP2   1 
ATOM   913  O  "O5'" . A   B 2 30 ? -28.586 -4.290  -5.748  1.00 58.98  ? 31  A   B "O5'" 1 
ATOM   914  C  "C5'" . A   B 2 30 ? -29.071 -4.942  -6.903  1.00 62.60  ? 31  A   B "C5'" 1 
ATOM   915  C  "C4'" . A   B 2 30 ? -28.485 -4.330  -8.142  1.00 61.63  ? 31  A   B "C4'" 1 
ATOM   916  O  "O4'" . A   B 2 30 ? -27.094 -3.997  -7.926  1.00 61.87  ? 31  A   B "O4'" 1 
ATOM   917  C  "C3'" . A   B 2 30 ? -28.475 -5.276  -9.321  1.00 62.82  ? 31  A   B "C3'" 1 
ATOM   918  O  "O3'" . A   B 2 30 ? -29.760 -5.411  -9.884  1.00 71.89  ? 31  A   B "O3'" 1 
ATOM   919  C  "C2'" . A   B 2 30 ? -27.360 -4.706  -10.177 1.00 63.78  ? 31  A   B "C2'" 1 
ATOM   920  O  "O2'" . A   B 2 30 ? -27.780 -3.577  -10.914 1.00 68.46  ? 31  A   B "O2'" 1 
ATOM   921  C  "C1'" . A   B 2 30 ? -26.354 -4.288  -9.103  1.00 62.38  ? 31  A   B "C1'" 1 
ATOM   922  N  N9    . A   B 2 30 ? -25.454 -5.395  -8.785  1.00 61.57  ? 31  A   B N9    1 
ATOM   923  C  C8    . A   B 2 30 ? -25.436 -6.134  -7.629  1.00 61.68  ? 31  A   B C8    1 
ATOM   924  N  N7    . A   B 2 30 ? -24.533 -7.084  -7.619  1.00 60.26  ? 31  A   B N7    1 
ATOM   925  C  C5    . A   B 2 30 ? -23.908 -6.958  -8.851  1.00 60.06  ? 31  A   B C5    1 
ATOM   926  C  C6    . A   B 2 30 ? -22.862 -7.673  -9.455  1.00 58.53  ? 31  A   B C6    1 
ATOM   927  N  N6    . A   B 2 30 ? -22.222 -8.688  -8.871  1.00 55.98  ? 31  A   B N6    1 
ATOM   928  N  N1    . A   B 2 30 ? -22.488 -7.302  -10.696 1.00 58.34  ? 31  A   B N1    1 
ATOM   929  C  C2    . A   B 2 30 ? -23.114 -6.277  -11.275 1.00 56.63  ? 31  A   B C2    1 
ATOM   930  N  N3    . A   B 2 30 ? -24.103 -5.523  -10.810 1.00 59.39  ? 31  A   B N3    1 
ATOM   931  C  C4    . A   B 2 30 ? -24.463 -5.920  -9.579  1.00 60.87  ? 31  A   B C4    1 
ATOM   932  O  "O5'" . U   C 3 1  ? -15.499 -9.843  -14.942 1.00 63.88  ? 31  U   C "O5'" 1 
ATOM   933  C  "C5'" . U   C 3 1  ? -15.342 -8.946  -16.066 1.00 59.68  ? 31  U   C "C5'" 1 
ATOM   934  C  "C4'" . U   C 3 1  ? -16.566 -8.125  -16.410 1.00 58.52  ? 31  U   C "C4'" 1 
ATOM   935  O  "O4'" . U   C 3 1  ? -17.766 -8.911  -16.172 1.00 57.38  ? 31  U   C "O4'" 1 
ATOM   936  C  "C3'" . U   C 3 1  ? -16.758 -6.851  -15.600 1.00 56.38  ? 31  U   C "C3'" 1 
ATOM   937  O  "O3'" . U   C 3 1  ? -16.047 -5.800  -16.234 1.00 53.70  ? 31  U   C "O3'" 1 
ATOM   938  C  "C2'" . U   C 3 1  ? -18.262 -6.629  -15.708 1.00 57.54  ? 31  U   C "C2'" 1 
ATOM   939  O  "O2'" . U   C 3 1  ? -18.635 -6.020  -16.932 1.00 59.62  ? 31  U   C "O2'" 1 
ATOM   940  C  "C1'" . U   C 3 1  ? -18.786 -8.070  -15.661 1.00 59.40  ? 31  U   C "C1'" 1 
ATOM   941  N  N1    . U   C 3 1  ? -19.096 -8.507  -14.292 1.00 60.86  ? 31  U   C N1    1 
ATOM   942  C  C2    . U   C 3 1  ? -20.185 -7.925  -13.649 1.00 59.52  ? 31  U   C C2    1 
ATOM   943  O  O2    . U   C 3 1  ? -20.926 -7.117  -14.186 1.00 58.86  ? 31  U   C O2    1 
ATOM   944  N  N3    . U   C 3 1  ? -20.374 -8.333  -12.354 1.00 58.66  ? 31  U   C N3    1 
ATOM   945  C  C4    . U   C 3 1  ? -19.617 -9.252  -11.653 1.00 59.42  ? 31  U   C C4    1 
ATOM   946  O  O4    . U   C 3 1  ? -19.876 -9.470  -10.468 1.00 57.54  ? 31  U   C O4    1 
ATOM   947  C  C5    . U   C 3 1  ? -18.536 -9.832  -12.396 1.00 59.15  ? 31  U   C C5    1 
ATOM   948  C  C6    . U   C 3 1  ? -18.319 -9.450  -13.658 1.00 59.50  ? 31  U   C C6    1 
ATOM   949  P  P     . C   C 3 2  ? -15.301 -4.682  -15.349 1.00 55.85  ? 32  C   C P     1 
ATOM   950  O  OP1   . C   C 3 2  ? -14.304 -4.040  -16.242 1.00 62.73  ? 32  C   C OP1   1 
ATOM   951  O  OP2   . C   C 3 2  ? -14.863 -5.291  -14.060 1.00 59.60  ? 32  C   C OP2   1 
ATOM   952  O  "O5'" . C   C 3 2  ? -16.420 -3.598  -15.010 1.00 56.10  ? 32  C   C "O5'" 1 
ATOM   953  C  "C5'" . C   C 3 2  ? -17.116 -2.931  -16.050 1.00 51.67  ? 32  C   C "C5'" 1 
ATOM   954  C  "C4'" . C   C 3 2  ? -18.410 -2.370  -15.526 1.00 55.52  ? 32  C   C "C4'" 1 
ATOM   955  O  "O4'" . C   C 3 2  ? -19.292 -3.449  -15.111 1.00 57.60  ? 32  C   C "O4'" 1 
ATOM   956  C  "C3'" . C   C 3 2  ? -18.274 -1.507  -14.288 1.00 53.43  ? 32  C   C "C3'" 1 
ATOM   957  O  "O3'" . C   C 3 2  ? -17.963 -0.182  -14.664 1.00 49.38  ? 32  C   C "O3'" 1 
ATOM   958  C  "C2'" . C   C 3 2  ? -19.678 -1.569  -13.715 1.00 55.54  ? 32  C   C "C2'" 1 
ATOM   959  O  "O2'" . C   C 3 2  ? -20.557 -0.726  -14.430 1.00 59.42  ? 32  C   C "O2'" 1 
ATOM   960  C  "C1'" . C   C 3 2  ? -20.048 -3.027  -13.989 1.00 57.29  ? 32  C   C "C1'" 1 
ATOM   961  N  N1    . C   C 3 2  ? -19.734 -3.915  -12.862 1.00 60.19  ? 32  C   C N1    1 
ATOM   962  C  C2    . C   C 3 2  ? -20.471 -3.791  -11.686 1.00 60.91  ? 32  C   C C2    1 
ATOM   963  O  O2    . C   C 3 2  ? -21.347 -2.925  -11.622 1.00 63.70  ? 32  C   C O2    1 
ATOM   964  N  N3    . C   C 3 2  ? -20.216 -4.612  -10.648 1.00 62.00  ? 32  C   C N3    1 
ATOM   965  C  C4    . C   C 3 2  ? -19.270 -5.541  -10.758 1.00 63.61  ? 32  C   C C4    1 
ATOM   966  N  N4    . C   C 3 2  ? -19.075 -6.355  -9.720  1.00 64.35  ? 32  C   C N4    1 
ATOM   967  C  C5    . C   C 3 2  ? -18.485 -5.683  -11.944 1.00 64.33  ? 32  C   C C5    1 
ATOM   968  C  C6    . C   C 3 2  ? -18.747 -4.854  -12.961 1.00 61.00  ? 32  C   C C6    1 
ATOM   969  P  P     . G   C 3 3  ? -17.159 0.758   -13.651 1.00 54.18  ? 33  G   C P     1 
ATOM   970  O  OP1   . G   C 3 3  ? -16.772 1.977   -14.415 1.00 50.07  ? 33  G   C OP1   1 
ATOM   971  O  OP2   . G   C 3 3  ? -16.117 -0.093  -12.995 1.00 50.60  ? 33  G   C OP2   1 
ATOM   972  O  "O5'" . G   C 3 3  ? -18.198 1.172   -12.515 1.00 53.42  ? 33  G   C "O5'" 1 
ATOM   973  C  "C5'" . G   C 3 3  ? -19.297 2.043   -12.784 1.00 55.60  ? 33  G   C "C5'" 1 
ATOM   974  C  "C4'" . G   C 3 3  ? -20.141 2.190   -11.541 1.00 55.52  ? 33  G   C "C4'" 1 
ATOM   975  O  "O4'" . G   C 3 3  ? -20.618 0.876   -11.144 1.00 55.15  ? 33  G   C "O4'" 1 
ATOM   976  C  "C3'" . G   C 3 3  ? -19.371 2.688   -10.332 1.00 54.03  ? 33  G   C "C3'" 1 
ATOM   977  O  "O3'" . G   C 3 3  ? -19.386 4.108   -10.299 1.00 56.95  ? 33  G   C "O3'" 1 
ATOM   978  C  "C2'" . G   C 3 3  ? -20.163 2.109   -9.168  1.00 52.49  ? 33  G   C "C2'" 1 
ATOM   979  O  "O2'" . G   C 3 3  ? -21.327 2.848   -8.905  1.00 50.88  ? 33  G   C "O2'" 1 
ATOM   980  C  "C1'" . G   C 3 3  ? -20.597 0.764   -9.734  1.00 53.29  ? 33  G   C "C1'" 1 
ATOM   981  N  N9    . G   C 3 3  ? -19.769 -0.383  -9.376  1.00 53.91  ? 33  G   C N9    1 
ATOM   982  C  C8    . G   C 3 3  ? -18.903 -1.062  -10.199 1.00 52.08  ? 33  G   C C8    1 
ATOM   983  N  N7    . G   C 3 3  ? -18.396 -2.130  -9.641  1.00 52.21  ? 33  G   C N7    1 
ATOM   984  C  C5    . G   C 3 3  ? -18.933 -2.139  -8.362  1.00 51.56  ? 33  G   C C5    1 
ATOM   985  C  C6    . G   C 3 3  ? -18.768 -3.072  -7.313  1.00 52.53  ? 33  G   C C6    1 
ATOM   986  O  O6    . G   C 3 3  ? -18.093 -4.109  -7.310  1.00 54.34  ? 33  G   C O6    1 
ATOM   987  N  N1    . G   C 3 3  ? -19.503 -2.710  -6.183  1.00 51.14  ? 33  G   C N1    1 
ATOM   988  C  C2    . G   C 3 3  ? -20.295 -1.590  -6.085  1.00 53.42  ? 33  G   C C2    1 
ATOM   989  N  N2    . G   C 3 3  ? -20.946 -1.421  -4.917  1.00 55.21  ? 33  G   C N2    1 
ATOM   990  N  N3    . G   C 3 3  ? -20.449 -0.701  -7.063  1.00 51.09  ? 33  G   C N3    1 
ATOM   991  C  C4    . G   C 3 3  ? -19.753 -1.046  -8.167  1.00 52.19  ? 33  G   C C4    1 
ATOM   992  P  P     . U   C 3 4  ? -18.321 4.889   -9.389  1.00 59.88  ? 34  U   C P     1 
ATOM   993  O  OP1   . U   C 3 4  ? -18.574 6.349   -9.523  1.00 62.06  ? 34  U   C OP1   1 
ATOM   994  O  OP2   . U   C 3 4  ? -16.988 4.336   -9.738  1.00 62.55  ? 34  U   C OP2   1 
ATOM   995  O  "O5'" . U   C 3 4  ? -18.657 4.450   -7.887  1.00 59.69  ? 34  U   C "O5'" 1 
ATOM   996  C  "C5'" . U   C 3 4  ? -19.736 5.053   -7.178  1.00 59.55  ? 34  U   C "C5'" 1 
ATOM   997  C  "C4'" . U   C 3 4  ? -19.896 4.433   -5.807  1.00 57.65  ? 34  U   C "C4'" 1 
ATOM   998  O  "O4'" . U   C 3 4  ? -20.141 3.009   -5.930  1.00 55.98  ? 34  U   C "O4'" 1 
ATOM   999  C  "C3'" . U   C 3 4  ? -18.694 4.509   -4.887  1.00 58.17  ? 34  U   C "C3'" 1 
ATOM   1000 O  "O3'" . U   C 3 4  ? -18.679 5.759   -4.223  1.00 61.68  ? 34  U   C "O3'" 1 
ATOM   1001 C  "C2'" . U   C 3 4  ? -18.999 3.400   -3.895  1.00 55.74  ? 34  U   C "C2'" 1 
ATOM   1002 O  "O2'" . U   C 3 4  ? -19.974 3.788   -2.956  1.00 65.92  ? 34  U   C "O2'" 1 
ATOM   1003 C  "C1'" . U   C 3 4  ? -19.596 2.340   -4.811  1.00 55.43  ? 34  U   C "C1'" 1 
ATOM   1004 N  N1    . U   C 3 4  ? -18.567 1.418   -5.285  1.00 57.66  ? 34  U   C N1    1 
ATOM   1005 C  C2    . U   C 3 4  ? -18.155 0.432   -4.418  1.00 57.78  ? 34  U   C C2    1 
ATOM   1006 O  O2    . U   C 3 4  ? -18.601 0.323   -3.292  1.00 60.62  ? 34  U   C O2    1 
ATOM   1007 N  N3    . U   C 3 4  ? -17.202 -0.419  -4.918  1.00 56.96  ? 34  U   C N3    1 
ATOM   1008 C  C4    . U   C 3 4  ? -16.634 -0.377  -6.175  1.00 57.06  ? 34  U   C C4    1 
ATOM   1009 O  O4    . U   C 3 4  ? -15.869 -1.276  -6.523  1.00 58.98  ? 34  U   C O4    1 
ATOM   1010 C  C5    . U   C 3 4  ? -17.104 0.690   -7.004  1.00 57.60  ? 34  U   C C5    1 
ATOM   1011 C  C6    . U   C 3 4  ? -18.034 1.529   -6.541  1.00 58.21  ? 34  U   C C6    1 
ATOM   1012 P  P     . G   C 3 5  ? -17.297 6.342   -3.652  1.00 61.81  ? 35  G   C P     1 
ATOM   1013 O  OP1   . G   C 3 5  ? -17.554 7.752   -3.248  1.00 63.21  ? 35  G   C OP1   1 
ATOM   1014 O  OP2   . G   C 3 5  ? -16.244 6.050   -4.651  1.00 60.85  ? 35  G   C OP2   1 
ATOM   1015 O  "O5'" . G   C 3 5  ? -16.990 5.463   -2.354  1.00 61.20  ? 35  G   C "O5'" 1 
ATOM   1016 C  "C5'" . G   C 3 5  ? -17.831 5.522   -1.205  1.00 55.34  ? 35  G   C "C5'" 1 
ATOM   1017 C  "C4'" . G   C 3 5  ? -17.474 4.412   -0.242  1.00 57.40  ? 35  G   C "C4'" 1 
ATOM   1018 O  "O4'" . G   C 3 5  ? -17.553 3.148   -0.945  1.00 57.38  ? 35  G   C "O4'" 1 
ATOM   1019 C  "C3'" . G   C 3 5  ? -16.060 4.435   0.318   1.00 58.01  ? 35  G   C "C3'" 1 
ATOM   1020 O  "O3'" . G   C 3 5  ? -16.018 5.235   1.491   1.00 61.82  ? 35  G   C "O3'" 1 
ATOM   1021 C  "C2'" . G   C 3 5  ? -15.828 2.973   0.682   1.00 59.20  ? 35  G   C "C2'" 1 
ATOM   1022 O  "O2'" . G   C 3 5  ? -16.405 2.628   1.924   1.00 60.65  ? 35  G   C "O2'" 1 
ATOM   1023 C  "C1'" . G   C 3 5  ? -16.601 2.247   -0.416  1.00 58.49  ? 35  G   C "C1'" 1 
ATOM   1024 N  N9    . G   C 3 5  ? -15.801 1.728   -1.521  1.00 57.49  ? 35  G   C N9    1 
ATOM   1025 C  C8    . G   C 3 5  ? -15.679 2.282   -2.768  1.00 55.12  ? 35  G   C C8    1 
ATOM   1026 N  N7    . G   C 3 5  ? -14.962 1.555   -3.582  1.00 56.07  ? 35  G   C N7    1 
ATOM   1027 C  C5    . G   C 3 5  ? -14.575 0.459   -2.823  1.00 54.28  ? 35  G   C C5    1 
ATOM   1028 C  C6    . G   C 3 5  ? -13.803 -0.680  -3.181  1.00 54.34  ? 35  G   C C6    1 
ATOM   1029 O  O6    . G   C 3 5  ? -13.331 -0.974  -4.287  1.00 55.31  ? 35  G   C O6    1 
ATOM   1030 N  N1    . G   C 3 5  ? -13.615 -1.533  -2.101  1.00 52.05  ? 35  G   C N1    1 
ATOM   1031 C  C2    . G   C 3 5  ? -14.120 -1.332  -0.847  1.00 54.16  ? 35  G   C C2    1 
ATOM   1032 N  N2    . G   C 3 5  ? -13.795 -2.257  0.057   1.00 55.80  ? 35  G   C N2    1 
ATOM   1033 N  N3    . G   C 3 5  ? -14.879 -0.294  -0.504  1.00 55.31  ? 35  G   C N3    1 
ATOM   1034 C  C4    . G   C 3 5  ? -15.059 0.559   -1.538  1.00 56.60  ? 35  G   C C4    1 
ATOM   1035 P  P     . G   C 3 6  ? -14.775 6.223   1.742   1.00 64.84  ? 36  G   C P     1 
ATOM   1036 O  OP1   . G   C 3 6  ? -15.336 7.490   2.264   1.00 65.57  ? 36  G   C OP1   1 
ATOM   1037 O  OP2   . G   C 3 6  ? -13.937 6.252   0.521   1.00 67.20  ? 36  G   C OP2   1 
ATOM   1038 O  "O5'" . G   C 3 6  ? -13.926 5.518   2.898   1.00 63.79  ? 36  G   C "O5'" 1 
ATOM   1039 C  "C5'" . G   C 3 6  ? -14.551 4.850   4.003   1.00 64.34  ? 36  G   C "C5'" 1 
ATOM   1040 C  "C4'" . G   C 3 6  ? -13.744 3.627   4.348   1.00 62.08  ? 36  G   C "C4'" 1 
ATOM   1041 O  "O4'" . G   C 3 6  ? -13.598 2.888   3.140   1.00 66.13  ? 36  G   C "O4'" 1 
ATOM   1042 C  "C3'" . G   C 3 6  ? -12.352 3.916   4.903   1.00 63.30  ? 36  G   C "C3'" 1 
ATOM   1043 O  "O3'" . G   C 3 6  ? -12.350 3.184   6.131   1.00 64.21  ? 36  G   C "O3'" 1 
ATOM   1044 C  "C2'" . G   C 3 6  ? -11.369 3.207   3.962   1.00 64.74  ? 36  G   C "C2'" 1 
ATOM   1045 O  "O2'" . G   C 3 6  ? -10.480 2.324   4.605   1.00 78.46  ? 36  G   C "O2'" 1 
ATOM   1046 C  "C1'" . G   C 3 6  ? -12.297 2.399   3.058   1.00 62.32  ? 36  G   C "C1'" 1 
ATOM   1047 N  N9    . G   C 3 6  ? -11.971 2.220   1.657   1.00 57.41  ? 36  G   C N9    1 
ATOM   1048 C  C8    . G   C 3 6  ? -12.039 3.142   0.643   1.00 55.91  ? 36  G   C C8    1 
ATOM   1049 N  N7    . G   C 3 6  ? -11.740 2.633   -0.521  1.00 55.46  ? 36  G   C N7    1 
ATOM   1050 C  C5    . G   C 3 6  ? -11.437 1.304   -0.245  1.00 53.37  ? 36  G   C C5    1 
ATOM   1051 C  C6    . G   C 3 6  ? -11.031 0.256   -1.101  1.00 52.90  ? 36  G   C C6    1 
ATOM   1052 O  O6    . G   C 3 6  ? -10.834 0.291   -2.323  1.00 53.97  ? 36  G   C O6    1 
ATOM   1053 N  N1    . G   C 3 6  ? -10.849 -0.934  -0.401  1.00 52.20  ? 36  G   C N1    1 
ATOM   1054 C  C2    . G   C 3 6  ? -11.029 -1.094  0.949   1.00 52.70  ? 36  G   C C2    1 
ATOM   1055 N  N2    . G   C 3 6  ? -10.828 -2.330  1.442   1.00 51.54  ? 36  G   C N2    1 
ATOM   1056 N  N3    . G   C 3 6  ? -11.388 -0.118  1.758   1.00 52.17  ? 36  G   C N3    1 
ATOM   1057 C  C4    . G   C 3 6  ? -11.573 1.042   1.096   1.00 54.44  ? 36  G   C C4    1 
ATOM   1058 P  P     . U   C 3 7  ? -11.666 3.767   7.454   1.00 65.79  ? 37  U   C P     1 
ATOM   1059 O  OP1   . U   C 3 7  ? -11.972 2.802   8.542   1.00 60.59  ? 37  U   C OP1   1 
ATOM   1060 O  OP2   . U   C 3 7  ? -12.139 5.174   7.545   1.00 68.20  ? 37  U   C OP2   1 
ATOM   1061 O  "O5'" . U   C 3 7  ? -10.095 3.711   7.195   1.00 65.74  ? 37  U   C "O5'" 1 
ATOM   1062 C  "C5'" . U   C 3 7  ? -9.187  3.427   8.265   1.00 64.55  ? 37  U   C "C5'" 1 
ATOM   1063 C  "C4'" . U   C 3 7  ? -8.398  2.181   7.953   1.00 64.48  ? 37  U   C "C4'" 1 
ATOM   1064 O  "O4'" . U   C 3 7  ? -9.322  1.114   7.707   1.00 68.40  ? 37  U   C "O4'" 1 
ATOM   1065 C  "C3'" . U   C 3 7  ? -7.487  2.258   6.729   1.00 66.69  ? 37  U   C "C3'" 1 
ATOM   1066 O  "O3'" . U   C 3 7  ? -6.167  2.356   7.274   1.00 61.66  ? 37  U   C "O3'" 1 
ATOM   1067 C  "C2'" . U   C 3 7  ? -7.600  0.878   6.058   1.00 67.79  ? 37  U   C "C2'" 1 
ATOM   1068 O  "O2'" . U   C 3 7  ? -6.414  0.108   6.138   1.00 78.93  ? 37  U   C "O2'" 1 
ATOM   1069 C  "C1'" . U   C 3 7  ? -8.717  0.186   6.852   1.00 67.39  ? 37  U   C "C1'" 1 
ATOM   1070 N  N1    . U   C 3 7  ? -9.759  -0.522  6.106   1.00 68.25  ? 37  U   C N1    1 
ATOM   1071 C  C2    . U   C 3 7  ? -9.416  -1.729  5.542   1.00 69.37  ? 37  U   C C2    1 
ATOM   1072 O  O2    . U   C 3 7  ? -8.303  -2.205  5.651   1.00 67.63  ? 37  U   C O2    1 
ATOM   1073 N  N3    . U   C 3 7  ? -10.424 -2.358  4.848   1.00 71.10  ? 37  U   C N3    1 
ATOM   1074 C  C4    . U   C 3 7  ? -11.719 -1.900  4.673   1.00 71.94  ? 37  U   C C4    1 
ATOM   1075 O  O4    . U   C 3 7  ? -12.509 -2.547  3.973   1.00 74.80  ? 37  U   C O4    1 
ATOM   1076 C  C5    . U   C 3 7  ? -11.993 -0.642  5.304   1.00 70.87  ? 37  U   C C5    1 
ATOM   1077 C  C6    . U   C 3 7  ? -11.028 -0.013  5.980   1.00 68.46  ? 37  U   C C6    1 
ATOM   1078 P  P     . A   C 3 8  ? -5.103  3.417   6.721   1.00 62.54  ? 38  A   C P     1 
ATOM   1079 O  OP1   . A   C 3 8  ? -3.800  2.823   7.110   1.00 59.26  ? 38  A   C OP1   1 
ATOM   1080 O  OP2   . A   C 3 8  ? -5.459  4.789   7.198   1.00 60.77  ? 38  A   C OP2   1 
ATOM   1081 O  "O5'" . A   C 3 8  ? -5.206  3.353   5.127   1.00 63.37  ? 38  A   C "O5'" 1 
ATOM   1082 C  "C5'" . A   C 3 8  ? -4.796  4.467   4.323   1.00 59.86  ? 38  A   C "C5'" 1 
ATOM   1083 C  "C4'" . A   C 3 8  ? -5.228  4.267   2.887   1.00 59.33  ? 38  A   C "C4'" 1 
ATOM   1084 O  "O4'" . A   C 3 8  ? -4.348  3.369   2.197   1.00 56.80  ? 38  A   C "O4'" 1 
ATOM   1085 C  "C3'" . A   C 3 8  ? -6.644  3.723   2.731   1.00 60.20  ? 38  A   C "C3'" 1 
ATOM   1086 O  "O3'" . A   C 3 8  ? -7.477  4.711   2.106   1.00 64.24  ? 38  A   C "O3'" 1 
ATOM   1087 C  "C2'" . A   C 3 8  ? -6.530  2.602   1.685   1.00 58.46  ? 38  A   C "C2'" 1 
ATOM   1088 O  "O2'" . A   C 3 8  ? -7.467  2.706   0.631   1.00 62.86  ? 38  A   C "O2'" 1 
ATOM   1089 C  "C1'" . A   C 3 8  ? -5.091  2.770   1.178   1.00 53.22  ? 38  A   C "C1'" 1 
ATOM   1090 N  N9    . A   C 3 8  ? -4.371  1.625   0.639   1.00 50.26  ? 38  A   C N9    1 
ATOM   1091 C  C8    . A   C 3 8  ? -4.033  1.434   -0.680  1.00 49.68  ? 38  A   C C8    1 
ATOM   1092 N  N7    . A   C 3 8  ? -3.391  0.316   -0.907  1.00 45.97  ? 38  A   C N7    1 
ATOM   1093 C  C5    . A   C 3 8  ? -3.299  -0.270  0.345   1.00 49.01  ? 38  A   C C5    1 
ATOM   1094 C  C6    . A   C 3 8  ? -2.721  -1.475  0.782   1.00 50.53  ? 38  A   C C6    1 
ATOM   1095 N  N6    . A   C 3 8  ? -2.123  -2.350  -0.042  1.00 44.37  ? 38  A   C N6    1 
ATOM   1096 N  N1    . A   C 3 8  ? -2.783  -1.759  2.105   1.00 52.09  ? 38  A   C N1    1 
ATOM   1097 C  C2    . A   C 3 8  ? -3.397  -0.881  2.920   1.00 54.90  ? 38  A   C C2    1 
ATOM   1098 N  N3    . A   C 3 8  ? -3.983  0.284   2.623   1.00 52.34  ? 38  A   C N3    1 
ATOM   1099 C  C4    . A   C 3 8  ? -3.897  0.529   1.309   1.00 49.69  ? 38  A   C C4    1 
ATOM   1100 P  P     . C   C 3 9  ? -7.852  6.095   2.840   1.00 68.07  ? 39  C   C P     1 
ATOM   1101 O  OP1   . C   C 3 9  ? -9.051  5.825   3.697   1.00 72.90  ? 39  C   C OP1   1 
ATOM   1102 O  OP2   . C   C 3 9  ? -7.952  7.080   1.737   1.00 65.09  ? 39  C   C OP2   1 
ATOM   1103 O  "O5'" . C   C 3 9  ? -6.594  6.493   3.750   1.00 71.38  ? 39  C   C "O5'" 1 
ATOM   1104 C  "C5'" . C   C 3 9  ? -5.725  7.600   3.413   1.00 71.89  ? 39  C   C "C5'" 1 
ATOM   1105 C  "C4'" . C   C 3 9  ? -5.341  8.367   4.669   1.00 74.58  ? 39  C   C "C4'" 1 
ATOM   1106 O  "O4'" . C   C 3 9  ? -6.595  8.758   5.275   1.00 77.59  ? 39  C   C "O4'" 1 
ATOM   1107 C  "C3'" . C   C 3 9  ? -4.616  7.556   5.747   1.00 76.58  ? 39  C   C "C3'" 1 
ATOM   1108 O  "O3'" . C   C 3 9  ? -3.181  7.682   5.874   1.00 75.94  ? 39  C   C "O3'" 1 
ATOM   1109 C  "C2'" . C   C 3 9  ? -5.109  8.163   7.054   1.00 81.64  ? 39  C   C "C2'" 1 
ATOM   1110 O  "O2'" . C   C 3 9  ? -4.238  9.166   7.544   1.00 91.54  ? 39  C   C "O2'" 1 
ATOM   1111 C  "C1'" . C   C 3 9  ? -6.463  8.760   6.674   1.00 80.62  ? 39  C   C "C1'" 1 
ATOM   1112 N  N1    . C   C 3 9  ? -7.616  8.084   7.276   1.00 81.17  ? 39  C   C N1    1 
ATOM   1113 C  C2    . C   C 3 9  ? -7.831  8.265   8.638   1.00 82.50  ? 39  C   C C2    1 
ATOM   1114 O  O2    . C   C 3 9  ? -7.043  8.976   9.276   1.00 83.23  ? 39  C   C O2    1 
ATOM   1115 N  N3    . C   C 3 9  ? -8.885  7.669   9.228   1.00 83.66  ? 39  C   C N3    1 
ATOM   1116 C  C4    . C   C 3 9  ? -9.708  6.914   8.508   1.00 83.73  ? 39  C   C C4    1 
ATOM   1117 N  N4    . C   C 3 9  ? -10.734 6.347   9.144   1.00 86.25  ? 39  C   C N4    1 
ATOM   1118 C  C5    . C   C 3 9  ? -9.515  6.707   7.108   1.00 82.35  ? 39  C   C C5    1 
ATOM   1119 C  C6    . C   C 3 9  ? -8.460  7.305   6.538   1.00 81.33  ? 39  C   C C6    1 
ATOM   1120 P  P     . A   C 3 10 ? -2.286  8.585   4.862   1.00 73.47  ? 40  A   C P     1 
ATOM   1121 O  OP1   . A   C 3 10 ? -1.557  9.585   5.677   1.00 64.39  ? 40  A   C OP1   1 
ATOM   1122 O  OP2   . A   C 3 10 ? -3.026  9.035   3.659   1.00 77.92  ? 40  A   C OP2   1 
ATOM   1123 O  "O5'" . A   C 3 10 ? -1.190  7.527   4.408   1.00 71.39  ? 40  A   C "O5'" 1 
ATOM   1124 C  "C5'" . A   C 3 10 ? -0.764  6.524   5.331   1.00 63.43  ? 40  A   C "C5'" 1 
ATOM   1125 C  "C4'" . A   C 3 10 ? -0.597  5.200   4.634   1.00 62.04  ? 40  A   C "C4'" 1 
ATOM   1126 O  "O4'" . A   C 3 10 ? -1.801  4.910   3.879   1.00 61.29  ? 40  A   C "O4'" 1 
ATOM   1127 C  "C3'" . A   C 3 10 ? 0.496   5.155   3.584   1.00 62.97  ? 40  A   C "C3'" 1 
ATOM   1128 O  "O3'" . A   C 3 10 ? 1.746   4.873   4.188   1.00 63.21  ? 40  A   C "O3'" 1 
ATOM   1129 C  "C2'" . A   C 3 10 ? 0.054   3.990   2.716   1.00 60.53  ? 40  A   C "C2'" 1 
ATOM   1130 O  "O2'" . A   C 3 10 ? 0.377   2.755   3.321   1.00 71.01  ? 40  A   C "O2'" 1 
ATOM   1131 C  "C1'" . A   C 3 10 ? -1.462  4.188   2.704   1.00 57.93  ? 40  A   C "C1'" 1 
ATOM   1132 N  N9    . A   C 3 10 ? -1.901  4.960   1.544   1.00 52.70  ? 40  A   C N9    1 
ATOM   1133 C  C8    . A   C 3 10 ? -2.439  6.222   1.507   1.00 50.22  ? 40  A   C C8    1 
ATOM   1134 N  N7    . A   C 3 10 ? -2.737  6.632   0.293   1.00 50.54  ? 40  A   C N7    1 
ATOM   1135 C  C5    . A   C 3 10 ? -2.363  5.568   -0.517  1.00 48.21  ? 40  A   C C5    1 
ATOM   1136 C  C6    . A   C 3 10 ? -2.426  5.370   -1.896  1.00 47.66  ? 40  A   C C6    1 
ATOM   1137 N  N6    . A   C 3 10 ? -2.897  6.277   -2.748  1.00 50.86  ? 40  A   C N6    1 
ATOM   1138 N  N1    . A   C 3 10 ? -1.981  4.194   -2.386  1.00 46.93  ? 40  A   C N1    1 
ATOM   1139 C  C2    . A   C 3 10 ? -1.497  3.294   -1.535  1.00 45.41  ? 40  A   C C2    1 
ATOM   1140 N  N3    . A   C 3 10 ? -1.381  3.364   -0.216  1.00 48.01  ? 40  A   C N3    1 
ATOM   1141 C  C4    . A   C 3 10 ? -1.843  4.538   0.238   1.00 48.91  ? 40  A   C C4    1 
ATOM   1142 P  P     . U   C 3 11 ? 2.944   5.921   4.028   1.00 63.35  ? 41  U   C P     1 
ATOM   1143 O  OP1   . U   C 3 11 ? 3.841   5.751   5.200   1.00 61.39  ? 41  U   C OP1   1 
ATOM   1144 O  OP2   . U   C 3 11 ? 2.330   7.248   3.746   1.00 55.30  ? 41  U   C OP2   1 
ATOM   1145 O  "O5'" . U   C 3 11 ? 3.719   5.466   2.715   1.00 61.20  ? 41  U   C "O5'" 1 
ATOM   1146 C  "C5'" . U   C 3 11 ? 3.808   4.095   2.329   1.00 61.82  ? 41  U   C "C5'" 1 
ATOM   1147 C  "C4'" . U   C 3 11 ? 3.805   4.016   0.824   1.00 60.56  ? 41  U   C "C4'" 1 
ATOM   1148 O  "O4'" . U   C 3 11 ? 2.577   4.589   0.369   1.00 58.55  ? 41  U   C "O4'" 1 
ATOM   1149 C  "C3'" . U   C 3 11 ? 4.915   4.826   0.164   1.00 60.90  ? 41  U   C "C3'" 1 
ATOM   1150 O  "O3'" . U   C 3 11 ? 5.888   3.855   -0.236  1.00 57.35  ? 41  U   C "O3'" 1 
ATOM   1151 C  "C2'" . U   C 3 11 ? 4.269   5.539   -1.034  1.00 59.30  ? 41  U   C "C2'" 1 
ATOM   1152 O  "O2'" . U   C 3 11 ? 4.718   5.125   -2.312  1.00 75.68  ? 41  U   C "O2'" 1 
ATOM   1153 C  "C1'" . U   C 3 11 ? 2.789   5.196   -0.871  1.00 57.86  ? 41  U   C "C1'" 1 
ATOM   1154 N  N1    . U   C 3 11 ? 1.794   6.252   -1.048  1.00 56.07  ? 41  U   C N1    1 
ATOM   1155 C  C2    . U   C 3 11 ? 1.314   6.428   -2.314  1.00 55.59  ? 41  U   C C2    1 
ATOM   1156 O  O2    . U   C 3 11 ? 1.712   5.764   -3.256  1.00 53.98  ? 41  U   C O2    1 
ATOM   1157 N  N3    . U   C 3 11 ? 0.351   7.397   -2.440  1.00 57.51  ? 41  U   C N3    1 
ATOM   1158 C  C4    . U   C 3 11 ? -0.159  8.190   -1.434  1.00 59.06  ? 41  U   C C4    1 
ATOM   1159 O  O4    . U   C 3 11 ? -0.994  9.051   -1.707  1.00 62.14  ? 41  U   C O4    1 
ATOM   1160 C  C5    . U   C 3 11 ? 0.402   7.945   -0.138  1.00 58.61  ? 41  U   C C5    1 
ATOM   1161 C  C6    . U   C 3 11 ? 1.341   7.009   0.004   1.00 57.77  ? 41  U   C C6    1 
ATOM   1162 P  P     . U   C 3 12 ? 7.209   4.305   -1.023  1.00 54.63  ? 42  U   C P     1 
ATOM   1163 O  OP1   . U   C 3 12 ? 8.379   3.849   -0.224  1.00 61.77  ? 42  U   C OP1   1 
ATOM   1164 O  OP2   . U   C 3 12 ? 7.086   5.738   -1.397  1.00 58.14  ? 42  U   C OP2   1 
ATOM   1165 O  "O5'" . U   C 3 12 ? 7.165   3.459   -2.362  1.00 45.22  ? 42  U   C "O5'" 1 
ATOM   1166 C  "C5'" . U   C 3 12 ? 8.128   3.674   -3.389  1.00 51.88  ? 42  U   C "C5'" 1 
ATOM   1167 C  "C4'" . U   C 3 12 ? 7.427   4.052   -4.659  1.00 56.07  ? 42  U   C "C4'" 1 
ATOM   1168 O  "O4'" . U   C 3 12 ? 6.383   3.099   -4.879  1.00 59.41  ? 42  U   C "O4'" 1 
ATOM   1169 C  "C3'" . U   C 3 12 ? 6.814   5.448   -4.661  1.00 56.03  ? 42  U   C "C3'" 1 
ATOM   1170 O  "O3'" . U   C 3 12 ? 7.717   6.113   -5.572  1.00 60.04  ? 42  U   C "O3'" 1 
ATOM   1171 C  "C2'" . U   C 3 12 ? 5.420   5.274   -5.282  1.00 58.49  ? 42  U   C "C2'" 1 
ATOM   1172 O  "O2'" . U   C 3 12 ? 5.382   5.779   -6.589  1.00 69.17  ? 42  U   C "O2'" 1 
ATOM   1173 C  "C1'" . U   C 3 12 ? 5.264   3.749   -5.401  1.00 60.87  ? 42  U   C "C1'" 1 
ATOM   1174 N  N1    . U   C 3 12 ? 4.079   3.036   -4.920  1.00 58.91  ? 42  U   C N1    1 
ATOM   1175 C  C2    . U   C 3 12 ? 3.036   2.855   -5.802  1.00 58.20  ? 42  U   C C2    1 
ATOM   1176 O  O2    . U   C 3 12 ? 3.005   3.362   -6.899  1.00 57.06  ? 42  U   C O2    1 
ATOM   1177 N  N3    . U   C 3 12 ? 2.028   2.052   -5.349  1.00 59.43  ? 42  U   C N3    1 
ATOM   1178 C  C4    . U   C 3 12 ? 1.948   1.441   -4.124  1.00 61.09  ? 42  U   C C4    1 
ATOM   1179 O  O4    . U   C 3 12 ? 1.010   0.678   -3.892  1.00 61.09  ? 42  U   C O4    1 
ATOM   1180 C  C5    . U   C 3 12 ? 3.042   1.726   -3.242  1.00 63.30  ? 42  U   C C5    1 
ATOM   1181 C  C6    . U   C 3 12 ? 4.040   2.504   -3.661  1.00 61.65  ? 42  U   C C6    1 
ATOM   1182 P  P     . A   C 3 13 ? 7.649   7.701   -5.843  1.00 58.00  ? 43  A   C P     1 
ATOM   1183 O  OP1   . A   C 3 13 ? 9.067   8.126   -5.809  1.00 63.15  ? 43  A   C OP1   1 
ATOM   1184 O  OP2   . A   C 3 13 ? 6.676   8.353   -4.938  1.00 63.94  ? 43  A   C OP2   1 
ATOM   1185 O  "O5'" . A   C 3 13 ? 7.143   7.838   -7.358  1.00 50.92  ? 43  A   C "O5'" 1 
ATOM   1186 C  "C5'" . A   C 3 13 ? 7.715   7.059   -8.412  1.00 48.89  ? 43  A   C "C5'" 1 
ATOM   1187 C  "C4'" . A   C 3 13 ? 6.805   7.060   -9.625  1.00 55.83  ? 43  A   C "C4'" 1 
ATOM   1188 O  "O4'" . A   C 3 13 ? 5.489   6.556   -9.252  1.00 62.64  ? 43  A   C "O4'" 1 
ATOM   1189 C  "C3'" . A   C 3 13 ? 6.542   8.420   -10.250 1.00 58.25  ? 43  A   C "C3'" 1 
ATOM   1190 O  "O3'" . A   C 3 13 ? 7.510   8.663   -11.261 1.00 60.79  ? 43  A   C "O3'" 1 
ATOM   1191 C  "C2'" . A   C 3 13 ? 5.157   8.242   -10.868 1.00 60.48  ? 43  A   C "C2'" 1 
ATOM   1192 O  "O2'" . A   C 3 13 ? 5.201   7.551   -12.103 1.00 59.93  ? 43  A   C "O2'" 1 
ATOM   1193 C  "C1'" . A   C 3 13 ? 4.468   7.362   -9.825  1.00 56.58  ? 43  A   C "C1'" 1 
ATOM   1194 N  N9    . A   C 3 13 ? 3.819   8.093   -8.732  1.00 56.43  ? 43  A   C N9    1 
ATOM   1195 C  C8    . A   C 3 13 ? 4.085   7.924   -7.397  1.00 58.03  ? 43  A   C C8    1 
ATOM   1196 N  N7    . A   C 3 13 ? 3.385   8.700   -6.608  1.00 58.64  ? 43  A   C N7    1 
ATOM   1197 C  C5    . A   C 3 13 ? 2.600   9.436   -7.478  1.00 58.73  ? 43  A   C C5    1 
ATOM   1198 C  C6    . A   C 3 13 ? 1.645   10.442  -7.257  1.00 58.33  ? 43  A   C C6    1 
ATOM   1199 N  N6    . A   C 3 13 ? 1.306   10.883  -6.040  1.00 56.46  ? 43  A   C N6    1 
ATOM   1200 N  N1    . A   C 3 13 ? 1.041   10.982  -8.338  1.00 56.85  ? 43  A   C N1    1 
ATOM   1201 C  C2    . A   C 3 13 ? 1.376   10.525  -9.553  1.00 57.54  ? 43  A   C C2    1 
ATOM   1202 N  N3    . A   C 3 13 ? 2.256   9.580   -9.892  1.00 59.39  ? 43  A   C N3    1 
ATOM   1203 C  C4    . A   C 3 13 ? 2.847   9.070   -8.796  1.00 60.03  ? 43  A   C C4    1 
ATOM   1204 P  P     . C   C 3 14 ? 8.294   10.061  -11.291 1.00 64.20  ? 44  C   C P     1 
ATOM   1205 O  OP1   . C   C 3 14 ? 8.910   10.133  -12.637 1.00 66.87  ? 44  C   C OP1   1 
ATOM   1206 O  OP2   . C   C 3 14 ? 9.151   10.177  -10.080 1.00 61.57  ? 44  C   C OP2   1 
ATOM   1207 O  "O5'" . C   C 3 14 ? 7.140   11.154  -11.186 1.00 66.03  ? 44  C   C "O5'" 1 
ATOM   1208 C  "C5'" . C   C 3 14 ? 6.385   11.550  -12.331 1.00 63.38  ? 44  C   C "C5'" 1 
ATOM   1209 C  "C4'" . C   C 3 14 ? 5.423   12.655  -11.956 1.00 67.09  ? 44  C   C "C4'" 1 
ATOM   1210 O  "O4'" . C   C 3 14 ? 4.386   12.126  -11.091 1.00 64.85  ? 44  C   C "O4'" 1 
ATOM   1211 C  "C3'" . C   C 3 14 ? 6.028   13.809  -11.174 1.00 68.87  ? 44  C   C "C3'" 1 
ATOM   1212 O  "O3'" . C   C 3 14 ? 6.584   14.766  -12.067 1.00 72.89  ? 44  C   C "O3'" 1 
ATOM   1213 C  "C2'" . C   C 3 14 ? 4.818   14.370  -10.442 1.00 67.74  ? 44  C   C "C2'" 1 
ATOM   1214 O  "O2'" . C   C 3 14 ? 4.042   15.211  -11.268 1.00 74.25  ? 44  C   C "O2'" 1 
ATOM   1215 C  "C1'" . C   C 3 14 ? 4.048   13.088  -10.109 1.00 64.53  ? 44  C   C "C1'" 1 
ATOM   1216 N  N1    . C   C 3 14 ? 4.425   12.528  -8.804  1.00 63.19  ? 44  C   C N1    1 
ATOM   1217 C  C2    . C   C 3 14 ? 3.840   13.050  -7.642  1.00 63.61  ? 44  C   C C2    1 
ATOM   1218 O  O2    . C   C 3 14 ? 3.000   13.960  -7.747  1.00 67.35  ? 44  C   C O2    1 
ATOM   1219 N  N3    . C   C 3 14 ? 4.203   12.550  -6.441  1.00 61.45  ? 44  C   C N3    1 
ATOM   1220 C  C4    . C   C 3 14 ? 5.103   11.561  -6.374  1.00 61.35  ? 44  C   C C4    1 
ATOM   1221 N  N4    . C   C 3 14 ? 5.437   11.096  -5.171  1.00 60.44  ? 44  C   C N4    1 
ATOM   1222 C  C5    . C   C 3 14 ? 5.704   11.005  -7.541  1.00 60.11  ? 44  C   C C5    1 
ATOM   1223 C  C6    . C   C 3 14 ? 5.341   11.514  -8.722  1.00 60.91  ? 44  C   C C6    1 
ATOM   1224 P  P     . C   C 3 15 ? 7.892   15.593  -11.641 1.00 74.96  ? 45  C   C P     1 
ATOM   1225 O  OP1   . C   C 3 15 ? 8.308   16.355  -12.842 1.00 80.31  ? 45  C   C OP1   1 
ATOM   1226 O  OP2   . C   C 3 15 ? 8.860   14.673  -10.990 1.00 76.82  ? 45  C   C OP2   1 
ATOM   1227 O  "O5'" . C   C 3 15 ? 7.354   16.618  -10.546 1.00 73.08  ? 45  C   C "O5'" 1 
ATOM   1228 C  "C5'" . C   C 3 15 ? 6.363   17.578  -10.881 1.00 70.92  ? 45  C   C "C5'" 1 
ATOM   1229 C  "C4'" . C   C 3 15 ? 5.882   18.282  -9.641  1.00 74.01  ? 45  C   C "C4'" 1 
ATOM   1230 O  "O4'" . C   C 3 15 ? 5.172   17.343  -8.790  1.00 74.27  ? 45  C   C "O4'" 1 
ATOM   1231 C  "C3'" . C   C 3 15 ? 6.999   18.797  -8.750  1.00 77.38  ? 45  C   C "C3'" 1 
ATOM   1232 O  "O3'" . C   C 3 15 ? 7.473   20.055  -9.211  1.00 83.54  ? 45  C   C "O3'" 1 
ATOM   1233 C  "C2'" . C   C 3 15 ? 6.320   18.888  -7.388  1.00 75.29  ? 45  C   C "C2'" 1 
ATOM   1234 O  "O2'" . C   C 3 15 ? 5.545   20.051  -7.191  1.00 78.29  ? 45  C   C "O2'" 1 
ATOM   1235 C  "C1'" . C   C 3 15 ? 5.407   17.666  -7.425  1.00 73.76  ? 45  C   C "C1'" 1 
ATOM   1236 N  N1    . C   C 3 15 ? 6.011   16.509  -6.758  1.00 72.10  ? 45  C   C N1    1 
ATOM   1237 C  C2    . C   C 3 15 ? 5.932   16.426  -5.370  1.00 70.53  ? 45  C   C C2    1 
ATOM   1238 O  O2    . C   C 3 15 ? 5.362   17.339  -4.750  1.00 70.52  ? 45  C   C O2    1 
ATOM   1239 N  N3    . C   C 3 15 ? 6.476   15.364  -4.739  1.00 69.58  ? 45  C   C N3    1 
ATOM   1240 C  C4    . C   C 3 15 ? 7.086   14.411  -5.448  1.00 69.24  ? 45  C   C C4    1 
ATOM   1241 N  N4    . C   C 3 15 ? 7.609   13.378  -4.789  1.00 68.47  ? 45  C   C N4    1 
ATOM   1242 C  C5    . C   C 3 15 ? 7.185   14.473  -6.868  1.00 69.79  ? 45  C   C C5    1 
ATOM   1243 C  C6    . C   C 3 15 ? 6.640   15.530  -7.476  1.00 71.71  ? 45  C   C C6    1 
ATOM   1244 P  P     . U   C 3 16 ? 8.989   20.488  -8.917  1.00 82.17  ? 46  U   C P     1 
ATOM   1245 O  OP1   . U   C 3 16 ? 9.282   21.679  -9.750  1.00 85.71  ? 46  U   C OP1   1 
ATOM   1246 O  OP2   . U   C 3 16 ? 9.836   19.274  -9.058  1.00 81.52  ? 46  U   C OP2   1 
ATOM   1247 O  "O5'" . U   C 3 16 ? 8.944   20.943  -7.391  1.00 79.24  ? 46  U   C "O5'" 1 
ATOM   1248 C  "C5'" . U   C 3 16 ? 8.152   22.056  -7.007  1.00 79.21  ? 46  U   C "C5'" 1 
ATOM   1249 C  "C4'" . U   C 3 16 ? 8.159   22.227  -5.508  1.00 79.51  ? 46  U   C "C4'" 1 
ATOM   1250 O  "O4'" . U   C 3 16 ? 7.502   21.087  -4.893  1.00 79.86  ? 46  U   C "O4'" 1 
ATOM   1251 C  "C3'" . U   C 3 16 ? 9.527   22.267  -4.848  1.00 79.28  ? 46  U   C "C3'" 1 
ATOM   1252 O  "O3'" . U   C 3 16 ? 10.110  23.558  -4.904  1.00 81.53  ? 46  U   C "O3'" 1 
ATOM   1253 C  "C2'" . U   C 3 16 ? 9.198   21.853  -3.421  1.00 78.49  ? 46  U   C "C2'" 1 
ATOM   1254 O  "O2'" . U   C 3 16 ? 8.619   22.908  -2.684  1.00 75.07  ? 46  U   C "O2'" 1 
ATOM   1255 C  "C1'" . U   C 3 16 ? 8.137   20.777  -3.660  1.00 78.23  ? 46  U   C "C1'" 1 
ATOM   1256 N  N1    . U   C 3 16 ? 8.716   19.426  -3.751  1.00 75.36  ? 46  U   C N1    1 
ATOM   1257 C  C2    . U   C 3 16 ? 9.015   18.770  -2.562  1.00 73.89  ? 46  U   C C2    1 
ATOM   1258 O  O2    . U   C 3 16 ? 8.815   19.261  -1.464  1.00 72.99  ? 46  U   C O2    1 
ATOM   1259 N  N3    . U   C 3 16 ? 9.558   17.518  -2.711  1.00 72.85  ? 46  U   C N3    1 
ATOM   1260 C  C4    . U   C 3 16 ? 9.824   16.863  -3.900  1.00 73.78  ? 46  U   C C4    1 
ATOM   1261 O  O4    . U   C 3 16 ? 10.288  15.717  -3.872  1.00 72.67  ? 46  U   C O4    1 
ATOM   1262 C  C5    . U   C 3 16 ? 9.488   17.607  -5.082  1.00 72.73  ? 46  U   C C5    1 
ATOM   1263 C  C6    . U   C 3 16 ? 8.958   18.830  -4.969  1.00 73.21  ? 46  U   C C6    1 
ATOM   1264 P  P     . G   C 3 17 ? 11.713  23.706  -4.872  1.00 87.43  ? 47  G   C P     1 
ATOM   1265 O  OP1   . G   C 3 17 ? 11.999  25.132  -5.165  1.00 89.43  ? 47  G   C OP1   1 
ATOM   1266 O  OP2   . G   C 3 17 ? 12.334  22.644  -5.714  1.00 82.84  ? 47  G   C OP2   1 
ATOM   1267 O  "O5'" . G   C 3 17 ? 12.086  23.452  -3.344  1.00 80.28  ? 47  G   C "O5'" 1 
ATOM   1268 C  "C5'" . G   C 3 17 ? 11.687  24.380  -2.348  1.00 76.42  ? 47  G   C "C5'" 1 
ATOM   1269 C  "C4'" . G   C 3 17 ? 12.104  23.901  -0.984  1.00 76.22  ? 47  G   C "C4'" 1 
ATOM   1270 O  "O4'" . G   C 3 17 ? 11.407  22.663  -0.678  1.00 78.20  ? 47  G   C "O4'" 1 
ATOM   1271 C  "C3'" . G   C 3 17 ? 13.573  23.552  -0.835  1.00 76.09  ? 47  G   C "C3'" 1 
ATOM   1272 O  "O3'" . G   C 3 17 ? 14.336  24.718  -0.572  1.00 75.93  ? 47  G   C "O3'" 1 
ATOM   1273 C  "C2'" . G   C 3 17 ? 13.550  22.585  0.343   1.00 77.35  ? 47  G   C "C2'" 1 
ATOM   1274 O  "O2'" . G   C 3 17 ? 13.448  23.248  1.592   1.00 72.76  ? 47  G   C "O2'" 1 
ATOM   1275 C  "C1'" . G   C 3 17 ? 12.258  21.806  0.073   1.00 76.94  ? 47  G   C "C1'" 1 
ATOM   1276 N  N9    . G   C 3 17 ? 12.469  20.577  -0.694  1.00 75.23  ? 47  G   C N9    1 
ATOM   1277 C  C8    . G   C 3 17 ? 12.273  20.398  -2.045  1.00 74.70  ? 47  G   C C8    1 
ATOM   1278 N  N7    . G   C 3 17 ? 12.573  19.195  -2.453  1.00 72.91  ? 47  G   C N7    1 
ATOM   1279 C  C5    . G   C 3 17 ? 12.988  18.534  -1.303  1.00 73.26  ? 47  G   C C5    1 
ATOM   1280 C  C6    . G   C 3 17 ? 13.441  17.196  -1.119  1.00 73.39  ? 47  G   C C6    1 
ATOM   1281 O  O6    . G   C 3 17 ? 13.579  16.303  -1.967  1.00 73.71  ? 47  G   C O6    1 
ATOM   1282 N  N1    . G   C 3 17 ? 13.750  16.939  0.210   1.00 71.98  ? 47  G   C N1    1 
ATOM   1283 C  C2    . G   C 3 17 ? 13.643  17.844  1.232   1.00 72.04  ? 47  G   C C2    1 
ATOM   1284 N  N2    . G   C 3 17 ? 13.974  17.390  2.446   1.00 72.02  ? 47  G   C N2    1 
ATOM   1285 N  N3    . G   C 3 17 ? 13.235  19.096  1.077   1.00 72.53  ? 47  G   C N3    1 
ATOM   1286 C  C4    . G   C 3 17 ? 12.924  19.369  -0.206  1.00 72.81  ? 47  G   C C4    1 
ATOM   1287 P  P     . C   C 3 18 ? 15.920  24.721  -0.865  1.00 80.52  ? 48  C   C P     1 
ATOM   1288 O  OP1   . C   C 3 18 ? 16.397  26.086  -0.512  1.00 82.06  ? 48  C   C OP1   1 
ATOM   1289 O  OP2   . C   C 3 18 ? 16.211  24.171  -2.222  1.00 71.03  ? 48  C   C OP2   1 
ATOM   1290 O  "O5'" . C   C 3 18 ? 16.500  23.736  0.244   1.00 76.54  ? 48  C   C "O5'" 1 
ATOM   1291 C  "C5'" . C   C 3 18 ? 16.473  24.116  1.613   1.00 72.98  ? 48  C   C "C5'" 1 
ATOM   1292 C  "C4'" . C   C 3 18 ? 17.116  23.057  2.473   1.00 75.39  ? 48  C   C "C4'" 1 
ATOM   1293 O  "O4'" . C   C 3 18 ? 16.281  21.866  2.466   1.00 78.43  ? 48  C   C "O4'" 1 
ATOM   1294 C  "C3'" . C   C 3 18 ? 18.470  22.554  2.003   1.00 76.84  ? 48  C   C "C3'" 1 
ATOM   1295 O  "O3'" . C   C 3 18 ? 19.547  23.394  2.390   1.00 75.33  ? 48  C   C "O3'" 1 
ATOM   1296 C  "C2'" . C   C 3 18 ? 18.542  21.186  2.663   1.00 75.93  ? 48  C   C "C2'" 1 
ATOM   1297 O  "O2'" . C   C 3 18 ? 18.852  21.288  4.035   1.00 77.04  ? 48  C   C "O2'" 1 
ATOM   1298 C  "C1'" . C   C 3 18 ? 17.099  20.705  2.513   1.00 75.49  ? 48  C   C "C1'" 1 
ATOM   1299 N  N1    . C   C 3 18 ? 16.917  19.943  1.264   1.00 74.36  ? 48  C   C N1    1 
ATOM   1300 C  C2    . C   C 3 18 ? 17.310  18.591  1.234   1.00 73.04  ? 48  C   C C2    1 
ATOM   1301 O  O2    . C   C 3 18 ? 17.750  18.068  2.272   1.00 71.24  ? 48  C   C O2    1 
ATOM   1302 N  N3    . C   C 3 18 ? 17.200  17.894  0.080   1.00 72.21  ? 48  C   C N3    1 
ATOM   1303 C  C4    . C   C 3 18 ? 16.717  18.488  -1.015  1.00 72.19  ? 48  C   C C4    1 
ATOM   1304 N  N4    . C   C 3 18 ? 16.653  17.767  -2.136  1.00 69.50  ? 48  C   C N4    1 
ATOM   1305 C  C5    . C   C 3 18 ? 16.284  19.854  -1.007  1.00 72.78  ? 48  C   C C5    1 
ATOM   1306 C  C6    . C   C 3 18 ? 16.400  20.535  0.142   1.00 72.96  ? 48  C   C C6    1 
ATOM   1307 P  P     . C   C 3 19 ? 20.914  23.367  1.538   1.00 80.34  ? 49  C   C P     1 
ATOM   1308 O  OP1   . C   C 3 19 ? 21.740  24.471  2.088   1.00 81.92  ? 49  C   C OP1   1 
ATOM   1309 O  OP2   . C   C 3 19 ? 20.575  23.358  0.088   1.00 78.24  ? 49  C   C OP2   1 
ATOM   1310 O  "O5'" . C   C 3 19 ? 21.598  21.970  1.933   1.00 79.42  ? 49  C   C "O5'" 1 
ATOM   1311 C  "C5'" . C   C 3 19 ? 21.621  21.563  3.299   1.00 78.46  ? 49  C   C "C5'" 1 
ATOM   1312 C  "C4'" . C   C 3 19 ? 22.033  20.104  3.482   1.00 79.78  ? 49  C   C "C4'" 1 
ATOM   1313 O  "O4'" . C   C 3 19 ? 21.163  19.190  2.751   1.00 77.48  ? 49  C   C "O4'" 1 
ATOM   1314 C  "C3'" . C   C 3 19 ? 23.450  19.772  3.027   1.00 76.40  ? 49  C   C "C3'" 1 
ATOM   1315 O  "O3'" . C   C 3 19 ? 23.716  18.548  3.710   1.00 79.98  ? 49  C   C "O3'" 1 
ATOM   1316 C  "C2'" . C   C 3 19 ? 23.279  19.183  1.634   1.00 74.04  ? 49  C   C "C2'" 1 
ATOM   1317 O  "O2'" . C   C 3 19 ? 24.230  18.175  1.389   1.00 79.09  ? 49  C   C "O2'" 1 
ATOM   1318 C  "C1'" . C   C 3 19 ? 21.888  18.564  1.716   1.00 73.96  ? 49  C   C "C1'" 1 
ATOM   1319 N  N1    . C   C 3 19 ? 21.120  18.554  0.467   1.00 72.97  ? 49  C   C N1    1 
ATOM   1320 C  C2    . C   C 3 19 ? 21.077  17.369  -0.270  1.00 70.97  ? 49  C   C C2    1 
ATOM   1321 O  O2    . C   C 3 19 ? 21.609  16.359  0.193   1.00 72.87  ? 49  C   C O2    1 
ATOM   1322 N  N3    . C   C 3 19 ? 20.451  17.350  -1.457  1.00 71.15  ? 49  C   C N3    1 
ATOM   1323 C  C4    . C   C 3 19 ? 19.851  18.448  -1.906  1.00 71.05  ? 49  C   C C4    1 
ATOM   1324 N  N4    . C   C 3 19 ? 19.249  18.388  -3.092  1.00 72.45  ? 49  C   C N4    1 
ATOM   1325 C  C5    . C   C 3 19 ? 19.842  19.660  -1.162  1.00 72.73  ? 49  C   C C5    1 
ATOM   1326 C  C6    . C   C 3 19 ? 20.485  19.670  0.011   1.00 73.37  ? 49  C   C C6    1 
HETATM 1327 S  S     . SO4 D 4 .  ? 9.660   -9.665  -6.794  0.30 64.72  ? 103 SO4 A S     1 
HETATM 1328 O  O1    . SO4 D 4 .  ? 10.677  -10.665 -6.422  0.30 64.55  ? 103 SO4 A O1    1 
HETATM 1329 O  O2    . SO4 D 4 .  ? 8.870   -10.154 -7.940  0.30 64.65  ? 103 SO4 A O2    1 
HETATM 1330 O  O3    . SO4 D 4 .  ? 8.767   -9.413  -5.650  0.30 65.68  ? 103 SO4 A O3    1 
HETATM 1331 O  O4    . SO4 D 4 .  ? 10.336  -8.416  -7.166  0.30 64.40  ? 103 SO4 A O4    1 
HETATM 1332 CO CO    . NCO E 5 .  ? 2.036   11.047  4.493   1.00 84.86  ? 101 NCO B CO    1 
HETATM 1333 N  N1    . NCO E 5 .  ? 1.802   9.500   5.775   1.00 84.33  ? 101 NCO B N1    1 
HETATM 1334 N  N2    . NCO E 5 .  ? 0.203   11.630  5.068   1.00 84.13  ? 101 NCO B N2    1 
HETATM 1335 N  N3    . NCO E 5 .  ? 3.040   12.154  5.793   1.00 84.25  ? 101 NCO B N3    1 
HETATM 1336 N  N4    . NCO E 5 .  ? 1.091   10.073  3.074   1.00 84.74  ? 101 NCO B N4    1 
HETATM 1337 N  N5    . NCO E 5 .  ? 2.201   12.512  3.207   1.00 83.71  ? 101 NCO B N5    1 
HETATM 1338 N  N6    . NCO E 5 .  ? 3.838   10.349  3.928   1.00 84.20  ? 101 NCO B N6    1 
HETATM 1339 CO CO    . NCO F 5 .  ? 6.584   -6.864  -9.164  1.00 86.82  ? 102 NCO B CO    1 
HETATM 1340 N  N1    . NCO F 5 .  ? 5.860   -6.894  -7.265  1.00 86.24  ? 102 NCO B N1    1 
HETATM 1341 N  N2    . NCO F 5 .  ? 8.411   -6.747  -8.327  1.00 86.47  ? 102 NCO B N2    1 
HETATM 1342 N  N3    . NCO F 5 .  ? 6.586   -8.845  -9.350  1.00 86.19  ? 102 NCO B N3    1 
HETATM 1343 N  N4    . NCO F 5 .  ? 6.617   -4.904  -9.162  1.00 86.11  ? 102 NCO B N4    1 
HETATM 1344 N  N5    . NCO F 5 .  ? 7.310   -6.754  -10.983 1.00 86.29  ? 102 NCO B N5    1 
HETATM 1345 N  N6    . NCO F 5 .  ? 4.705   -6.921  -9.916  1.00 86.08  ? 102 NCO B N6    1 
# 
loop_
_pdbx_poly_seq_scheme.asym_id 
_pdbx_poly_seq_scheme.entity_id 
_pdbx_poly_seq_scheme.seq_id 
_pdbx_poly_seq_scheme.mon_id 
_pdbx_poly_seq_scheme.ndb_seq_num 
_pdbx_poly_seq_scheme.pdb_seq_num 
_pdbx_poly_seq_scheme.auth_seq_num 
_pdbx_poly_seq_scheme.pdb_mon_id 
_pdbx_poly_seq_scheme.auth_mon_id 
_pdbx_poly_seq_scheme.pdb_strand_id 
_pdbx_poly_seq_scheme.pdb_ins_code 
_pdbx_poly_seq_scheme.hetero 
A 1 1  U   1  1  1  U   U   A . n 
A 1 2  C   2  2  2  C   C   A . n 
A 1 3  C   3  3  3  C   C   A . n 
A 1 4  C   4  4  4  C   C   A . n 
A 1 5  A   5  5  5  A   A   A . n 
A 1 6  G   6  6  6  G   G   A . n 
A 1 7  U   7  7  7  U   U   A . n 
A 1 8  C   8  8  8  C   C   A . n 
A 1 9  C   9  9  9  C   C   A . n 
A 1 10 A   10 10 10 A   A   A . n 
A 1 11 C   11 11 11 C   C   A . n 
A 1 12 C   12 12 12 C   C   A . n 
A 1 13 G   13 13 13 G   G   A . n 
A 1 14 U   14 14 ?  ?   ?   A . n 
B 2 1  C   1  2  2  C   C   B . n 
B 2 2  G   2  3  3  G   G   B . n 
B 2 3  G   3  4  4  G   G   B . n 
B 2 4  U   4  5  5  U   U   B . n 
B 2 5  G   5  6  6  G   G   B . n 
B 2 6  A   6  7  7  A   A   B . n 
B 2 7  G   7  8  8  G   G   B . n 
B 2 8  A   8  9  9  A   A   B . n 
B 2 9  1DP 9  10 10 1DP A   B . n 
B 2 10 G   10 11 11 G   G   B . n 
B 2 11 G   11 12 12 G   G   B . n 
B 2 12 G   12 13 13 G   G   B . n 
B 2 13 S9L 13 14 14 S9L S9L B . n 
B 2 14 G   14 15 15 G   G   B . n 
B 2 15 G   15 16 16 G   G   B . n 
B 2 16 C   16 17 17 C   C   B . n 
B 2 17 A   17 18 18 A   A   B . n 
B 2 18 G   18 19 19 G   G   B . n 
B 2 19 A   19 20 20 A   A   B . n 
B 2 20 G   20 21 21 G   G   B . n 
B 2 21 A   21 22 22 A   A   B . n 
B 2 22 A   22 23 23 A   A   B . n 
B 2 23 A   23 24 24 A   A   B . n 
B 2 24 C   24 25 25 C   C   B . n 
B 2 25 A   25 26 26 A   A   B . n 
B 2 26 C   26 27 27 C   C   B . n 
B 2 27 A   27 28 28 A   A   B . n 
B 2 28 C   28 29 29 C   C   B . n 
B 2 29 G   29 30 30 G   G   B . n 
B 2 30 A   30 31 31 A   A   B . n 
C 3 1  U   1  31 31 U   U   C . n 
C 3 2  C   2  32 32 C   C   C . n 
C 3 3  G   3  33 33 G   G   C . n 
C 3 4  U   4  34 34 U   U   C . n 
C 3 5  G   5  35 35 G   G   C . n 
C 3 6  G   6  36 36 G   G   C . n 
C 3 7  U   7  37 37 U   U   C . n 
C 3 8  A   8  38 38 A   A   C . n 
C 3 9  C   9  39 39 C   C   C . n 
C 3 10 A   10 40 40 A   A   C . n 
C 3 11 U   11 41 41 U   U   C . n 
C 3 12 U   12 42 42 U   U   C . n 
C 3 13 A   13 43 43 A   A   C . n 
C 3 14 C   14 44 44 C   C   C . n 
C 3 15 C   15 45 45 C   C   C . n 
C 3 16 U   16 46 46 U   U   C . n 
C 3 17 G   17 47 47 G   G   C . n 
C 3 18 C   18 48 48 C   C   C . n 
C 3 19 C   19 49 49 C   C   C . n 
# 
loop_
_pdbx_nonpoly_scheme.asym_id 
_pdbx_nonpoly_scheme.entity_id 
_pdbx_nonpoly_scheme.mon_id 
_pdbx_nonpoly_scheme.ndb_seq_num 
_pdbx_nonpoly_scheme.pdb_seq_num 
_pdbx_nonpoly_scheme.auth_seq_num 
_pdbx_nonpoly_scheme.pdb_mon_id 
_pdbx_nonpoly_scheme.auth_mon_id 
_pdbx_nonpoly_scheme.pdb_strand_id 
_pdbx_nonpoly_scheme.pdb_ins_code 
D 4 SO4 1 103 3 SO4 SO4 A . 
E 5 NCO 1 101 1 NCO NCO B . 
F 5 NCO 1 102 2 NCO NCO B . 
# 
_pdbx_struct_assembly.id                   1 
_pdbx_struct_assembly.details              author_and_software_defined_assembly 
_pdbx_struct_assembly.method_details       PISA 
_pdbx_struct_assembly.oligomeric_details   trimeric 
_pdbx_struct_assembly.oligomeric_count     3 
# 
_pdbx_struct_assembly_gen.assembly_id       1 
_pdbx_struct_assembly_gen.oper_expression   1 
_pdbx_struct_assembly_gen.asym_id_list      A,B,C,D,E,F 
# 
loop_
_pdbx_struct_assembly_prop.biol_id 
_pdbx_struct_assembly_prop.type 
_pdbx_struct_assembly_prop.value 
_pdbx_struct_assembly_prop.details 
1 'ABSA (A^2)' 3060  ? 
1 MORE         -0.1  ? 
1 'SSA (A^2)'  11300 ? 
# 
_pdbx_struct_oper_list.id                   1 
_pdbx_struct_oper_list.type                 'identity operation' 
_pdbx_struct_oper_list.name                 1_555 
_pdbx_struct_oper_list.symmetry_operation   x,y,z 
_pdbx_struct_oper_list.matrix[1][1]         1.0000000000 
_pdbx_struct_oper_list.matrix[1][2]         0.0000000000 
_pdbx_struct_oper_list.matrix[1][3]         0.0000000000 
_pdbx_struct_oper_list.vector[1]            0.0000000000 
_pdbx_struct_oper_list.matrix[2][1]         0.0000000000 
_pdbx_struct_oper_list.matrix[2][2]         1.0000000000 
_pdbx_struct_oper_list.matrix[2][3]         0.0000000000 
_pdbx_struct_oper_list.vector[2]            0.0000000000 
_pdbx_struct_oper_list.matrix[3][1]         0.0000000000 
_pdbx_struct_oper_list.matrix[3][2]         0.0000000000 
_pdbx_struct_oper_list.matrix[3][3]         1.0000000000 
_pdbx_struct_oper_list.vector[3]            0.0000000000 
# 
loop_
_pdbx_audit_revision_history.ordinal 
_pdbx_audit_revision_history.data_content_type 
_pdbx_audit_revision_history.major_revision 
_pdbx_audit_revision_history.minor_revision 
_pdbx_audit_revision_history.revision_date 
1 'Structure model' 1 0 2009-11-03 
2 'Structure model' 1 1 2011-07-13 
3 'Structure model' 1 2 2023-09-06 
# 
_pdbx_audit_revision_details.ordinal             1 
_pdbx_audit_revision_details.revision_ordinal    1 
_pdbx_audit_revision_details.data_content_type   'Structure model' 
_pdbx_audit_revision_details.provider            repository 
_pdbx_audit_revision_details.type                'Initial release' 
_pdbx_audit_revision_details.description         ? 
_pdbx_audit_revision_details.details             ? 
# 
loop_
_pdbx_audit_revision_group.ordinal 
_pdbx_audit_revision_group.revision_ordinal 
_pdbx_audit_revision_group.data_content_type 
_pdbx_audit_revision_group.group 
1 2 'Structure model' 'Version format compliance' 
2 3 'Structure model' 'Data collection'           
3 3 'Structure model' 'Database references'       
4 3 'Structure model' 'Derived calculations'      
5 3 'Structure model' 'Refinement description'    
# 
loop_
_pdbx_audit_revision_category.ordinal 
_pdbx_audit_revision_category.revision_ordinal 
_pdbx_audit_revision_category.data_content_type 
_pdbx_audit_revision_category.category 
1 3 'Structure model' chem_comp_atom                
2 3 'Structure model' chem_comp_bond                
3 3 'Structure model' database_2                    
4 3 'Structure model' pdbx_initial_refinement_model 
5 3 'Structure model' struct_conn                   
6 3 'Structure model' struct_site                   
# 
loop_
_pdbx_audit_revision_item.ordinal 
_pdbx_audit_revision_item.revision_ordinal 
_pdbx_audit_revision_item.data_content_type 
_pdbx_audit_revision_item.item 
1  3 'Structure model' '_database_2.pdbx_DOI'                
2  3 'Structure model' '_database_2.pdbx_database_accession' 
3  3 'Structure model' '_struct_conn.pdbx_dist_value'        
4  3 'Structure model' '_struct_conn.pdbx_leaving_atom_flag' 
5  3 'Structure model' '_struct_conn.ptnr1_auth_asym_id'     
6  3 'Structure model' '_struct_conn.ptnr1_auth_comp_id'     
7  3 'Structure model' '_struct_conn.ptnr1_auth_seq_id'      
8  3 'Structure model' '_struct_conn.ptnr1_label_asym_id'    
9  3 'Structure model' '_struct_conn.ptnr1_label_atom_id'    
10 3 'Structure model' '_struct_conn.ptnr1_label_comp_id'    
11 3 'Structure model' '_struct_conn.ptnr1_label_seq_id'     
12 3 'Structure model' '_struct_conn.ptnr2_auth_asym_id'     
13 3 'Structure model' '_struct_conn.ptnr2_auth_comp_id'     
14 3 'Structure model' '_struct_conn.ptnr2_auth_seq_id'      
15 3 'Structure model' '_struct_conn.ptnr2_label_asym_id'    
16 3 'Structure model' '_struct_conn.ptnr2_label_comp_id'    
17 3 'Structure model' '_struct_conn.ptnr2_label_seq_id'     
18 3 'Structure model' '_struct_site.pdbx_auth_asym_id'      
19 3 'Structure model' '_struct_site.pdbx_auth_comp_id'      
20 3 'Structure model' '_struct_site.pdbx_auth_seq_id'       
# 
loop_
_software.name 
_software.classification 
_software.version 
_software.citation_id 
_software.pdbx_ordinal 
HKL-2000 'data collection' . ? 1 
CNS      refinement        . ? 2 
HKL-2000 'data reduction'  . ? 3 
HKL-2000 'data scaling'    . ? 4 
CNS      phasing           . ? 5 
# 
_pdbx_validate_symm_contact.id                1 
_pdbx_validate_symm_contact.PDB_model_num     1 
_pdbx_validate_symm_contact.auth_atom_id_1    "O3'" 
_pdbx_validate_symm_contact.auth_asym_id_1    B 
_pdbx_validate_symm_contact.auth_comp_id_1    A 
_pdbx_validate_symm_contact.auth_seq_id_1     31 
_pdbx_validate_symm_contact.PDB_ins_code_1    ? 
_pdbx_validate_symm_contact.label_alt_id_1    ? 
_pdbx_validate_symm_contact.site_symmetry_1   1_555 
_pdbx_validate_symm_contact.auth_atom_id_2    "O3'" 
_pdbx_validate_symm_contact.auth_asym_id_2    B 
_pdbx_validate_symm_contact.auth_comp_id_2    A 
_pdbx_validate_symm_contact.auth_seq_id_2     31 
_pdbx_validate_symm_contact.PDB_ins_code_2    ? 
_pdbx_validate_symm_contact.label_alt_id_2    ? 
_pdbx_validate_symm_contact.site_symmetry_2   11_655 
_pdbx_validate_symm_contact.dist              2.15 
# 
loop_
_pdbx_validate_rmsd_bond.id 
_pdbx_validate_rmsd_bond.PDB_model_num 
_pdbx_validate_rmsd_bond.auth_atom_id_1 
_pdbx_validate_rmsd_bond.auth_asym_id_1 
_pdbx_validate_rmsd_bond.auth_comp_id_1 
_pdbx_validate_rmsd_bond.auth_seq_id_1 
_pdbx_validate_rmsd_bond.PDB_ins_code_1 
_pdbx_validate_rmsd_bond.label_alt_id_1 
_pdbx_validate_rmsd_bond.auth_atom_id_2 
_pdbx_validate_rmsd_bond.auth_asym_id_2 
_pdbx_validate_rmsd_bond.auth_comp_id_2 
_pdbx_validate_rmsd_bond.auth_seq_id_2 
_pdbx_validate_rmsd_bond.PDB_ins_code_2 
_pdbx_validate_rmsd_bond.label_alt_id_2 
_pdbx_validate_rmsd_bond.bond_value 
_pdbx_validate_rmsd_bond.bond_target_value 
_pdbx_validate_rmsd_bond.bond_deviation 
_pdbx_validate_rmsd_bond.bond_standard_deviation 
_pdbx_validate_rmsd_bond.linker_flag 
1 1 "C4'" A A 5 ? ? "C3'" A A 5 ? ? 1.378 1.521 -0.143 0.010 N 
2 1 "C3'" A A 5 ? ? "C2'" A A 5 ? ? 1.732 1.525 0.207  0.011 N 
# 
loop_
_pdbx_validate_rmsd_angle.id 
_pdbx_validate_rmsd_angle.PDB_model_num 
_pdbx_validate_rmsd_angle.auth_atom_id_1 
_pdbx_validate_rmsd_angle.auth_asym_id_1 
_pdbx_validate_rmsd_angle.auth_comp_id_1 
_pdbx_validate_rmsd_angle.auth_seq_id_1 
_pdbx_validate_rmsd_angle.PDB_ins_code_1 
_pdbx_validate_rmsd_angle.label_alt_id_1 
_pdbx_validate_rmsd_angle.auth_atom_id_2 
_pdbx_validate_rmsd_angle.auth_asym_id_2 
_pdbx_validate_rmsd_angle.auth_comp_id_2 
_pdbx_validate_rmsd_angle.auth_seq_id_2 
_pdbx_validate_rmsd_angle.PDB_ins_code_2 
_pdbx_validate_rmsd_angle.label_alt_id_2 
_pdbx_validate_rmsd_angle.auth_atom_id_3 
_pdbx_validate_rmsd_angle.auth_asym_id_3 
_pdbx_validate_rmsd_angle.auth_comp_id_3 
_pdbx_validate_rmsd_angle.auth_seq_id_3 
_pdbx_validate_rmsd_angle.PDB_ins_code_3 
_pdbx_validate_rmsd_angle.label_alt_id_3 
_pdbx_validate_rmsd_angle.angle_value 
_pdbx_validate_rmsd_angle.angle_target_value 
_pdbx_validate_rmsd_angle.angle_deviation 
_pdbx_validate_rmsd_angle.angle_standard_deviation 
_pdbx_validate_rmsd_angle.linker_flag 
1 1 "C5'" A A 5  ? ? "C4'" A A 5  ? ? "C3'" A A 5  ? ? 78.35  115.20 -36.85 1.40 N 
2 1 "C3'" A A 5  ? ? "C2'" A A 5  ? ? "C1'" A A 5  ? ? 92.84  101.30 -8.46  0.70 N 
3 1 "C3'" A A 5  ? ? "C2'" A A 5  ? ? "O2'" A A 5  ? ? 143.78 113.30 30.48  2.90 N 
4 1 N1    C U 42 ? ? "C1'" C U 42 ? ? "C2'" C U 42 ? ? 122.68 114.00 8.68   1.30 N 
# 
_pdbx_validate_planes.id              1 
_pdbx_validate_planes.PDB_model_num   1 
_pdbx_validate_planes.auth_comp_id    U 
_pdbx_validate_planes.auth_asym_id    C 
_pdbx_validate_planes.auth_seq_id     42 
_pdbx_validate_planes.PDB_ins_code    ? 
_pdbx_validate_planes.label_alt_id    ? 
_pdbx_validate_planes.rmsd            0.064 
_pdbx_validate_planes.type            'SIDE CHAIN' 
# 
_pdbx_unobs_or_zero_occ_atoms.id               1 
_pdbx_unobs_or_zero_occ_atoms.PDB_model_num    1 
_pdbx_unobs_or_zero_occ_atoms.polymer_flag     Y 
_pdbx_unobs_or_zero_occ_atoms.occupancy_flag   1 
_pdbx_unobs_or_zero_occ_atoms.auth_asym_id     A 
_pdbx_unobs_or_zero_occ_atoms.auth_comp_id     A 
_pdbx_unobs_or_zero_occ_atoms.auth_seq_id      5 
_pdbx_unobs_or_zero_occ_atoms.PDB_ins_code     ? 
_pdbx_unobs_or_zero_occ_atoms.auth_atom_id     "O3'" 
_pdbx_unobs_or_zero_occ_atoms.label_alt_id     ? 
_pdbx_unobs_or_zero_occ_atoms.label_asym_id    A 
_pdbx_unobs_or_zero_occ_atoms.label_comp_id    A 
_pdbx_unobs_or_zero_occ_atoms.label_seq_id     5 
_pdbx_unobs_or_zero_occ_atoms.label_atom_id    "O3'" 
# 
_pdbx_unobs_or_zero_occ_residues.id               1 
_pdbx_unobs_or_zero_occ_residues.PDB_model_num    1 
_pdbx_unobs_or_zero_occ_residues.polymer_flag     Y 
_pdbx_unobs_or_zero_occ_residues.occupancy_flag   1 
_pdbx_unobs_or_zero_occ_residues.auth_asym_id     A 
_pdbx_unobs_or_zero_occ_residues.auth_comp_id     U 
_pdbx_unobs_or_zero_occ_residues.auth_seq_id      14 
_pdbx_unobs_or_zero_occ_residues.PDB_ins_code     ? 
_pdbx_unobs_or_zero_occ_residues.label_asym_id    A 
_pdbx_unobs_or_zero_occ_residues.label_comp_id    U 
_pdbx_unobs_or_zero_occ_residues.label_seq_id     14 
# 
loop_
_chem_comp_atom.comp_id 
_chem_comp_atom.atom_id 
_chem_comp_atom.type_symbol 
_chem_comp_atom.pdbx_aromatic_flag 
_chem_comp_atom.pdbx_stereo_config 
_chem_comp_atom.pdbx_ordinal 
1DP O3P    O  N N 1   
1DP P      P  N N 2   
1DP O1P    O  N N 3   
1DP O2P    O  N N 4   
1DP "O5'"  O  N N 5   
1DP "C5'"  C  N N 6   
1DP "C4'"  C  N R 7   
1DP "O4'"  O  N N 8   
1DP "C1'"  C  N R 9   
1DP N9     N  Y N 10  
1DP C4     C  Y N 11  
1DP N3     N  Y N 12  
1DP C2     C  Y N 13  
1DP C1     C  Y N 14  
1DP C6     C  Y N 15  
1DP N6     N  N N 16  
1DP C5     C  Y N 17  
1DP N7     N  Y N 18  
1DP C8     C  Y N 19  
1DP "C2'"  C  N R 20  
1DP "O2'"  O  N N 21  
1DP "C3'"  C  N S 22  
1DP "O3'"  O  N N 23  
1DP HO3P   H  N N 24  
1DP HO2P   H  N N 25  
1DP "H5'"  H  N N 26  
1DP "H5'A" H  N N 27  
1DP "H4'"  H  N N 28  
1DP "H1'"  H  N N 29  
1DP H2     H  N N 30  
1DP H1     H  N N 31  
1DP HN6    H  N N 32  
1DP HN6A   H  N N 33  
1DP H8     H  N N 34  
1DP "H2'"  H  N N 35  
1DP "HO2'" H  N N 36  
1DP "H3'"  H  N N 37  
1DP "HO3'" H  N N 38  
A   OP3    O  N N 39  
A   P      P  N N 40  
A   OP1    O  N N 41  
A   OP2    O  N N 42  
A   "O5'"  O  N N 43  
A   "C5'"  C  N N 44  
A   "C4'"  C  N R 45  
A   "O4'"  O  N N 46  
A   "C3'"  C  N S 47  
A   "O3'"  O  N N 48  
A   "C2'"  C  N R 49  
A   "O2'"  O  N N 50  
A   "C1'"  C  N R 51  
A   N9     N  Y N 52  
A   C8     C  Y N 53  
A   N7     N  Y N 54  
A   C5     C  Y N 55  
A   C6     C  Y N 56  
A   N6     N  N N 57  
A   N1     N  Y N 58  
A   C2     C  Y N 59  
A   N3     N  Y N 60  
A   C4     C  Y N 61  
A   HOP3   H  N N 62  
A   HOP2   H  N N 63  
A   "H5'"  H  N N 64  
A   "H5''" H  N N 65  
A   "H4'"  H  N N 66  
A   "H3'"  H  N N 67  
A   "HO3'" H  N N 68  
A   "H2'"  H  N N 69  
A   "HO2'" H  N N 70  
A   "H1'"  H  N N 71  
A   H8     H  N N 72  
A   H61    H  N N 73  
A   H62    H  N N 74  
A   H2     H  N N 75  
C   OP3    O  N N 76  
C   P      P  N N 77  
C   OP1    O  N N 78  
C   OP2    O  N N 79  
C   "O5'"  O  N N 80  
C   "C5'"  C  N N 81  
C   "C4'"  C  N R 82  
C   "O4'"  O  N N 83  
C   "C3'"  C  N S 84  
C   "O3'"  O  N N 85  
C   "C2'"  C  N R 86  
C   "O2'"  O  N N 87  
C   "C1'"  C  N R 88  
C   N1     N  N N 89  
C   C2     C  N N 90  
C   O2     O  N N 91  
C   N3     N  N N 92  
C   C4     C  N N 93  
C   N4     N  N N 94  
C   C5     C  N N 95  
C   C6     C  N N 96  
C   HOP3   H  N N 97  
C   HOP2   H  N N 98  
C   "H5'"  H  N N 99  
C   "H5''" H  N N 100 
C   "H4'"  H  N N 101 
C   "H3'"  H  N N 102 
C   "HO3'" H  N N 103 
C   "H2'"  H  N N 104 
C   "HO2'" H  N N 105 
C   "H1'"  H  N N 106 
C   H41    H  N N 107 
C   H42    H  N N 108 
C   H5     H  N N 109 
C   H6     H  N N 110 
G   OP3    O  N N 111 
G   P      P  N N 112 
G   OP1    O  N N 113 
G   OP2    O  N N 114 
G   "O5'"  O  N N 115 
G   "C5'"  C  N N 116 
G   "C4'"  C  N R 117 
G   "O4'"  O  N N 118 
G   "C3'"  C  N S 119 
G   "O3'"  O  N N 120 
G   "C2'"  C  N R 121 
G   "O2'"  O  N N 122 
G   "C1'"  C  N R 123 
G   N9     N  Y N 124 
G   C8     C  Y N 125 
G   N7     N  Y N 126 
G   C5     C  Y N 127 
G   C6     C  N N 128 
G   O6     O  N N 129 
G   N1     N  N N 130 
G   C2     C  N N 131 
G   N2     N  N N 132 
G   N3     N  N N 133 
G   C4     C  Y N 134 
G   HOP3   H  N N 135 
G   HOP2   H  N N 136 
G   "H5'"  H  N N 137 
G   "H5''" H  N N 138 
G   "H4'"  H  N N 139 
G   "H3'"  H  N N 140 
G   "HO3'" H  N N 141 
G   "H2'"  H  N N 142 
G   "HO2'" H  N N 143 
G   "H1'"  H  N N 144 
G   H8     H  N N 145 
G   H1     H  N N 146 
G   H21    H  N N 147 
G   H22    H  N N 148 
NCO CO     CO N N 149 
NCO N1     N  N N 150 
NCO N2     N  N N 151 
NCO N3     N  N N 152 
NCO N4     N  N N 153 
NCO N5     N  N N 154 
NCO N6     N  N N 155 
NCO HN11   H  N N 156 
NCO HN12   H  N N 157 
NCO HN13   H  N N 158 
NCO HN21   H  N N 159 
NCO HN22   H  N N 160 
NCO HN23   H  N N 161 
NCO HN31   H  N N 162 
NCO HN32   H  N N 163 
NCO HN33   H  N N 164 
NCO HN41   H  N N 165 
NCO HN42   H  N N 166 
NCO HN43   H  N N 167 
NCO HN51   H  N N 168 
NCO HN52   H  N N 169 
NCO HN53   H  N N 170 
NCO HN61   H  N N 171 
NCO HN62   H  N N 172 
NCO HN63   H  N N 173 
S9L O3P    O  N N 174 
S9L P      P  N N 175 
S9L O1P    O  N N 176 
S9L O2P    O  N N 177 
S9L "O5'"  O  N N 178 
S9L C12    C  N N 179 
S9L C22    C  N N 180 
S9L OH3    O  N N 181 
S9L C13    C  N N 182 
S9L C23    C  N N 183 
S9L OH4    O  N N 184 
S9L C14    C  N N 185 
S9L C24    C  N N 186 
S9L "O3'"  O  N N 187 
S9L HO3P   H  N N 188 
S9L HO1P   H  N N 189 
S9L H121   H  N N 190 
S9L H122   H  N N 191 
S9L H221   H  N N 192 
S9L H222   H  N N 193 
S9L H131   H  N N 194 
S9L H132   H  N N 195 
S9L H231   H  N N 196 
S9L H232   H  N N 197 
S9L H141   H  N N 198 
S9L H142   H  N N 199 
S9L H241   H  N N 200 
S9L H242   H  N N 201 
S9L "HO3'" H  N N 202 
SO4 S      S  N N 203 
SO4 O1     O  N N 204 
SO4 O2     O  N N 205 
SO4 O3     O  N N 206 
SO4 O4     O  N N 207 
U   OP3    O  N N 208 
U   P      P  N N 209 
U   OP1    O  N N 210 
U   OP2    O  N N 211 
U   "O5'"  O  N N 212 
U   "C5'"  C  N N 213 
U   "C4'"  C  N R 214 
U   "O4'"  O  N N 215 
U   "C3'"  C  N S 216 
U   "O3'"  O  N N 217 
U   "C2'"  C  N R 218 
U   "O2'"  O  N N 219 
U   "C1'"  C  N R 220 
U   N1     N  N N 221 
U   C2     C  N N 222 
U   O2     O  N N 223 
U   N3     N  N N 224 
U   C4     C  N N 225 
U   O4     O  N N 226 
U   C5     C  N N 227 
U   C6     C  N N 228 
U   HOP3   H  N N 229 
U   HOP2   H  N N 230 
U   "H5'"  H  N N 231 
U   "H5''" H  N N 232 
U   "H4'"  H  N N 233 
U   "H3'"  H  N N 234 
U   "HO3'" H  N N 235 
U   "H2'"  H  N N 236 
U   "HO2'" H  N N 237 
U   "H1'"  H  N N 238 
U   H3     H  N N 239 
U   H5     H  N N 240 
U   H6     H  N N 241 
# 
loop_
_chem_comp_bond.comp_id 
_chem_comp_bond.atom_id_1 
_chem_comp_bond.atom_id_2 
_chem_comp_bond.value_order 
_chem_comp_bond.pdbx_aromatic_flag 
_chem_comp_bond.pdbx_stereo_config 
_chem_comp_bond.pdbx_ordinal 
1DP P     O3P    sing N N 1   
1DP O3P   HO3P   sing N N 2   
1DP "O5'" P      sing N N 3   
1DP O1P   P      doub N N 4   
1DP P     O2P    sing N N 5   
1DP O2P   HO2P   sing N N 6   
1DP "O5'" "C5'"  sing N N 7   
1DP "C4'" "C5'"  sing N N 8   
1DP "C5'" "H5'"  sing N N 9   
1DP "C5'" "H5'A" sing N N 10  
1DP "C3'" "C4'"  sing N N 11  
1DP "C4'" "O4'"  sing N N 12  
1DP "C4'" "H4'"  sing N N 13  
1DP "C1'" "O4'"  sing N N 14  
1DP "C2'" "C1'"  sing N N 15  
1DP N9    "C1'"  sing N N 16  
1DP "C1'" "H1'"  sing N N 17  
1DP C4    N9     sing Y N 18  
1DP N9    C8     sing Y N 19  
1DP N3    C4     doub Y N 20  
1DP C4    C5     sing Y N 21  
1DP C2    N3     sing Y N 22  
1DP C1    C2     doub Y N 23  
1DP C2    H2     sing N N 24  
1DP C1    C6     sing Y N 25  
1DP C1    H1     sing N N 26  
1DP N6    C6     sing N N 27  
1DP C6    C5     doub Y N 28  
1DP N6    HN6    sing N N 29  
1DP N6    HN6A   sing N N 30  
1DP C5    N7     sing Y N 31  
1DP N7    C8     doub Y N 32  
1DP C8    H8     sing N N 33  
1DP "O2'" "C2'"  sing N N 34  
1DP "C2'" "C3'"  sing N N 35  
1DP "C2'" "H2'"  sing N N 36  
1DP "O2'" "HO2'" sing N N 37  
1DP "O3'" "C3'"  sing N N 38  
1DP "C3'" "H3'"  sing N N 39  
1DP "O3'" "HO3'" sing N N 40  
A   OP3   P      sing N N 41  
A   OP3   HOP3   sing N N 42  
A   P     OP1    doub N N 43  
A   P     OP2    sing N N 44  
A   P     "O5'"  sing N N 45  
A   OP2   HOP2   sing N N 46  
A   "O5'" "C5'"  sing N N 47  
A   "C5'" "C4'"  sing N N 48  
A   "C5'" "H5'"  sing N N 49  
A   "C5'" "H5''" sing N N 50  
A   "C4'" "O4'"  sing N N 51  
A   "C4'" "C3'"  sing N N 52  
A   "C4'" "H4'"  sing N N 53  
A   "O4'" "C1'"  sing N N 54  
A   "C3'" "O3'"  sing N N 55  
A   "C3'" "C2'"  sing N N 56  
A   "C3'" "H3'"  sing N N 57  
A   "O3'" "HO3'" sing N N 58  
A   "C2'" "O2'"  sing N N 59  
A   "C2'" "C1'"  sing N N 60  
A   "C2'" "H2'"  sing N N 61  
A   "O2'" "HO2'" sing N N 62  
A   "C1'" N9     sing N N 63  
A   "C1'" "H1'"  sing N N 64  
A   N9    C8     sing Y N 65  
A   N9    C4     sing Y N 66  
A   C8    N7     doub Y N 67  
A   C8    H8     sing N N 68  
A   N7    C5     sing Y N 69  
A   C5    C6     sing Y N 70  
A   C5    C4     doub Y N 71  
A   C6    N6     sing N N 72  
A   C6    N1     doub Y N 73  
A   N6    H61    sing N N 74  
A   N6    H62    sing N N 75  
A   N1    C2     sing Y N 76  
A   C2    N3     doub Y N 77  
A   C2    H2     sing N N 78  
A   N3    C4     sing Y N 79  
C   OP3   P      sing N N 80  
C   OP3   HOP3   sing N N 81  
C   P     OP1    doub N N 82  
C   P     OP2    sing N N 83  
C   P     "O5'"  sing N N 84  
C   OP2   HOP2   sing N N 85  
C   "O5'" "C5'"  sing N N 86  
C   "C5'" "C4'"  sing N N 87  
C   "C5'" "H5'"  sing N N 88  
C   "C5'" "H5''" sing N N 89  
C   "C4'" "O4'"  sing N N 90  
C   "C4'" "C3'"  sing N N 91  
C   "C4'" "H4'"  sing N N 92  
C   "O4'" "C1'"  sing N N 93  
C   "C3'" "O3'"  sing N N 94  
C   "C3'" "C2'"  sing N N 95  
C   "C3'" "H3'"  sing N N 96  
C   "O3'" "HO3'" sing N N 97  
C   "C2'" "O2'"  sing N N 98  
C   "C2'" "C1'"  sing N N 99  
C   "C2'" "H2'"  sing N N 100 
C   "O2'" "HO2'" sing N N 101 
C   "C1'" N1     sing N N 102 
C   "C1'" "H1'"  sing N N 103 
C   N1    C2     sing N N 104 
C   N1    C6     sing N N 105 
C   C2    O2     doub N N 106 
C   C2    N3     sing N N 107 
C   N3    C4     doub N N 108 
C   C4    N4     sing N N 109 
C   C4    C5     sing N N 110 
C   N4    H41    sing N N 111 
C   N4    H42    sing N N 112 
C   C5    C6     doub N N 113 
C   C5    H5     sing N N 114 
C   C6    H6     sing N N 115 
G   OP3   P      sing N N 116 
G   OP3   HOP3   sing N N 117 
G   P     OP1    doub N N 118 
G   P     OP2    sing N N 119 
G   P     "O5'"  sing N N 120 
G   OP2   HOP2   sing N N 121 
G   "O5'" "C5'"  sing N N 122 
G   "C5'" "C4'"  sing N N 123 
G   "C5'" "H5'"  sing N N 124 
G   "C5'" "H5''" sing N N 125 
G   "C4'" "O4'"  sing N N 126 
G   "C4'" "C3'"  sing N N 127 
G   "C4'" "H4'"  sing N N 128 
G   "O4'" "C1'"  sing N N 129 
G   "C3'" "O3'"  sing N N 130 
G   "C3'" "C2'"  sing N N 131 
G   "C3'" "H3'"  sing N N 132 
G   "O3'" "HO3'" sing N N 133 
G   "C2'" "O2'"  sing N N 134 
G   "C2'" "C1'"  sing N N 135 
G   "C2'" "H2'"  sing N N 136 
G   "O2'" "HO2'" sing N N 137 
G   "C1'" N9     sing N N 138 
G   "C1'" "H1'"  sing N N 139 
G   N9    C8     sing Y N 140 
G   N9    C4     sing Y N 141 
G   C8    N7     doub Y N 142 
G   C8    H8     sing N N 143 
G   N7    C5     sing Y N 144 
G   C5    C6     sing N N 145 
G   C5    C4     doub Y N 146 
G   C6    O6     doub N N 147 
G   C6    N1     sing N N 148 
G   N1    C2     sing N N 149 
G   N1    H1     sing N N 150 
G   C2    N2     sing N N 151 
G   C2    N3     doub N N 152 
G   N2    H21    sing N N 153 
G   N2    H22    sing N N 154 
G   N3    C4     sing N N 155 
NCO CO    N1     sing N N 156 
NCO CO    N2     sing N N 157 
NCO CO    N3     sing N N 158 
NCO CO    N4     sing N N 159 
NCO CO    N5     sing N N 160 
NCO CO    N6     sing N N 161 
NCO N1    HN11   sing N N 162 
NCO N1    HN12   sing N N 163 
NCO N1    HN13   sing N N 164 
NCO N2    HN21   sing N N 165 
NCO N2    HN22   sing N N 166 
NCO N2    HN23   sing N N 167 
NCO N3    HN31   sing N N 168 
NCO N3    HN32   sing N N 169 
NCO N3    HN33   sing N N 170 
NCO N4    HN41   sing N N 171 
NCO N4    HN42   sing N N 172 
NCO N4    HN43   sing N N 173 
NCO N5    HN51   sing N N 174 
NCO N5    HN52   sing N N 175 
NCO N5    HN53   sing N N 176 
NCO N6    HN61   sing N N 177 
NCO N6    HN62   sing N N 178 
NCO N6    HN63   sing N N 179 
S9L O3P   P      sing N N 180 
S9L O3P   HO3P   sing N N 181 
S9L P     O2P    doub N N 182 
S9L P     O1P    sing N N 183 
S9L P     "O5'"  sing N N 184 
S9L O1P   HO1P   sing N N 185 
S9L "O5'" C12    sing N N 186 
S9L C12   C22    sing N N 187 
S9L C12   H121   sing N N 188 
S9L C12   H122   sing N N 189 
S9L C22   OH3    sing N N 190 
S9L C22   H221   sing N N 191 
S9L C22   H222   sing N N 192 
S9L OH3   C23    sing N N 193 
S9L C13   C23    sing N N 194 
S9L C13   OH4    sing N N 195 
S9L C13   H131   sing N N 196 
S9L C13   H132   sing N N 197 
S9L C23   H231   sing N N 198 
S9L C23   H232   sing N N 199 
S9L OH4   C24    sing N N 200 
S9L C14   C24    sing N N 201 
S9L C14   "O3'"  sing N N 202 
S9L C14   H141   sing N N 203 
S9L C14   H142   sing N N 204 
S9L C24   H241   sing N N 205 
S9L C24   H242   sing N N 206 
S9L "O3'" "HO3'" sing N N 207 
SO4 S     O1     doub N N 208 
SO4 S     O2     doub N N 209 
SO4 S     O3     sing N N 210 
SO4 S     O4     sing N N 211 
U   OP3   P      sing N N 212 
U   OP3   HOP3   sing N N 213 
U   P     OP1    doub N N 214 
U   P     OP2    sing N N 215 
U   P     "O5'"  sing N N 216 
U   OP2   HOP2   sing N N 217 
U   "O5'" "C5'"  sing N N 218 
U   "C5'" "C4'"  sing N N 219 
U   "C5'" "H5'"  sing N N 220 
U   "C5'" "H5''" sing N N 221 
U   "C4'" "O4'"  sing N N 222 
U   "C4'" "C3'"  sing N N 223 
U   "C4'" "H4'"  sing N N 224 
U   "O4'" "C1'"  sing N N 225 
U   "C3'" "O3'"  sing N N 226 
U   "C3'" "C2'"  sing N N 227 
U   "C3'" "H3'"  sing N N 228 
U   "O3'" "HO3'" sing N N 229 
U   "C2'" "O2'"  sing N N 230 
U   "C2'" "C1'"  sing N N 231 
U   "C2'" "H2'"  sing N N 232 
U   "O2'" "HO2'" sing N N 233 
U   "C1'" N1     sing N N 234 
U   "C1'" "H1'"  sing N N 235 
U   N1    C2     sing N N 236 
U   N1    C6     sing N N 237 
U   C2    O2     doub N N 238 
U   C2    N3     sing N N 239 
U   N3    C4     sing N N 240 
U   N3    H3     sing N N 241 
U   C4    O4     doub N N 242 
U   C4    C5     sing N N 243 
U   C5    C6     doub N N 244 
U   C5    H5     sing N N 245 
U   C6    H6     sing N N 246 
# 
loop_
_ndb_struct_conf_na.entry_id 
_ndb_struct_conf_na.feature 
3I2U 'double helix'         
3I2U 'a-form double helix'  
3I2U 'bulge loop'           
3I2U 'mismatched base pair' 
3I2U 'internal loop'        
# 
loop_
_ndb_struct_na_base_pair.model_number 
_ndb_struct_na_base_pair.i_label_asym_id 
_ndb_struct_na_base_pair.i_label_comp_id 
_ndb_struct_na_base_pair.i_label_seq_id 
_ndb_struct_na_base_pair.i_symmetry 
_ndb_struct_na_base_pair.j_label_asym_id 
_ndb_struct_na_base_pair.j_label_comp_id 
_ndb_struct_na_base_pair.j_label_seq_id 
_ndb_struct_na_base_pair.j_symmetry 
_ndb_struct_na_base_pair.shear 
_ndb_struct_na_base_pair.stretch 
_ndb_struct_na_base_pair.stagger 
_ndb_struct_na_base_pair.buckle 
_ndb_struct_na_base_pair.propeller 
_ndb_struct_na_base_pair.opening 
_ndb_struct_na_base_pair.pair_number 
_ndb_struct_na_base_pair.pair_name 
_ndb_struct_na_base_pair.i_auth_asym_id 
_ndb_struct_na_base_pair.i_auth_seq_id 
_ndb_struct_na_base_pair.i_PDB_ins_code 
_ndb_struct_na_base_pair.j_auth_asym_id 
_ndb_struct_na_base_pair.j_auth_seq_id 
_ndb_struct_na_base_pair.j_PDB_ins_code 
_ndb_struct_na_base_pair.hbond_type_28 
_ndb_struct_na_base_pair.hbond_type_12 
1 A C 2  1_555 B G 12 1_555 0.188  -0.279 -0.230 4.586   -21.544 3.857    1  A_C2:G13_B  A 2  ? B 13 ? 19 1  
1 A C 3  1_555 B G 11 1_555 0.199  -0.183 -0.057 -3.494  -8.377  -0.323   2  A_C3:G12_B  A 3  ? B 12 ? 19 1  
1 A C 4  1_555 B G 10 1_555 0.585  -0.016 0.282  -0.550  1.780   5.925    3  A_C4:G11_B  A 4  ? B 11 ? 19 1  
1 A A 5  1_555 B A 8  1_555 6.622  -3.162 -0.607 4.180   -7.219  -29.490  4  A_A5:A9_B   A 5  ? B 9  ? ?  ?  
1 A U 7  1_555 B G 7  1_555 -7.905 -3.054 -0.157 -2.896  16.682  -12.280  5  A_U7:G8_B   A 7  ? B 8  ? ?  ?  
1 A C 8  1_555 B A 6  1_555 -2.236 0.688  -1.413 26.926  -13.233 7.211    6  A_C8:A7_B   A 8  ? B 7  ? ?  ?  
1 A C 9  1_555 B G 5  1_555 0.041  0.434  -0.361 16.455  -9.780  11.946   7  A_C9:G6_B   A 9  ? B 6  ? ?  1  
1 A A 10 1_555 B U 4  1_555 0.289  0.038  0.082  -0.258  -12.481 -2.623   8  A_A10:U5_B  A 10 ? B 5  ? 20 1  
1 A C 11 1_555 B G 3  1_555 0.164  -0.075 0.498  -0.275  -11.233 4.304    9  A_C11:G4_B  A 11 ? B 4  ? 19 1  
1 A C 12 1_555 B G 2  1_555 0.131  -0.251 0.301  0.834   -11.523 -1.475   10 A_C12:G3_B  A 12 ? B 3  ? 19 1  
1 A G 13 1_555 B C 1  1_555 -0.198 0.595  0.057  -3.024  -10.871 14.427   11 A_G13:C2_B  A 13 ? B 2  ? ?  1  
1 B G 14 1_555 C C 19 1_555 -0.462 0.002  0.739  3.400   -0.705  1.005    12 B_G15:C49_C B 15 ? C 49 ? 19 1  
1 B G 15 1_555 C C 18 1_555 -0.448 -0.113 0.340  11.991  -12.470 -2.101   13 B_G16:C48_C B 16 ? C 48 ? 19 1  
1 B C 16 1_555 C G 17 1_555 -0.129 0.197  -0.037 6.452   -11.590 6.340    14 B_C17:G47_C B 17 ? C 47 ? 19 1  
1 B A 17 1_555 C U 16 1_555 -0.431 -0.028 -0.129 -3.631  -9.276  7.161    15 B_A18:U46_C B 18 ? C 46 ? 20 1  
1 B G 18 1_555 C C 15 1_555 -0.771 -0.025 -0.599 -11.230 -5.736  7.302    16 B_G19:C45_C B 19 ? C 45 ? 19 1  
1 B A 19 1_555 C C 14 1_555 2.224  0.203  -0.492 -16.896 -7.640  15.715   17 B_A20:C44_C B 20 ? C 44 ? ?  1  
1 B G 20 1_555 C A 13 1_555 6.911  -4.506 -0.036 -4.504  3.408   -3.946   18 B_G21:A43_C B 21 ? C 43 ? 11 10 
1 B A 21 1_555 C U 11 1_555 -4.113 -2.115 -0.158 -2.847  -12.462 -97.881  19 B_A22:U41_C B 22 ? C 41 ? 24 4  
1 B A 22 1_555 C A 10 1_555 -4.436 0.940  -0.343 1.869   -19.634 -95.307  20 B_A23:A40_C B 23 ? C 40 ? ?  ?  
1 B A 23 1_555 C A 8  1_555 5.413  3.578  -0.333 -2.144  -13.655 -156.168 21 B_A24:A38_C B 24 ? C 38 ? ?  ?  
1 B C 24 1_555 A G 6  1_555 0.354  -0.166 0.212  12.232  -9.177  1.479    22 B_C25:G6_A  B 25 ? A 6  ? 19 1  
1 B A 25 1_555 C G 6  1_555 0.085  1.192  -0.306 -11.449 -18.486 -17.472  23 B_A26:G36_C B 26 ? C 36 ? 8  ?  
1 B C 26 1_555 C G 5  1_555 0.149  -0.123 0.072  8.373   -18.540 2.863    24 B_C27:G35_C B 27 ? C 35 ? 19 1  
1 B A 27 1_555 C U 4  1_555 -0.122 -0.206 0.439  8.326   -20.742 1.802    25 B_A28:U34_C B 28 ? C 34 ? 20 1  
1 B C 28 1_555 C G 3  1_555 0.035  -0.024 0.080  2.293   -10.140 4.076    26 B_C29:G33_C B 29 ? C 33 ? 19 1  
1 B G 29 1_555 C C 2  1_555 -0.156 -0.098 0.227  -4.178  -10.833 -2.175   27 B_G30:C32_C B 30 ? C 32 ? 19 1  
1 B A 30 1_555 C U 1  1_555 0.376  -0.058 0.058  -2.164  -7.550  -0.751   28 B_A31:U31_C B 31 ? C 31 ? 20 1  
# 
loop_
_ndb_struct_na_base_pair_step.model_number 
_ndb_struct_na_base_pair_step.i_label_asym_id_1 
_ndb_struct_na_base_pair_step.i_label_comp_id_1 
_ndb_struct_na_base_pair_step.i_label_seq_id_1 
_ndb_struct_na_base_pair_step.i_symmetry_1 
_ndb_struct_na_base_pair_step.j_label_asym_id_1 
_ndb_struct_na_base_pair_step.j_label_comp_id_1 
_ndb_struct_na_base_pair_step.j_label_seq_id_1 
_ndb_struct_na_base_pair_step.j_symmetry_1 
_ndb_struct_na_base_pair_step.i_label_asym_id_2 
_ndb_struct_na_base_pair_step.i_label_comp_id_2 
_ndb_struct_na_base_pair_step.i_label_seq_id_2 
_ndb_struct_na_base_pair_step.i_symmetry_2 
_ndb_struct_na_base_pair_step.j_label_asym_id_2 
_ndb_struct_na_base_pair_step.j_label_comp_id_2 
_ndb_struct_na_base_pair_step.j_label_seq_id_2 
_ndb_struct_na_base_pair_step.j_symmetry_2 
_ndb_struct_na_base_pair_step.shift 
_ndb_struct_na_base_pair_step.slide 
_ndb_struct_na_base_pair_step.rise 
_ndb_struct_na_base_pair_step.tilt 
_ndb_struct_na_base_pair_step.roll 
_ndb_struct_na_base_pair_step.twist 
_ndb_struct_na_base_pair_step.x_displacement 
_ndb_struct_na_base_pair_step.y_displacement 
_ndb_struct_na_base_pair_step.helical_rise 
_ndb_struct_na_base_pair_step.inclination 
_ndb_struct_na_base_pair_step.tip 
_ndb_struct_na_base_pair_step.helical_twist 
_ndb_struct_na_base_pair_step.step_number 
_ndb_struct_na_base_pair_step.step_name 
_ndb_struct_na_base_pair_step.i_auth_asym_id_1 
_ndb_struct_na_base_pair_step.i_auth_seq_id_1 
_ndb_struct_na_base_pair_step.i_PDB_ins_code_1 
_ndb_struct_na_base_pair_step.j_auth_asym_id_1 
_ndb_struct_na_base_pair_step.j_auth_seq_id_1 
_ndb_struct_na_base_pair_step.j_PDB_ins_code_1 
_ndb_struct_na_base_pair_step.i_auth_asym_id_2 
_ndb_struct_na_base_pair_step.i_auth_seq_id_2 
_ndb_struct_na_base_pair_step.i_PDB_ins_code_2 
_ndb_struct_na_base_pair_step.j_auth_asym_id_2 
_ndb_struct_na_base_pair_step.j_auth_seq_id_2 
_ndb_struct_na_base_pair_step.j_PDB_ins_code_2 
1 A C 2  1_555 B G 12 1_555 A C 3  1_555 B G 11 1_555 -0.712 -1.748 3.578 -1.798  9.098  32.449  -4.536 0.926  3.025 15.881 3.138 
33.715  1  AA_C2C3:G12G13_BB   A 2  ? B 13 ? A 3  ? B 12 ? 
1 A C 3  1_555 B G 11 1_555 A C 4  1_555 B G 10 1_555 0.774  -1.501 3.356 1.093   8.508  29.413  -4.471 -1.256 2.847 16.323 -2.098 
30.612  2  AA_C3C4:G11G12_BB   A 3  ? B 12 ? A 4  ? B 11 ? 
1 A C 4  1_555 B G 10 1_555 A A 5  1_555 B A 8  1_555 -0.210 -0.851 5.335 -1.582  23.051 72.265  -1.823 0.095  4.924 19.075 1.309 
75.387  3  AA_C4A5:A9G11_BB    A 4  ? B 11 ? A 5  ? B 9  ? 
1 A A 5  1_555 B A 8  1_555 A U 7  1_555 B G 7  1_555 -1.344 -0.240 3.669 8.869   8.024  13.419  -5.372 9.393  1.979 28.097 
-31.053 17.957  4  AA_A5U7:G8A9_BB     A 5  ? B 9  ? A 7  ? B 8  ? 
1 A U 7  1_555 B G 7  1_555 A C 8  1_555 B A 6  1_555 0.755  -1.035 2.689 -0.443  8.210  49.154  -1.707 -0.922 2.490 9.791  0.528 
49.795  5  AA_U7C8:A7G8_BB     A 7  ? B 8  ? A 8  ? B 7  ? 
1 A C 8  1_555 B A 6  1_555 A C 9  1_555 B G 5  1_555 0.031  -1.286 3.796 -7.865  8.853  35.566  -3.304 -1.202 3.313 14.021 12.457 
37.425  6  AA_C8C9:G6A7_BB     A 8  ? B 7  ? A 9  ? B 6  ? 
1 A C 9  1_555 B G 5  1_555 A A 10 1_555 B U 4  1_555 -0.936 -1.792 3.445 -4.091  15.011 36.976  -4.289 0.913  2.637 22.487 6.129 
40.010  7  AA_C9A10:U5G6_BB    A 9  ? B 6  ? A 10 ? B 5  ? 
1 A A 10 1_555 B U 4  1_555 A C 11 1_555 B G 3  1_555 -0.171 -1.775 3.308 -3.633  1.003  26.842  -4.044 -0.559 3.235 2.148  7.777 
27.101  8  AA_A10C11:G4U5_BB   A 10 ? B 5  ? A 11 ? B 4  ? 
1 A C 11 1_555 B G 3  1_555 A C 12 1_555 B G 2  1_555 -0.048 -2.047 3.087 0.807   4.936  31.394  -4.548 0.221  2.739 9.050  -1.480 
31.780  9  AA_C11C12:G3G4_BB   A 11 ? B 4  ? A 12 ? B 3  ? 
1 A C 12 1_555 B G 2  1_555 A G 13 1_555 B C 1  1_555 0.674  -1.870 3.170 4.786   9.972  32.864  -4.529 -0.466 2.580 17.035 -8.175 
34.627  10 AA_C12G13:C2G3_BB   A 12 ? B 3  ? A 13 ? B 2  ? 
1 B G 14 1_555 C C 19 1_555 B G 15 1_555 C C 18 1_555 -0.856 -1.227 2.995 1.271   7.907  33.039  -3.200 1.642  2.607 13.656 -2.194 
33.969  11 BB_G15G16:C48C49_CC B 15 ? C 49 ? B 16 ? C 48 ? 
1 B G 15 1_555 C C 18 1_555 B C 16 1_555 C G 17 1_555 0.628  -1.201 3.380 1.635   8.740  34.517  -3.229 -0.791 3.021 14.435 -2.700 
35.611  12 BB_G16C17:G47C48_CC B 16 ? C 48 ? B 17 ? C 47 ? 
1 B C 16 1_555 C G 17 1_555 B A 17 1_555 C U 16 1_555 0.317  -1.750 3.373 -1.143  12.294 30.382  -5.079 -0.745 2.484 22.333 2.076 
32.740  13 BB_C17A18:U46G47_CC B 17 ? C 47 ? B 18 ? C 46 ? 
1 B A 17 1_555 C U 16 1_555 B G 18 1_555 C C 15 1_555 0.164  -1.792 3.522 1.106   7.517  29.712  -4.891 -0.090 2.993 14.366 -2.114 
30.647  14 BB_A18G19:C45U46_CC B 18 ? C 46 ? B 19 ? C 45 ? 
1 B G 18 1_555 C C 15 1_555 B A 19 1_555 C C 14 1_555 0.778  -1.303 3.456 1.631   7.006  39.400  -2.729 -0.944 3.216 10.287 -2.395 
40.026  15 BB_G19A20:C44C45_CC B 19 ? C 45 ? B 20 ? C 44 ? 
1 B A 19 1_555 C C 14 1_555 B G 20 1_555 C A 13 1_555 -0.519 -0.966 2.989 4.807   6.635  58.202  -1.292 0.752  2.827 6.784  -4.915 
58.726  16 BB_A20G21:A43C44_CC B 20 ? C 44 ? B 21 ? C 43 ? 
1 B G 20 1_555 C A 13 1_555 B A 21 1_555 C U 11 1_555 -2.292 -0.414 3.479 1.843   -1.382 12.432  -0.233 12.605 3.134 -6.309 -8.414 
12.642  17 BB_G21A22:U41A43_CC B 21 ? C 43 ? B 22 ? C 41 ? 
1 B A 21 1_555 C U 11 1_555 B A 22 1_555 C A 10 1_555 -0.194 -2.523 3.483 -10.720 5.072  45.998  -3.561 -0.656 3.170 6.367  13.457 
47.422  18 BB_A22A23:A40U41_CC B 22 ? C 41 ? B 23 ? C 40 ? 
1 B A 22 1_555 C A 10 1_555 B A 23 1_555 C A 8  1_555 -3.729 -2.973 3.579 -6.353  -1.169 72.839  -2.453 2.896  3.889 -0.983 5.340 
73.085  19 BB_A23A24:A38A40_CC B 23 ? C 40 ? B 24 ? C 38 ? 
1 B A 23 1_555 C A 8  1_555 B C 24 1_555 A G 6  1_555 2.657  -0.093 3.023 1.134   2.885  -29.867 -0.360 5.341  2.919 -5.579 2.193 
-30.023 20 BB_A24C25:G6A38_AC  B 24 ? C 38 ? B 25 ? A 6  ? 
1 B C 24 1_555 A G 6  1_555 B A 25 1_555 C G 6  1_555 0.393  -2.034 3.742 5.234   5.012  46.266  -3.028 -0.007 3.537 6.332  -6.614 
46.799  21 BB_C25A26:G36G6_CA  B 25 ? A 6  ? B 26 ? C 36 ? 
1 B A 25 1_555 C G 6  1_555 B C 26 1_555 C G 5  1_555 1.185  -0.624 2.867 -3.346  1.862  31.128  -1.454 -2.728 2.687 3.453  6.205 
31.357  22 BB_A26C27:G35G36_CC B 26 ? C 36 ? B 27 ? C 35 ? 
1 B C 26 1_555 C G 5  1_555 B A 27 1_555 C U 4  1_555 0.170  -1.278 3.143 -1.023  8.479  31.728  -3.587 -0.461 2.714 15.168 1.829 
32.829  23 BB_C27A28:U34G35_CC B 27 ? C 35 ? B 28 ? C 34 ? 
1 B A 27 1_555 C U 4  1_555 B C 28 1_555 C G 3  1_555 0.453  -0.999 3.398 3.945   1.786  35.093  -1.919 -0.141 3.374 2.949  -6.512 
35.351  24 BB_A28C29:G33U34_CC B 28 ? C 34 ? B 29 ? C 33 ? 
1 B C 28 1_555 C G 3  1_555 B G 29 1_555 C C 2  1_555 0.155  -1.650 3.257 1.296   8.819  34.516  -3.899 -0.077 2.769 14.565 -2.140 
35.614  25 BB_C29G30:C32G33_CC B 29 ? C 33 ? B 30 ? C 32 ? 
1 B G 29 1_555 C C 2  1_555 B A 30 1_555 C U 1  1_555 0.713  -1.723 3.123 5.311   6.628  33.381  -3.866 -0.441 2.816 11.313 -9.064 
34.415  26 BB_G30A31:U31C32_CC B 30 ? C 32 ? B 31 ? C 31 ? 
# 
loop_
_pdbx_entity_nonpoly.entity_id 
_pdbx_entity_nonpoly.name 
_pdbx_entity_nonpoly.comp_id 
4 'SULFATE ION'           SO4 
5 'COBALT HEXAMMINE(III)' NCO 
# 
_pdbx_initial_refinement_model.id               1 
_pdbx_initial_refinement_model.entity_id_list   ? 
_pdbx_initial_refinement_model.type             'experimental model' 
_pdbx_initial_refinement_model.source_name      PDB 
_pdbx_initial_refinement_model.accession_code   2OUE 
_pdbx_initial_refinement_model.details          'PDB entry 2OUE' 
# 
